data_6EWJ
#
_entry.id   6EWJ
#
_cell.length_a   79.330
_cell.length_b   99.982
_cell.length_c   110.422
_cell.angle_alpha   90.00
_cell.angle_beta   97.66
_cell.angle_gamma   90.00
#
_symmetry.space_group_name_H-M   'P 1 21 1'
#
loop_
_entity.id
_entity.type
_entity.pdbx_description
1 polymer 'Putative capsular polysaccharide biosynthesis protein'
2 water water
#
_entity_poly.entity_id   1
_entity_poly.type   'polypeptide(L)'
_entity_poly.pdbx_seq_one_letter_code
;MASMTGMPNYNIPFSPPDITEAEITEVVDTLRSGWITTGPKTKELERRLSLYTQTPKTVCLNSATAALELILRVLEVGPG
DEVIVPAMTYTASCSVITHVGATPVMVDIQADTFEMDYDLLEQAITEKTKVIIPVELAGIVCDYDRLFQVVEKKRDFFTA
SSKWQKAFNRIVIVSDSAHALGSTYKGQPSGSIADFTSFSFHAVKNFTTAEGGSATWKANPVIDDEEMYKEFQILSLHGQ
TKDALAKMQLGSWEYDIVTPAYKCNMTDIMASLGLVQLDRYPSLLQRRKDIVDRYDSGFAGSRIHPLAHKTETVESSRHL
YITRVEGASLEERNLIIQELAKAGIASNVHYKPLPLLTAYKNLGFDMTNYPKAYAFFENEITLPLHTKLSDEEVDYIIET
FKTVSEKVLTLSKKKLAAALEHHHHHH
;
_entity_poly.pdbx_strand_id   A,D,C,B
#
# COMPACT_ATOMS: atom_id res chain seq x y z
N ILE A 12 -8.69 30.59 -4.07
CA ILE A 12 -8.17 30.28 -2.69
C ILE A 12 -9.29 29.63 -1.90
N PRO A 13 -9.09 28.38 -1.46
CA PRO A 13 -10.15 27.73 -0.72
C PRO A 13 -10.21 28.18 0.74
N PHE A 14 -11.36 27.99 1.37
CA PHE A 14 -11.50 28.35 2.77
C PHE A 14 -10.82 27.44 3.80
N SER A 15 -10.86 26.12 3.61
CA SER A 15 -10.39 25.17 4.61
C SER A 15 -10.05 23.77 4.03
N PRO A 16 -9.08 23.70 3.10
CA PRO A 16 -8.67 22.40 2.56
C PRO A 16 -7.89 21.66 3.60
N PRO A 17 -7.86 20.31 3.52
CA PRO A 17 -7.13 19.55 4.49
C PRO A 17 -5.62 19.59 4.22
N ASP A 18 -4.83 19.50 5.28
CA ASP A 18 -3.38 19.46 5.18
C ASP A 18 -2.92 18.07 5.58
N ILE A 19 -2.87 17.17 4.60
CA ILE A 19 -2.50 15.78 4.82
C ILE A 19 -1.22 15.53 4.04
N THR A 20 -0.23 14.89 4.68
CA THR A 20 1.04 14.58 4.05
C THR A 20 1.21 13.07 3.94
N GLU A 21 2.29 12.64 3.32
CA GLU A 21 2.59 11.20 3.24
C GLU A 21 2.70 10.48 4.60
N ALA A 22 3.09 11.20 5.66
CA ALA A 22 3.21 10.58 6.99
C ALA A 22 1.84 10.08 7.48
N GLU A 23 0.80 10.88 7.28
CA GLU A 23 -0.55 10.45 7.62
C GLU A 23 -0.90 9.21 6.83
N ILE A 24 -0.62 9.24 5.53
CA ILE A 24 -1.01 8.16 4.66
C ILE A 24 -0.33 6.85 5.09
N THR A 25 0.97 6.92 5.40
CA THR A 25 1.71 5.74 5.84
C THR A 25 1.18 5.17 7.14
N GLU A 26 0.84 6.05 8.09
CA GLU A 26 0.31 5.63 9.39
C GLU A 26 -1.04 4.93 9.22
N VAL A 27 -1.89 5.47 8.36
CA VAL A 27 -3.20 4.87 8.07
C VAL A 27 -3.01 3.53 7.38
N VAL A 28 -2.09 3.48 6.41
CA VAL A 28 -1.73 2.23 5.76
C VAL A 28 -1.27 1.15 6.75
N ASP A 29 -0.45 1.55 7.72
CA ASP A 29 0.02 0.67 8.79
C ASP A 29 -1.15 0.06 9.57
N THR A 30 -2.10 0.89 9.94
CA THR A 30 -3.32 0.41 10.58
C THR A 30 -4.10 -0.60 9.70
N LEU A 31 -4.28 -0.26 8.42
CA LEU A 31 -5.00 -1.15 7.48
C LEU A 31 -4.35 -2.50 7.24
N ARG A 32 -3.04 -2.61 7.55
CA ARG A 32 -2.32 -3.88 7.52
C ARG A 32 -2.33 -4.62 8.85
N SER A 33 -2.84 -3.98 9.91
CA SER A 33 -2.82 -4.55 11.24
C SER A 33 -4.09 -5.36 11.51
N GLY A 34 -4.12 -6.03 12.65
CA GLY A 34 -5.35 -6.69 13.10
C GLY A 34 -6.48 -5.73 13.53
N TRP A 35 -6.22 -4.43 13.57
CA TRP A 35 -7.10 -3.50 14.27
C TRP A 35 -7.47 -2.33 13.38
N ILE A 36 -8.66 -2.35 12.76
CA ILE A 36 -9.08 -1.25 11.89
C ILE A 36 -10.16 -0.35 12.50
N THR A 37 -10.94 -0.85 13.47
CA THR A 37 -11.76 0.04 14.30
C THR A 37 -10.97 0.40 15.58
N THR A 38 -11.66 0.71 16.68
CA THR A 38 -11.02 1.11 17.93
C THR A 38 -9.96 0.09 18.39
N GLY A 39 -8.73 0.56 18.57
CA GLY A 39 -7.64 -0.35 18.92
C GLY A 39 -6.51 0.38 19.63
N PRO A 40 -5.28 -0.17 19.57
CA PRO A 40 -4.15 0.41 20.33
C PRO A 40 -3.80 1.85 19.93
N LYS A 41 -3.93 2.18 18.64
CA LYS A 41 -3.68 3.56 18.20
C LYS A 41 -4.63 4.57 18.81
N THR A 42 -5.91 4.19 18.92
CA THR A 42 -6.88 5.07 19.60
C THR A 42 -6.51 5.32 21.08
N LYS A 43 -6.10 4.28 21.78
CA LYS A 43 -5.64 4.40 23.18
C LYS A 43 -4.39 5.26 23.26
N GLU A 44 -3.47 5.09 22.33
CA GLU A 44 -2.21 5.88 22.32
C GLU A 44 -2.56 7.34 22.00
N LEU A 45 -3.53 7.57 21.11
CA LEU A 45 -3.92 8.97 20.80
C LEU A 45 -4.53 9.68 22.01
N GLU A 46 -5.36 8.96 22.74
CA GLU A 46 -5.95 9.47 23.96
C GLU A 46 -4.86 9.82 24.97
N ARG A 47 -3.91 8.90 25.15
CA ARG A 47 -2.77 9.12 26.09
C ARG A 47 -1.99 10.39 25.71
N ARG A 48 -1.57 10.50 24.44
CA ARG A 48 -0.82 11.65 23.97
C ARG A 48 -1.62 12.98 24.05
N LEU A 49 -2.91 12.91 23.72
CA LEU A 49 -3.76 14.09 23.80
C LEU A 49 -3.92 14.59 25.25
N SER A 50 -4.08 13.65 26.19
CA SER A 50 -4.17 13.94 27.64
C SER A 50 -2.93 14.71 28.14
N LEU A 51 -1.75 14.25 27.73
CA LEU A 51 -0.52 14.97 28.02
C LEU A 51 -0.52 16.37 27.40
N TYR A 52 -0.93 16.46 26.14
CA TYR A 52 -1.00 17.73 25.44
C TYR A 52 -1.96 18.72 26.08
N THR A 53 -3.13 18.26 26.53
CA THR A 53 -4.13 19.12 27.16
C THR A 53 -3.99 19.19 28.69
N GLN A 54 -3.00 18.48 29.25
CA GLN A 54 -2.77 18.46 30.70
C GLN A 54 -4.01 18.02 31.48
N THR A 55 -4.60 16.93 30.98
CA THR A 55 -5.73 16.31 31.66
C THR A 55 -5.39 14.86 31.87
N PRO A 56 -6.08 14.19 32.80
CA PRO A 56 -5.66 12.82 33.13
C PRO A 56 -6.06 11.78 32.11
N LYS A 57 -7.22 11.97 31.50
CA LYS A 57 -7.72 10.97 30.56
C LYS A 57 -8.46 11.67 29.44
N THR A 58 -8.38 11.09 28.23
CA THR A 58 -9.16 11.60 27.08
C THR A 58 -9.93 10.42 26.44
N VAL A 59 -11.13 10.71 25.99
CA VAL A 59 -12.01 9.72 25.30
C VAL A 59 -12.16 10.19 23.88
N CYS A 60 -11.55 9.46 22.97
CA CYS A 60 -11.55 9.83 21.56
C CYS A 60 -12.80 9.21 20.96
N LEU A 61 -13.54 10.03 20.20
CA LEU A 61 -14.83 9.63 19.66
C LEU A 61 -14.95 10.10 18.20
N ASN A 62 -16.11 9.86 17.58
CA ASN A 62 -16.24 10.13 16.13
C ASN A 62 -16.63 11.54 15.70
N SER A 63 -16.92 12.41 16.68
CA SER A 63 -17.20 13.83 16.44
C SER A 63 -17.16 14.56 17.76
N ALA A 64 -16.97 15.87 17.69
CA ALA A 64 -17.15 16.71 18.85
C ALA A 64 -18.59 16.68 19.33
N THR A 65 -19.53 16.59 18.39
CA THR A 65 -20.93 16.58 18.75
C THR A 65 -21.22 15.36 19.63
N ALA A 66 -20.69 14.18 19.23
CA ALA A 66 -20.73 13.00 20.10
C ALA A 66 -20.16 13.24 21.48
N ALA A 67 -18.97 13.89 21.54
CA ALA A 67 -18.31 14.14 22.82
C ALA A 67 -19.13 15.02 23.72
N LEU A 68 -19.63 16.15 23.16
CA LEU A 68 -20.44 17.07 23.95
C LEU A 68 -21.74 16.39 24.43
N GLU A 69 -22.43 15.70 23.54
CA GLU A 69 -23.57 14.90 23.98
C GLU A 69 -23.23 13.94 25.12
N LEU A 70 -22.14 13.17 24.96
CA LEU A 70 -21.81 12.18 26.01
C LEU A 70 -21.49 12.82 27.34
N ILE A 71 -20.85 13.97 27.32
CA ILE A 71 -20.62 14.71 28.56
C ILE A 71 -21.97 14.98 29.27
N LEU A 72 -22.92 15.51 28.49
CA LEU A 72 -24.24 15.73 29.02
C LEU A 72 -24.88 14.46 29.52
N ARG A 73 -24.73 13.35 28.79
CA ARG A 73 -25.33 12.10 29.24
C ARG A 73 -24.62 11.52 30.48
N VAL A 74 -23.31 11.74 30.60
CA VAL A 74 -22.57 11.29 31.81
C VAL A 74 -23.05 12.11 33.03
N LEU A 75 -23.22 13.41 32.82
CA LEU A 75 -23.84 14.27 33.84
C LEU A 75 -25.33 14.00 34.14
N GLU A 76 -25.96 13.14 33.34
CA GLU A 76 -27.42 12.86 33.38
C GLU A 76 -28.30 14.12 33.29
N VAL A 77 -27.87 15.08 32.51
CA VAL A 77 -28.67 16.27 32.18
C VAL A 77 -29.82 15.76 31.28
N GLY A 78 -31.05 16.07 31.64
CA GLY A 78 -32.19 15.64 30.85
C GLY A 78 -33.42 16.53 30.98
N PRO A 79 -34.62 15.94 30.77
CA PRO A 79 -35.89 16.68 30.88
C PRO A 79 -36.01 17.44 32.18
N GLY A 80 -36.41 18.70 32.09
CA GLY A 80 -36.54 19.56 33.26
C GLY A 80 -35.28 20.33 33.62
N ASP A 81 -34.11 19.93 33.12
CA ASP A 81 -32.86 20.68 33.32
C ASP A 81 -32.66 21.75 32.25
N GLU A 82 -31.98 22.83 32.62
CA GLU A 82 -31.59 23.92 31.71
C GLU A 82 -30.08 23.91 31.44
N VAL A 83 -29.72 24.17 30.20
CA VAL A 83 -28.32 24.28 29.80
C VAL A 83 -28.12 25.58 29.10
N ILE A 84 -27.18 26.37 29.59
CA ILE A 84 -26.94 27.66 29.02
C ILE A 84 -25.91 27.60 27.90
N VAL A 85 -26.22 28.26 26.80
CA VAL A 85 -25.34 28.38 25.67
C VAL A 85 -25.36 29.81 25.15
N PRO A 86 -24.27 30.25 24.48
CA PRO A 86 -24.36 31.55 23.82
C PRO A 86 -25.32 31.56 22.66
N ALA A 87 -25.92 32.74 22.41
CA ALA A 87 -26.77 32.96 21.25
C ALA A 87 -25.95 32.96 19.97
N MET A 88 -24.64 33.23 20.09
CA MET A 88 -23.70 33.27 19.00
C MET A 88 -22.80 32.05 19.11
N THR A 89 -23.24 30.96 18.45
CA THR A 89 -22.42 29.76 18.33
C THR A 89 -22.94 28.87 17.19
N TYR A 90 -22.19 27.79 16.93
CA TYR A 90 -22.59 26.82 15.95
C TYR A 90 -23.76 25.96 16.47
N THR A 91 -24.65 25.51 15.58
CA THR A 91 -25.80 24.74 16.02
C THR A 91 -25.47 23.54 16.94
N ALA A 92 -24.37 22.82 16.64
CA ALA A 92 -23.97 21.65 17.39
C ALA A 92 -23.74 21.88 18.92
N SER A 93 -23.39 23.11 19.33
CA SER A 93 -23.28 23.43 20.77
C SER A 93 -24.64 23.29 21.47
N CYS A 94 -25.72 23.51 20.73
CA CYS A 94 -27.06 23.58 21.26
C CYS A 94 -27.92 22.35 21.00
N SER A 95 -27.78 21.78 19.82
CA SER A 95 -28.58 20.64 19.42
C SER A 95 -28.46 19.47 20.38
N VAL A 96 -27.29 19.28 20.95
CA VAL A 96 -27.10 18.18 21.91
C VAL A 96 -27.94 18.33 23.18
N ILE A 97 -28.26 19.58 23.54
CA ILE A 97 -29.11 19.86 24.68
C ILE A 97 -30.47 19.29 24.41
N THR A 98 -30.96 19.50 23.19
CA THR A 98 -32.29 18.98 22.83
C THR A 98 -32.22 17.47 22.73
N HIS A 99 -31.09 16.92 22.30
CA HIS A 99 -30.94 15.47 22.20
C HIS A 99 -31.17 14.74 23.50
N VAL A 100 -30.68 15.29 24.61
CA VAL A 100 -30.86 14.68 25.92
C VAL A 100 -32.16 15.09 26.58
N GLY A 101 -32.92 15.97 25.91
CA GLY A 101 -34.22 16.38 26.38
C GLY A 101 -34.23 17.55 27.34
N ALA A 102 -33.08 18.19 27.54
CA ALA A 102 -32.97 19.38 28.35
C ALA A 102 -33.43 20.62 27.57
N THR A 103 -33.57 21.71 28.29
CA THR A 103 -34.04 22.99 27.74
C THR A 103 -32.87 23.91 27.50
N PRO A 104 -32.61 24.27 26.22
CA PRO A 104 -31.55 25.28 26.02
C PRO A 104 -31.98 26.65 26.54
N VAL A 105 -31.05 27.38 27.15
CA VAL A 105 -31.23 28.75 27.55
C VAL A 105 -30.10 29.56 26.91
N MET A 106 -30.45 30.49 26.02
CA MET A 106 -29.47 31.25 25.27
C MET A 106 -29.20 32.56 25.99
N VAL A 107 -27.95 33.00 25.89
CA VAL A 107 -27.51 34.25 26.52
C VAL A 107 -26.84 35.12 25.46
N ASP A 108 -27.17 36.43 25.47
CA ASP A 108 -26.62 37.35 24.50
C ASP A 108 -25.14 37.57 24.77
N ILE A 109 -24.45 38.11 23.78
CA ILE A 109 -23.03 38.26 23.85
C ILE A 109 -22.69 39.72 24.15
N GLN A 110 -21.41 40.02 24.25
CA GLN A 110 -20.94 41.35 24.57
C GLN A 110 -20.85 42.21 23.30
N ALA A 111 -20.55 43.51 23.47
CA ALA A 111 -20.49 44.42 22.31
C ALA A 111 -19.23 44.21 21.44
N ASP A 112 -18.14 43.75 22.06
CA ASP A 112 -16.81 43.83 21.46
C ASP A 112 -16.11 42.51 21.48
N THR A 113 -16.88 41.43 21.59
CA THR A 113 -16.36 40.11 21.58
C THR A 113 -17.54 39.13 21.49
N PHE A 114 -17.22 37.94 21.04
CA PHE A 114 -18.17 36.86 20.90
C PHE A 114 -18.65 36.34 22.23
N GLU A 115 -17.91 36.58 23.31
CA GLU A 115 -18.22 35.94 24.58
C GLU A 115 -19.56 36.38 25.13
N MET A 116 -20.18 35.49 25.90
CA MET A 116 -21.41 35.82 26.61
C MET A 116 -21.20 37.04 27.51
N ASP A 117 -22.22 37.90 27.55
CA ASP A 117 -22.32 38.93 28.56
C ASP A 117 -22.55 38.18 29.86
N TYR A 118 -21.59 38.27 30.79
CA TYR A 118 -21.60 37.41 31.98
C TYR A 118 -22.54 37.88 33.04
N ASP A 119 -22.98 39.14 32.93
CA ASP A 119 -24.02 39.68 33.79
C ASP A 119 -25.33 39.04 33.36
N LEU A 120 -25.58 39.05 32.05
CA LEU A 120 -26.78 38.41 31.52
C LEU A 120 -26.75 36.89 31.77
N LEU A 121 -25.55 36.30 31.75
CA LEU A 121 -25.38 34.87 32.15
C LEU A 121 -25.83 34.60 33.58
N GLU A 122 -25.35 35.44 34.51
CA GLU A 122 -25.84 35.40 35.90
C GLU A 122 -27.37 35.45 35.98
N GLN A 123 -27.96 36.40 35.27
CA GLN A 123 -29.43 36.56 35.25
C GLN A 123 -30.18 35.34 34.71
N ALA A 124 -29.61 34.67 33.72
CA ALA A 124 -30.23 33.50 33.10
C ALA A 124 -30.19 32.23 33.96
N ILE A 125 -29.37 32.22 35.01
CA ILE A 125 -29.27 31.07 35.92
C ILE A 125 -30.53 30.90 36.78
N THR A 126 -31.01 29.65 36.86
CA THR A 126 -32.16 29.28 37.70
C THR A 126 -31.84 28.00 38.48
N GLU A 127 -32.82 27.56 39.26
CA GLU A 127 -32.74 26.31 40.01
C GLU A 127 -32.63 25.08 39.10
N LYS A 128 -33.04 25.20 37.85
CA LYS A 128 -32.88 24.12 36.87
C LYS A 128 -31.51 24.05 36.12
N THR A 129 -30.69 25.12 36.20
CA THR A 129 -29.48 25.20 35.43
C THR A 129 -28.50 24.14 35.93
N LYS A 130 -28.08 23.26 35.02
CA LYS A 130 -27.06 22.24 35.30
C LYS A 130 -25.71 22.48 34.65
N VAL A 131 -25.69 23.09 33.48
CA VAL A 131 -24.48 23.17 32.67
C VAL A 131 -24.43 24.51 31.95
N ILE A 132 -23.22 25.04 31.81
CA ILE A 132 -22.95 26.17 30.97
C ILE A 132 -21.98 25.66 29.91
N ILE A 133 -22.27 25.98 28.64
CA ILE A 133 -21.40 25.66 27.50
C ILE A 133 -20.84 26.95 26.81
N PRO A 134 -19.71 27.49 27.31
CA PRO A 134 -19.00 28.50 26.54
C PRO A 134 -18.42 27.90 25.24
N VAL A 135 -18.31 28.72 24.20
CA VAL A 135 -17.62 28.35 22.99
C VAL A 135 -16.34 29.13 22.82
N GLU A 136 -15.27 28.43 22.50
CA GLU A 136 -13.98 29.03 22.38
C GLU A 136 -13.82 29.43 20.91
N LEU A 137 -14.56 30.47 20.54
CA LEU A 137 -14.70 30.82 19.13
C LEU A 137 -13.38 31.17 18.49
N ALA A 138 -13.14 30.59 17.30
CA ALA A 138 -11.95 30.78 16.51
C ALA A 138 -10.64 30.33 17.19
N GLY A 139 -10.73 29.77 18.37
CA GLY A 139 -9.57 29.36 19.21
C GLY A 139 -9.37 30.22 20.43
N ILE A 140 -10.10 31.31 20.49
CA ILE A 140 -10.02 32.25 21.58
C ILE A 140 -10.84 31.73 22.78
N VAL A 141 -10.16 31.52 23.93
CA VAL A 141 -10.74 30.88 25.09
C VAL A 141 -11.47 31.93 25.89
N CYS A 142 -12.64 31.59 26.44
CA CYS A 142 -13.41 32.50 27.27
C CYS A 142 -12.78 32.93 28.64
N ASP A 143 -13.41 33.89 29.28
CA ASP A 143 -12.96 34.46 30.58
C ASP A 143 -13.36 33.48 31.69
N TYR A 144 -12.55 32.44 31.86
CA TYR A 144 -12.88 31.37 32.82
C TYR A 144 -12.87 31.85 34.27
N ASP A 145 -12.01 32.80 34.64
CA ASP A 145 -12.08 33.34 35.97
C ASP A 145 -13.46 33.90 36.27
N ARG A 146 -14.03 34.63 35.34
CA ARG A 146 -15.37 35.18 35.52
C ARG A 146 -16.45 34.07 35.52
N LEU A 147 -16.37 33.17 34.56
CA LEU A 147 -17.32 32.02 34.52
C LEU A 147 -17.36 31.22 35.84
N PHE A 148 -16.19 30.86 36.39
CA PHE A 148 -16.15 30.13 37.67
C PHE A 148 -16.66 30.97 38.86
N GLN A 149 -16.46 32.27 38.81
CA GLN A 149 -17.02 33.22 39.82
C GLN A 149 -18.55 33.22 39.77
N VAL A 150 -19.12 33.21 38.56
CA VAL A 150 -20.59 33.15 38.37
C VAL A 150 -21.20 31.90 38.98
N VAL A 151 -20.67 30.73 38.64
CA VAL A 151 -21.25 29.46 39.14
C VAL A 151 -21.15 29.34 40.66
N GLU A 152 -20.02 29.80 41.20
CA GLU A 152 -19.82 29.87 42.65
C GLU A 152 -20.78 30.82 43.30
N LYS A 153 -20.97 31.99 42.72
CA LYS A 153 -21.87 33.01 43.26
C LYS A 153 -23.30 32.49 43.35
N LYS A 154 -23.73 31.72 42.34
CA LYS A 154 -25.09 31.19 42.28
C LYS A 154 -25.24 29.78 42.84
N ARG A 155 -24.21 29.28 43.52
CA ARG A 155 -24.21 27.92 44.05
C ARG A 155 -25.51 27.51 44.78
N ASP A 156 -26.11 28.44 45.52
CA ASP A 156 -27.36 28.17 46.27
C ASP A 156 -28.61 27.90 45.40
N PHE A 157 -28.57 28.31 44.12
CA PHE A 157 -29.61 27.92 43.16
C PHE A 157 -29.53 26.43 42.78
N PHE A 158 -28.38 25.79 42.97
CA PHE A 158 -28.15 24.44 42.45
C PHE A 158 -28.75 23.37 43.35
N THR A 159 -29.36 22.37 42.73
CA THR A 159 -29.86 21.19 43.44
C THR A 159 -29.45 20.00 42.59
N ALA A 160 -28.45 19.26 43.07
CA ALA A 160 -27.98 18.07 42.38
C ALA A 160 -29.12 17.04 42.18
N SER A 161 -29.15 16.37 41.02
CA SER A 161 -30.08 15.24 40.80
C SER A 161 -29.43 14.11 39.99
N SER A 162 -28.15 13.87 40.21
CA SER A 162 -27.45 12.70 39.66
C SER A 162 -26.14 12.53 40.40
N LYS A 163 -25.50 11.36 40.23
CA LYS A 163 -24.23 11.08 40.85
C LYS A 163 -23.23 12.23 40.64
N TRP A 164 -22.93 12.52 39.38
CA TRP A 164 -21.89 13.49 39.06
C TRP A 164 -22.30 14.92 39.41
N GLN A 165 -23.59 15.23 39.30
CA GLN A 165 -24.05 16.58 39.73
C GLN A 165 -23.86 16.80 41.23
N LYS A 166 -24.10 15.76 42.02
CA LYS A 166 -23.83 15.83 43.47
C LYS A 166 -22.36 16.04 43.76
N ALA A 167 -21.49 15.42 42.97
CA ALA A 167 -20.03 15.49 43.19
C ALA A 167 -19.54 16.95 43.11
N PHE A 168 -19.88 17.58 42.00
CA PHE A 168 -19.61 19.01 41.80
C PHE A 168 -20.33 19.92 42.79
N ASN A 169 -21.60 19.65 42.97
CA ASN A 169 -22.51 20.47 43.71
C ASN A 169 -22.71 21.94 43.30
N ARG A 170 -22.51 22.17 42.00
CA ARG A 170 -22.70 23.45 41.39
C ARG A 170 -22.96 23.22 39.88
N ILE A 171 -23.21 24.30 39.16
CA ILE A 171 -23.28 24.26 37.70
C ILE A 171 -21.95 23.78 37.16
N VAL A 172 -21.99 22.85 36.20
CA VAL A 172 -20.80 22.30 35.59
C VAL A 172 -20.52 23.11 34.33
N ILE A 173 -19.23 23.46 34.12
CA ILE A 173 -18.86 24.25 32.97
C ILE A 173 -18.18 23.38 31.97
N VAL A 174 -18.79 23.28 30.77
CA VAL A 174 -18.33 22.40 29.72
C VAL A 174 -17.90 23.24 28.55
N SER A 175 -16.61 23.22 28.25
CA SER A 175 -16.08 23.96 27.11
C SER A 175 -16.37 23.31 25.77
N ASP A 176 -17.02 24.05 24.87
CA ASP A 176 -16.98 23.71 23.46
C ASP A 176 -15.71 24.23 22.83
N SER A 177 -14.67 23.36 22.83
CA SER A 177 -13.35 23.65 22.23
C SER A 177 -13.15 23.04 20.84
N ALA A 178 -14.20 22.99 20.06
CA ALA A 178 -14.07 22.50 18.71
C ALA A 178 -12.95 23.29 17.98
N HIS A 179 -12.86 24.59 18.22
CA HIS A 179 -11.93 25.44 17.53
C HIS A 179 -10.63 25.65 18.28
N ALA A 180 -10.44 24.96 19.40
CA ALA A 180 -9.46 25.40 20.41
C ALA A 180 -8.45 24.36 20.87
N LEU A 181 -8.28 23.26 20.11
CA LEU A 181 -7.18 22.36 20.47
C LEU A 181 -5.84 23.11 20.36
N GLY A 182 -5.10 23.17 21.47
CA GLY A 182 -3.84 23.90 21.54
C GLY A 182 -3.91 25.36 21.96
N SER A 183 -5.09 25.91 22.20
CA SER A 183 -5.23 27.25 22.73
C SER A 183 -4.86 27.24 24.21
N THR A 184 -4.45 28.39 24.73
CA THR A 184 -4.19 28.56 26.17
C THR A 184 -4.87 29.80 26.76
N TYR A 185 -5.16 29.70 28.06
CA TYR A 185 -5.77 30.72 28.90
C TYR A 185 -4.93 30.77 30.16
N LYS A 186 -4.27 31.91 30.38
CA LYS A 186 -3.36 32.11 31.49
C LYS A 186 -2.32 31.01 31.51
N GLY A 187 -1.81 30.68 30.31
CA GLY A 187 -0.80 29.65 30.17
C GLY A 187 -1.26 28.20 30.24
N GLN A 188 -2.56 27.95 30.49
CA GLN A 188 -3.03 26.57 30.65
C GLN A 188 -3.76 26.12 29.38
N PRO A 189 -3.57 24.87 28.96
CA PRO A 189 -4.17 24.40 27.69
C PRO A 189 -5.64 24.20 27.81
N SER A 190 -6.36 24.54 26.76
CA SER A 190 -7.79 24.22 26.69
C SER A 190 -7.88 22.71 26.88
N GLY A 191 -8.87 22.29 27.64
CA GLY A 191 -8.95 20.91 28.13
C GLY A 191 -8.76 20.86 29.65
N SER A 192 -7.83 21.68 30.15
CA SER A 192 -7.50 21.78 31.57
C SER A 192 -8.23 22.89 32.31
N ILE A 193 -9.11 23.65 31.64
CA ILE A 193 -9.67 24.85 32.25
C ILE A 193 -11.11 24.62 32.73
N ALA A 194 -11.97 24.21 31.81
CA ALA A 194 -13.34 23.89 32.12
C ALA A 194 -13.38 22.58 32.89
N ASP A 195 -14.53 22.32 33.49
CA ASP A 195 -14.79 21.04 34.13
C ASP A 195 -14.71 19.87 33.14
N PHE A 196 -15.35 20.02 32.01
CA PHE A 196 -15.24 19.08 30.89
C PHE A 196 -15.00 19.90 29.62
N THR A 197 -14.35 19.28 28.64
CA THR A 197 -14.10 19.92 27.35
C THR A 197 -14.37 18.94 26.20
N SER A 198 -15.03 19.42 25.15
CA SER A 198 -15.06 18.72 23.85
C SER A 198 -14.20 19.39 22.80
N PHE A 199 -13.52 18.57 22.03
CA PHE A 199 -12.72 18.97 20.90
C PHE A 199 -13.21 18.35 19.62
N SER A 200 -12.87 18.97 18.50
CA SER A 200 -13.34 18.52 17.18
C SER A 200 -12.08 18.30 16.35
N PHE A 201 -12.09 17.20 15.60
CA PHE A 201 -11.07 16.88 14.63
C PHE A 201 -11.70 16.72 13.26
N HIS A 202 -12.80 17.44 13.02
CA HIS A 202 -13.45 17.46 11.72
C HIS A 202 -12.50 17.90 10.61
N ALA A 203 -12.75 17.44 9.37
CA ALA A 203 -11.92 17.78 8.18
C ALA A 203 -11.40 19.21 8.08
N VAL A 204 -12.19 20.18 8.57
CA VAL A 204 -11.91 21.59 8.41
C VAL A 204 -11.23 22.22 9.65
N LYS A 205 -10.94 21.41 10.69
CA LYS A 205 -10.38 21.93 11.93
C LYS A 205 -8.84 21.98 11.92
N ASN A 206 -8.21 22.67 12.89
CA ASN A 206 -6.76 22.80 12.89
C ASN A 206 -6.05 21.45 12.91
N PHE A 207 -6.63 20.51 13.63
CA PHE A 207 -6.12 19.13 13.84
C PHE A 207 -7.24 18.27 13.34
N THR A 208 -6.97 17.37 12.38
CA THR A 208 -8.01 16.65 11.74
C THR A 208 -7.81 15.15 11.71
N THR A 209 -8.90 14.44 11.90
CA THR A 209 -8.95 13.01 11.56
C THR A 209 -10.04 12.77 10.54
N ALA A 210 -10.37 13.80 9.73
CA ALA A 210 -11.50 13.82 8.78
C ALA A 210 -12.87 13.90 9.50
N GLU A 211 -13.18 12.92 10.32
CA GLU A 211 -14.23 13.04 11.32
C GLU A 211 -13.65 12.53 12.64
N GLY A 212 -13.91 13.25 13.71
CA GLY A 212 -13.48 12.82 15.01
C GLY A 212 -13.62 13.92 16.04
N GLY A 213 -13.42 13.55 17.29
CA GLY A 213 -13.34 14.48 18.36
C GLY A 213 -13.05 13.76 19.63
N SER A 214 -13.04 14.53 20.70
CA SER A 214 -12.78 13.98 22.00
C SER A 214 -13.50 14.68 23.12
N ALA A 215 -13.64 13.96 24.21
CA ALA A 215 -14.03 14.49 25.52
C ALA A 215 -12.91 14.30 26.52
N THR A 216 -12.70 15.33 27.31
CA THR A 216 -11.82 15.23 28.45
C THR A 216 -12.36 16.09 29.59
N TRP A 217 -11.65 16.06 30.72
CA TRP A 217 -12.05 16.75 31.91
C TRP A 217 -10.81 17.14 32.69
N LYS A 218 -10.89 18.27 33.40
CA LYS A 218 -9.75 18.66 34.20
C LYS A 218 -9.68 17.83 35.48
N ALA A 219 -8.45 17.62 35.96
CA ALA A 219 -8.23 16.89 37.20
C ALA A 219 -9.07 17.52 38.31
N ASN A 220 -9.76 16.68 39.05
CA ASN A 220 -10.58 17.12 40.15
C ASN A 220 -10.64 15.97 41.17
N PRO A 221 -10.35 16.25 42.44
CA PRO A 221 -10.42 15.19 43.44
C PRO A 221 -11.75 14.41 43.52
N VAL A 222 -12.88 15.02 43.14
CA VAL A 222 -14.17 14.34 43.21
C VAL A 222 -14.40 13.40 42.03
N ILE A 223 -13.53 13.42 41.02
CA ILE A 223 -13.63 12.48 39.92
C ILE A 223 -12.53 11.40 40.00
N ASP A 224 -12.96 10.14 40.03
CA ASP A 224 -12.11 8.99 39.77
C ASP A 224 -11.96 8.90 38.26
N ASP A 225 -10.73 9.17 37.76
CA ASP A 225 -10.50 9.30 36.30
C ASP A 225 -10.74 8.00 35.51
N GLU A 226 -10.37 6.86 36.10
CA GLU A 226 -10.61 5.56 35.44
C GLU A 226 -12.09 5.24 35.37
N GLU A 227 -12.82 5.51 36.46
CA GLU A 227 -14.28 5.28 36.51
C GLU A 227 -14.98 6.18 35.48
N MET A 228 -14.56 7.44 35.40
CA MET A 228 -15.17 8.41 34.47
C MET A 228 -14.89 7.99 33.04
N TYR A 229 -13.66 7.59 32.79
CA TYR A 229 -13.24 7.11 31.48
C TYR A 229 -14.08 5.92 31.10
N LYS A 230 -14.20 4.96 32.01
CA LYS A 230 -15.03 3.76 31.73
C LYS A 230 -16.53 4.07 31.41
N GLU A 231 -17.11 5.08 32.06
CA GLU A 231 -18.51 5.50 31.78
C GLU A 231 -18.70 6.07 30.37
N PHE A 232 -17.73 6.84 29.89
CA PHE A 232 -17.78 7.34 28.49
C PHE A 232 -17.67 6.20 27.50
N GLN A 233 -16.72 5.28 27.78
CA GLN A 233 -16.48 4.13 26.92
C GLN A 233 -17.74 3.33 26.70
N ILE A 234 -18.43 3.07 27.80
CA ILE A 234 -19.64 2.29 27.85
C ILE A 234 -20.78 2.96 27.04
N LEU A 235 -20.90 4.29 27.19
CA LEU A 235 -21.91 5.01 26.43
C LEU A 235 -21.61 5.08 24.94
N SER A 236 -20.34 5.07 24.57
CA SER A 236 -19.91 5.20 23.18
C SER A 236 -20.00 3.87 22.40
N LEU A 237 -20.14 2.76 23.14
CA LEU A 237 -20.08 1.42 22.56
C LEU A 237 -21.17 0.50 23.11
N HIS A 238 -22.41 0.96 22.91
CA HIS A 238 -23.61 0.16 23.12
C HIS A 238 -23.96 -0.16 24.56
N GLY A 239 -23.30 0.45 25.51
CA GLY A 239 -23.51 0.09 26.91
C GLY A 239 -22.86 -1.23 27.31
N GLN A 240 -21.92 -1.72 26.50
CA GLN A 240 -21.34 -3.04 26.67
C GLN A 240 -20.26 -2.98 27.75
N THR A 241 -20.28 -3.94 28.65
CA THR A 241 -19.22 -4.12 29.70
C THR A 241 -18.83 -5.58 29.80
N LYS A 242 -17.61 -5.83 30.27
CA LYS A 242 -17.14 -7.16 30.62
C LYS A 242 -16.54 -7.12 32.02
N ASP A 243 -16.81 -8.14 32.81
CA ASP A 243 -16.28 -8.22 34.17
C ASP A 243 -14.87 -8.85 34.19
N ALA A 244 -14.23 -8.79 35.35
CA ALA A 244 -12.84 -9.24 35.49
C ALA A 244 -12.68 -10.71 35.05
N LEU A 245 -13.59 -11.55 35.51
CA LEU A 245 -13.60 -12.97 35.16
C LEU A 245 -13.69 -13.19 33.64
N ALA A 246 -14.63 -12.50 32.97
CA ALA A 246 -14.73 -12.61 31.51
C ALA A 246 -13.45 -12.19 30.74
N LYS A 247 -12.78 -11.15 31.20
CA LYS A 247 -11.54 -10.71 30.53
C LYS A 247 -10.36 -11.63 30.74
N MET A 248 -10.29 -12.31 31.88
CA MET A 248 -9.14 -13.15 32.18
C MET A 248 -9.19 -14.49 31.44
N GLN A 249 -10.40 -14.92 31.12
CA GLN A 249 -10.59 -16.18 30.44
C GLN A 249 -9.97 -16.12 29.06
N LEU A 250 -9.49 -17.26 28.58
CA LEU A 250 -8.92 -17.34 27.24
C LEU A 250 -9.95 -16.97 26.19
N GLY A 251 -11.17 -17.49 26.35
CA GLY A 251 -12.33 -17.13 25.51
C GLY A 251 -13.19 -16.11 26.20
N SER A 252 -13.01 -14.82 25.86
CA SER A 252 -13.64 -13.71 26.58
C SER A 252 -14.86 -13.19 25.84
N TRP A 253 -15.79 -14.09 25.54
CA TRP A 253 -17.00 -13.71 24.79
C TRP A 253 -18.02 -12.95 25.65
N GLU A 254 -18.16 -13.31 26.92
CA GLU A 254 -19.32 -12.88 27.70
C GLU A 254 -19.30 -11.40 28.09
N TYR A 255 -20.40 -10.73 27.83
CA TYR A 255 -20.56 -9.30 28.15
C TYR A 255 -21.96 -9.11 28.63
N ASP A 256 -22.20 -7.92 29.18
CA ASP A 256 -23.48 -7.46 29.56
C ASP A 256 -23.72 -6.12 28.82
N ILE A 257 -24.96 -5.69 28.74
CA ILE A 257 -25.32 -4.39 28.23
C ILE A 257 -25.97 -3.70 29.43
N VAL A 258 -25.41 -2.60 29.92
CA VAL A 258 -25.91 -2.01 31.17
C VAL A 258 -26.93 -0.90 30.94
N THR A 259 -26.88 -0.30 29.78
CA THR A 259 -27.86 0.69 29.36
C THR A 259 -27.90 0.61 27.84
N PRO A 260 -29.04 0.93 27.20
CA PRO A 260 -29.07 0.84 25.73
C PRO A 260 -28.44 2.08 25.10
N ALA A 261 -27.10 2.10 25.03
CA ALA A 261 -26.34 3.28 24.70
C ALA A 261 -26.02 3.40 23.20
N TYR A 262 -24.92 4.04 22.84
CA TYR A 262 -24.76 4.75 21.55
C TYR A 262 -23.57 4.11 20.81
N LYS A 263 -23.15 4.72 19.71
CA LYS A 263 -22.22 4.11 18.80
C LYS A 263 -21.45 5.25 18.22
N CYS A 264 -20.39 5.69 18.95
CA CYS A 264 -19.60 6.79 18.48
C CYS A 264 -18.14 6.72 18.80
N ASN A 265 -17.61 5.51 18.82
CA ASN A 265 -16.18 5.24 19.00
C ASN A 265 -15.34 5.68 17.81
N MET A 266 -14.08 5.96 18.08
CA MET A 266 -13.04 6.32 17.08
C MET A 266 -12.31 5.10 16.58
N THR A 267 -12.12 5.00 15.27
CA THR A 267 -11.39 3.91 14.69
C THR A 267 -9.88 4.23 14.73
N ASP A 268 -9.09 3.18 14.65
CA ASP A 268 -7.63 3.33 14.54
C ASP A 268 -7.19 3.98 13.21
N ILE A 269 -8.10 3.91 12.21
CA ILE A 269 -7.90 4.59 10.94
C ILE A 269 -7.81 6.09 11.21
N MET A 270 -8.83 6.60 11.90
CA MET A 270 -8.88 8.03 12.31
C MET A 270 -7.77 8.33 13.34
N ALA A 271 -7.56 7.42 14.31
CA ALA A 271 -6.51 7.70 15.33
C ALA A 271 -5.11 7.83 14.69
N SER A 272 -4.91 7.08 13.60
CA SER A 272 -3.64 7.11 12.83
C SER A 272 -3.38 8.54 12.33
N LEU A 273 -4.40 9.14 11.73
CA LEU A 273 -4.32 10.51 11.29
C LEU A 273 -3.99 11.42 12.44
N GLY A 274 -4.66 11.21 13.56
CA GLY A 274 -4.48 11.99 14.75
C GLY A 274 -3.09 11.96 15.32
N LEU A 275 -2.47 10.79 15.34
CA LEU A 275 -1.12 10.65 15.92
C LEU A 275 -0.10 11.50 15.17
N VAL A 276 -0.19 11.45 13.83
CA VAL A 276 0.72 12.17 12.95
C VAL A 276 0.42 13.68 13.03
N GLN A 277 -0.87 14.04 12.98
CA GLN A 277 -1.30 15.42 13.14
C GLN A 277 -0.75 16.02 14.45
N LEU A 278 -0.78 15.21 15.51
CA LEU A 278 -0.32 15.65 16.80
C LEU A 278 1.22 15.90 16.79
N ASP A 279 1.99 15.06 16.10
CA ASP A 279 3.45 15.32 15.89
C ASP A 279 3.66 16.62 15.12
N ARG A 280 2.85 16.78 14.08
CA ARG A 280 2.88 17.96 13.23
C ARG A 280 2.35 19.24 13.87
N TYR A 281 1.60 19.12 14.96
CA TYR A 281 0.78 20.22 15.46
C TYR A 281 1.51 21.51 15.92
N PRO A 282 2.61 21.40 16.72
CA PRO A 282 3.47 22.58 16.96
C PRO A 282 3.81 23.35 15.68
N SER A 283 4.28 22.70 14.61
CA SER A 283 4.59 23.40 13.33
C SER A 283 3.36 24.03 12.65
N LEU A 284 2.25 23.32 12.71
CA LEU A 284 0.96 23.84 12.13
C LEU A 284 0.48 25.08 12.86
N LEU A 285 0.54 25.03 14.18
CA LEU A 285 0.22 26.14 15.01
C LEU A 285 1.12 27.35 14.72
N GLN A 286 2.42 27.10 14.48
CA GLN A 286 3.38 28.18 14.19
C GLN A 286 3.03 28.85 12.87
N ARG A 287 2.79 28.06 11.83
CA ARG A 287 2.35 28.60 10.53
C ARG A 287 1.08 29.45 10.65
N ARG A 288 0.11 29.01 11.45
CA ARG A 288 -1.13 29.79 11.64
C ARG A 288 -0.85 31.15 12.33
N LYS A 289 0.07 31.12 13.30
CA LYS A 289 0.53 32.34 13.96
C LYS A 289 1.07 33.35 12.95
N ASP A 290 1.98 32.88 12.10
CA ASP A 290 2.60 33.71 11.06
C ASP A 290 1.58 34.29 10.08
N ILE A 291 0.56 33.51 9.69
CA ILE A 291 -0.51 34.01 8.82
C ILE A 291 -1.30 35.07 9.57
N VAL A 292 -1.66 34.80 10.82
CA VAL A 292 -2.48 35.75 11.59
C VAL A 292 -1.75 37.06 11.79
N ASP A 293 -0.46 36.98 12.13
CA ASP A 293 0.33 38.21 12.28
C ASP A 293 0.37 39.00 10.98
N ARG A 294 0.48 38.31 9.84
CA ARG A 294 0.55 38.97 8.52
C ARG A 294 -0.79 39.68 8.22
N TYR A 295 -1.89 38.95 8.45
CA TYR A 295 -3.22 39.57 8.33
C TYR A 295 -3.38 40.79 9.26
N ASP A 296 -3.06 40.57 10.54
CA ASP A 296 -3.15 41.63 11.54
C ASP A 296 -2.38 42.88 11.13
N SER A 297 -1.12 42.75 10.67
CA SER A 297 -0.38 43.97 10.24
C SER A 297 -1.02 44.57 8.99
N GLY A 298 -1.47 43.70 8.07
CA GLY A 298 -2.18 44.14 6.86
C GLY A 298 -3.47 44.95 7.08
N PHE A 299 -4.26 44.55 8.07
CA PHE A 299 -5.53 45.20 8.38
C PHE A 299 -5.44 46.37 9.38
N ALA A 300 -4.27 46.55 9.99
CA ALA A 300 -4.03 47.65 10.96
C ALA A 300 -4.44 48.99 10.38
N GLY A 301 -5.23 49.76 11.16
CA GLY A 301 -5.69 51.08 10.72
C GLY A 301 -6.82 51.08 9.69
N SER A 302 -7.25 49.91 9.20
CA SER A 302 -8.33 49.86 8.21
C SER A 302 -9.69 49.69 8.90
N ARG A 303 -10.73 49.62 8.10
CA ARG A 303 -12.07 49.32 8.61
C ARG A 303 -12.25 47.81 9.00
N ILE A 304 -11.38 46.97 8.48
CA ILE A 304 -11.41 45.53 8.76
C ILE A 304 -10.84 45.31 10.15
N HIS A 305 -11.69 44.92 11.09
CA HIS A 305 -11.31 44.66 12.50
C HIS A 305 -11.34 43.16 12.87
N PRO A 306 -10.17 42.52 12.94
CA PRO A 306 -10.14 41.09 13.33
C PRO A 306 -10.25 40.87 14.84
N LEU A 307 -10.81 39.73 15.20
CA LEU A 307 -10.80 39.32 16.58
C LEU A 307 -9.35 39.03 16.93
N ALA A 308 -8.97 39.42 18.13
CA ALA A 308 -7.58 39.29 18.59
C ALA A 308 -7.30 37.86 19.00
N HIS A 309 -6.27 37.30 18.39
CA HIS A 309 -5.81 35.97 18.73
C HIS A 309 -4.79 35.88 19.83
N LYS A 310 -4.25 37.03 20.21
CA LYS A 310 -3.30 37.10 21.30
C LYS A 310 -3.78 38.21 22.22
N THR A 311 -4.08 37.86 23.46
CA THR A 311 -4.50 38.81 24.48
C THR A 311 -3.61 38.64 25.75
N GLU A 312 -3.87 39.47 26.72
CA GLU A 312 -3.30 39.37 28.04
C GLU A 312 -3.46 37.99 28.66
N THR A 313 -4.63 37.38 28.45
CA THR A 313 -4.96 36.04 28.97
C THR A 313 -4.92 34.88 27.98
N VAL A 314 -5.03 35.14 26.68
CA VAL A 314 -5.22 34.08 25.71
C VAL A 314 -4.11 34.05 24.68
N GLU A 315 -3.63 32.85 24.39
CA GLU A 315 -2.94 32.56 23.14
C GLU A 315 -3.84 31.57 22.37
N SER A 316 -4.47 32.08 21.31
CA SER A 316 -5.38 31.28 20.50
C SER A 316 -4.63 30.30 19.63
N SER A 317 -5.26 29.14 19.38
CA SER A 317 -4.78 28.17 18.35
C SER A 317 -4.92 28.68 16.93
N ARG A 318 -5.66 29.78 16.74
CA ARG A 318 -5.77 30.49 15.47
C ARG A 318 -6.45 29.63 14.42
N HIS A 319 -7.66 29.21 14.78
CA HIS A 319 -8.49 28.34 13.89
C HIS A 319 -9.29 29.09 12.82
N LEU A 320 -9.93 30.19 13.20
CA LEU A 320 -10.62 31.08 12.24
C LEU A 320 -10.12 32.52 12.31
N TYR A 321 -9.99 33.15 11.15
CA TYR A 321 -9.74 34.56 11.10
C TYR A 321 -11.05 35.33 10.92
N ILE A 322 -11.70 35.50 12.07
CA ILE A 322 -12.93 36.25 12.18
C ILE A 322 -12.67 37.76 12.12
N THR A 323 -13.39 38.45 11.25
CA THR A 323 -13.30 39.90 11.11
C THR A 323 -14.67 40.47 11.16
N ARG A 324 -14.74 41.72 11.61
CA ARG A 324 -15.91 42.53 11.44
C ARG A 324 -15.54 43.84 10.71
N VAL A 325 -16.37 44.23 9.72
CA VAL A 325 -16.10 45.40 8.87
C VAL A 325 -16.90 46.59 9.43
N GLU A 326 -16.21 47.56 10.00
CA GLU A 326 -16.90 48.67 10.63
C GLU A 326 -17.84 49.35 9.65
N GLY A 327 -19.04 49.66 10.13
CA GLY A 327 -19.98 50.48 9.36
C GLY A 327 -20.77 49.76 8.28
N ALA A 328 -20.60 48.45 8.14
CA ALA A 328 -21.25 47.67 7.08
C ALA A 328 -22.60 47.11 7.56
N SER A 329 -23.62 47.29 6.75
CA SER A 329 -24.92 46.64 6.99
C SER A 329 -24.87 45.17 6.59
N LEU A 330 -25.91 44.45 6.99
CA LEU A 330 -26.16 43.09 6.52
C LEU A 330 -26.00 42.94 5.01
N GLU A 331 -26.67 43.80 4.26
CA GLU A 331 -26.69 43.73 2.82
C GLU A 331 -25.32 44.00 2.23
N GLU A 332 -24.62 44.93 2.85
CA GLU A 332 -23.29 45.32 2.38
C GLU A 332 -22.29 44.22 2.68
N ARG A 333 -22.41 43.60 3.85
CA ARG A 333 -21.57 42.42 4.19
C ARG A 333 -21.74 41.35 3.15
N ASN A 334 -22.99 41.05 2.80
CA ASN A 334 -23.24 39.95 1.87
C ASN A 334 -22.63 40.29 0.50
N LEU A 335 -22.76 41.55 0.06
CA LEU A 335 -22.15 41.99 -1.21
C LEU A 335 -20.65 41.84 -1.18
N ILE A 336 -20.01 42.25 -0.07
CA ILE A 336 -18.54 42.06 0.10
C ILE A 336 -18.11 40.57 -0.06
N ILE A 337 -18.87 39.66 0.53
CA ILE A 337 -18.55 38.23 0.37
C ILE A 337 -18.61 37.80 -1.09
N GLN A 338 -19.67 38.21 -1.79
CA GLN A 338 -19.78 37.87 -3.23
C GLN A 338 -18.66 38.53 -4.09
N GLU A 339 -18.24 39.74 -3.73
CA GLU A 339 -17.11 40.39 -4.40
C GLU A 339 -15.78 39.69 -4.09
N LEU A 340 -15.60 39.21 -2.87
CA LEU A 340 -14.41 38.38 -2.55
C LEU A 340 -14.39 37.11 -3.40
N ALA A 341 -15.56 36.51 -3.55
CA ALA A 341 -15.70 35.29 -4.33
C ALA A 341 -15.38 35.49 -5.82
N LYS A 342 -15.81 36.62 -6.40
CA LYS A 342 -15.42 36.98 -7.78
C LYS A 342 -13.93 37.19 -7.96
N ALA A 343 -13.25 37.58 -6.87
CA ALA A 343 -11.81 37.80 -6.86
C ALA A 343 -11.03 36.51 -6.49
N GLY A 344 -11.70 35.37 -6.42
CA GLY A 344 -11.07 34.07 -6.14
C GLY A 344 -10.73 33.84 -4.68
N ILE A 345 -11.49 34.48 -3.79
CA ILE A 345 -11.31 34.35 -2.35
C ILE A 345 -12.56 33.82 -1.66
N ALA A 346 -12.46 32.60 -1.15
CA ALA A 346 -13.53 31.98 -0.37
C ALA A 346 -13.56 32.62 1.03
N SER A 347 -14.77 32.77 1.56
CA SER A 347 -14.96 33.42 2.85
C SER A 347 -16.17 32.78 3.47
N ASN A 348 -16.40 33.06 4.74
CA ASN A 348 -17.45 32.43 5.45
C ASN A 348 -17.95 33.32 6.51
N VAL A 349 -19.00 32.87 7.19
CA VAL A 349 -19.64 33.64 8.24
C VAL A 349 -19.78 32.75 9.45
N HIS A 350 -19.21 33.19 10.55
CA HIS A 350 -19.32 32.50 11.84
C HIS A 350 -19.82 33.52 12.86
N TYR A 351 -21.10 33.52 13.20
CA TYR A 351 -22.16 32.63 12.70
C TYR A 351 -23.46 33.39 12.70
N LYS A 352 -24.45 32.86 11.98
CA LYS A 352 -25.82 33.23 12.21
C LYS A 352 -26.11 32.93 13.65
N PRO A 353 -26.72 33.87 14.40
CA PRO A 353 -27.06 33.55 15.77
C PRO A 353 -28.13 32.44 15.71
N LEU A 354 -28.15 31.59 16.72
CA LEU A 354 -29.07 30.44 16.75
C LEU A 354 -30.53 30.82 16.49
N PRO A 355 -31.01 31.97 17.06
CA PRO A 355 -32.40 32.38 16.85
C PRO A 355 -32.74 32.71 15.42
N LEU A 356 -31.74 32.86 14.52
CA LEU A 356 -32.07 33.02 13.09
C LEU A 356 -32.46 31.72 12.41
N LEU A 357 -32.08 30.59 12.99
CA LEU A 357 -32.21 29.26 12.39
C LEU A 357 -33.62 28.72 12.69
N THR A 358 -34.26 28.19 11.65
CA THR A 358 -35.58 27.60 11.80
C THR A 358 -35.78 26.68 12.99
N ALA A 359 -34.84 25.78 13.24
CA ALA A 359 -34.96 24.85 14.34
C ALA A 359 -35.17 25.53 15.69
N TYR A 360 -34.45 26.64 15.92
CA TYR A 360 -34.50 27.32 17.21
C TYR A 360 -35.61 28.36 17.27
N LYS A 361 -35.87 29.00 16.16
CA LYS A 361 -37.13 29.75 15.97
C LYS A 361 -38.30 28.90 16.39
N ASN A 362 -38.31 27.65 15.90
CA ASN A 362 -39.41 26.71 16.16
C ASN A 362 -39.53 26.33 17.62
N LEU A 363 -38.46 26.48 18.38
CA LEU A 363 -38.48 26.29 19.84
C LEU A 363 -38.73 27.57 20.66
N GLY A 364 -39.14 28.64 19.98
CA GLY A 364 -39.53 29.87 20.65
C GLY A 364 -38.42 30.91 20.82
N PHE A 365 -37.22 30.66 20.31
CA PHE A 365 -36.15 31.65 20.43
C PHE A 365 -36.29 32.79 19.43
N ASP A 366 -36.08 34.01 19.89
CA ASP A 366 -36.42 35.21 19.12
C ASP A 366 -35.19 36.14 19.03
N MET A 367 -34.75 36.41 17.81
CA MET A 367 -33.58 37.21 17.52
C MET A 367 -33.56 38.57 18.20
N THR A 368 -34.75 39.17 18.35
CA THR A 368 -34.86 40.48 19.01
C THR A 368 -34.41 40.47 20.48
N ASN A 369 -34.37 39.29 21.10
CA ASN A 369 -33.82 39.16 22.48
C ASN A 369 -32.31 39.17 22.59
N TYR A 370 -31.60 39.08 21.47
CA TYR A 370 -30.15 38.93 21.46
C TYR A 370 -29.52 39.87 20.45
N PRO A 371 -29.73 41.20 20.64
CA PRO A 371 -29.25 42.17 19.67
C PRO A 371 -27.72 42.21 19.47
N LYS A 372 -26.96 41.88 20.51
CA LYS A 372 -25.49 41.92 20.41
C LYS A 372 -25.03 40.79 19.51
N ALA A 373 -25.67 39.63 19.68
CA ALA A 373 -25.41 38.49 18.81
C ALA A 373 -25.66 38.84 17.37
N TYR A 374 -26.80 39.47 17.12
CA TYR A 374 -27.12 39.94 15.77
C TYR A 374 -26.04 40.90 15.22
N ALA A 375 -25.65 41.86 16.04
CA ALA A 375 -24.78 42.93 15.56
C ALA A 375 -23.40 42.36 15.24
N PHE A 376 -22.96 41.37 16.00
CA PHE A 376 -21.69 40.67 15.71
C PHE A 376 -21.73 39.97 14.37
N PHE A 377 -22.80 39.24 14.15
CA PHE A 377 -23.09 38.52 12.89
C PHE A 377 -23.21 39.42 11.68
N GLU A 378 -23.96 40.48 11.84
CA GLU A 378 -24.26 41.39 10.75
C GLU A 378 -23.09 41.85 9.85
N ASN A 379 -21.94 42.18 10.44
CA ASN A 379 -20.79 42.71 9.70
C ASN A 379 -19.57 41.76 9.74
N GLU A 380 -19.81 40.50 10.07
CA GLU A 380 -18.77 39.53 10.27
C GLU A 380 -18.43 38.84 8.97
N ILE A 381 -17.14 38.75 8.68
CA ILE A 381 -16.61 37.94 7.59
C ILE A 381 -15.40 37.15 8.06
N THR A 382 -15.41 35.86 7.79
CA THR A 382 -14.30 35.02 8.10
C THR A 382 -13.46 34.82 6.85
N LEU A 383 -12.19 35.17 6.94
CA LEU A 383 -11.22 34.94 5.88
C LEU A 383 -10.53 33.62 6.07
N PRO A 384 -9.99 33.03 4.98
CA PRO A 384 -9.35 31.75 5.05
C PRO A 384 -8.15 31.77 6.02
N LEU A 385 -8.05 30.74 6.84
CA LEU A 385 -6.92 30.55 7.78
C LEU A 385 -6.64 29.07 7.90
N HIS A 386 -5.65 28.62 7.15
CA HIS A 386 -5.24 27.24 7.13
C HIS A 386 -3.82 27.20 6.58
N THR A 387 -3.22 26.01 6.68
CA THR A 387 -1.77 25.89 6.48
C THR A 387 -1.35 25.61 5.03
N LYS A 388 -2.32 25.56 4.12
CA LYS A 388 -2.04 25.54 2.69
C LYS A 388 -2.00 26.93 2.06
N LEU A 389 -2.33 27.98 2.81
CA LEU A 389 -2.19 29.36 2.33
C LEU A 389 -0.72 29.75 2.14
N SER A 390 -0.37 30.25 0.96
CA SER A 390 0.92 30.90 0.76
C SER A 390 0.88 32.35 1.28
N ASP A 391 2.07 32.88 1.58
CA ASP A 391 2.20 34.30 1.89
C ASP A 391 1.63 35.22 0.79
N GLU A 392 1.83 34.87 -0.47
CA GLU A 392 1.35 35.65 -1.61
C GLU A 392 -0.20 35.71 -1.63
N GLU A 393 -0.82 34.58 -1.33
CA GLU A 393 -2.28 34.52 -1.19
C GLU A 393 -2.81 35.38 -0.04
N VAL A 394 -2.15 35.32 1.11
CA VAL A 394 -2.51 36.14 2.26
C VAL A 394 -2.41 37.65 1.88
N ASP A 395 -1.32 38.02 1.24
CA ASP A 395 -1.12 39.42 0.77
C ASP A 395 -2.21 39.82 -0.20
N TYR A 396 -2.55 38.91 -1.10
CA TYR A 396 -3.67 39.13 -2.03
C TYR A 396 -5.01 39.30 -1.32
N ILE A 397 -5.30 38.48 -0.32
CA ILE A 397 -6.55 38.58 0.45
C ILE A 397 -6.60 39.92 1.21
N ILE A 398 -5.50 40.30 1.86
CA ILE A 398 -5.42 41.59 2.56
C ILE A 398 -5.80 42.76 1.62
N GLU A 399 -5.07 42.87 0.52
CA GLU A 399 -5.22 44.01 -0.33
C GLU A 399 -6.62 43.98 -1.05
N THR A 400 -7.09 42.79 -1.47
CA THR A 400 -8.43 42.63 -2.12
C THR A 400 -9.60 42.94 -1.16
N PHE A 401 -9.52 42.46 0.08
CA PHE A 401 -10.57 42.69 1.06
C PHE A 401 -10.69 44.20 1.37
N LYS A 402 -9.56 44.90 1.50
CA LYS A 402 -9.59 46.35 1.68
C LYS A 402 -10.24 47.07 0.49
N THR A 403 -9.76 46.79 -0.73
CA THR A 403 -10.28 47.39 -1.96
C THR A 403 -11.78 47.11 -2.14
N VAL A 404 -12.17 45.87 -1.92
CA VAL A 404 -13.56 45.45 -2.09
C VAL A 404 -14.48 46.13 -1.10
N SER A 405 -14.10 46.14 0.17
CA SER A 405 -14.87 46.82 1.21
C SER A 405 -15.09 48.30 0.89
N GLU A 406 -14.00 48.98 0.53
CA GLU A 406 -14.07 50.41 0.11
C GLU A 406 -15.04 50.58 -1.06
N LYS A 407 -14.89 49.74 -2.08
CA LYS A 407 -15.76 49.79 -3.25
C LYS A 407 -17.24 49.66 -2.89
N VAL A 408 -17.58 48.68 -2.06
CA VAL A 408 -18.97 48.44 -1.66
C VAL A 408 -19.55 49.64 -0.88
N LEU A 409 -18.78 50.19 0.06
CA LEU A 409 -19.24 51.33 0.84
C LEU A 409 -19.32 52.62 0.01
N THR A 410 -18.32 52.88 -0.84
CA THR A 410 -18.34 54.05 -1.73
C THR A 410 -19.48 53.93 -2.76
N TYR B 10 20.82 9.06 18.82
CA TYR B 10 20.99 9.05 17.32
C TYR B 10 21.61 7.77 16.78
N ASN B 11 21.02 7.26 15.72
CA ASN B 11 21.63 6.26 14.88
C ASN B 11 21.25 6.62 13.45
N ILE B 12 22.04 7.51 12.87
CA ILE B 12 21.72 8.11 11.58
C ILE B 12 22.32 7.25 10.47
N PRO B 13 21.47 6.68 9.58
CA PRO B 13 22.00 5.87 8.50
C PRO B 13 22.57 6.72 7.35
N PHE B 14 23.42 6.11 6.53
CA PHE B 14 24.04 6.84 5.44
C PHE B 14 23.12 7.09 4.24
N SER B 15 22.27 6.12 3.90
CA SER B 15 21.48 6.16 2.64
C SER B 15 20.27 5.24 2.62
N PRO B 16 19.35 5.38 3.57
CA PRO B 16 18.12 4.59 3.56
C PRO B 16 17.24 5.04 2.40
N PRO B 17 16.36 4.14 1.90
CA PRO B 17 15.50 4.47 0.81
C PRO B 17 14.32 5.32 1.25
N ASP B 18 13.85 6.17 0.36
CA ASP B 18 12.69 7.03 0.60
C ASP B 18 11.56 6.53 -0.28
N ILE B 19 10.80 5.57 0.24
CA ILE B 19 9.66 4.95 -0.49
C ILE B 19 8.38 5.29 0.26
N THR B 20 7.36 5.76 -0.45
CA THR B 20 6.09 6.12 0.14
C THR B 20 4.99 5.18 -0.36
N GLU B 21 3.79 5.34 0.17
CA GLU B 21 2.66 4.54 -0.34
C GLU B 21 2.38 4.68 -1.83
N ALA B 22 2.72 5.82 -2.44
CA ALA B 22 2.46 6.01 -3.88
C ALA B 22 3.27 5.01 -4.71
N GLU B 23 4.53 4.80 -4.33
CA GLU B 23 5.38 3.77 -4.98
C GLU B 23 4.75 2.42 -4.83
N ILE B 24 4.29 2.12 -3.62
CA ILE B 24 3.75 0.81 -3.34
C ILE B 24 2.50 0.56 -4.21
N THR B 25 1.61 1.56 -4.30
CA THR B 25 0.36 1.38 -5.07
C THR B 25 0.64 1.19 -6.56
N GLU B 26 1.62 1.93 -7.08
CA GLU B 26 1.99 1.82 -8.48
C GLU B 26 2.57 0.44 -8.80
N VAL B 27 3.40 -0.07 -7.92
CA VAL B 27 3.97 -1.39 -8.07
C VAL B 27 2.87 -2.44 -7.99
N VAL B 28 1.98 -2.28 -7.01
CA VAL B 28 0.82 -3.16 -6.89
C VAL B 28 -0.01 -3.22 -8.18
N ASP B 29 -0.21 -2.06 -8.79
CA ASP B 29 -0.93 -1.94 -10.05
C ASP B 29 -0.26 -2.79 -11.14
N THR B 30 1.06 -2.70 -11.24
CA THR B 30 1.81 -3.54 -12.17
C THR B 30 1.62 -5.04 -11.90
N LEU B 31 1.68 -5.43 -10.63
CA LEU B 31 1.56 -6.83 -10.23
C LEU B 31 0.20 -7.43 -10.49
N ARG B 32 -0.82 -6.56 -10.64
CA ARG B 32 -2.18 -6.97 -11.03
C ARG B 32 -2.37 -6.99 -12.53
N SER B 33 -1.41 -6.47 -13.28
CA SER B 33 -1.53 -6.34 -14.73
C SER B 33 -1.02 -7.59 -15.47
N GLY B 34 -1.20 -7.61 -16.79
CA GLY B 34 -0.53 -8.63 -17.60
C GLY B 34 0.99 -8.55 -17.69
N TRP B 35 1.57 -7.47 -17.20
CA TRP B 35 2.94 -7.12 -17.54
C TRP B 35 3.76 -6.93 -16.27
N ILE B 36 4.56 -7.94 -15.87
CA ILE B 36 5.44 -7.78 -14.69
C ILE B 36 6.94 -7.65 -14.98
N THR B 37 7.39 -8.09 -16.14
CA THR B 37 8.70 -7.65 -16.65
C THR B 37 8.51 -6.41 -17.59
N THR B 38 9.42 -6.19 -18.55
CA THR B 38 9.40 -5.01 -19.43
C THR B 38 8.03 -4.88 -20.11
N GLY B 39 7.39 -3.72 -19.92
CA GLY B 39 6.08 -3.48 -20.52
C GLY B 39 5.79 -2.00 -20.75
N PRO B 40 4.50 -1.61 -20.75
CA PRO B 40 4.13 -0.19 -21.02
C PRO B 40 4.70 0.82 -20.02
N LYS B 41 4.76 0.47 -18.73
CA LYS B 41 5.34 1.37 -17.73
C LYS B 41 6.81 1.68 -17.99
N THR B 42 7.58 0.68 -18.43
CA THR B 42 8.97 0.91 -18.78
C THR B 42 9.10 1.92 -19.96
N LYS B 43 8.25 1.75 -20.97
CA LYS B 43 8.24 2.68 -22.11
C LYS B 43 7.81 4.09 -21.67
N GLU B 44 6.80 4.18 -20.80
CA GLU B 44 6.36 5.48 -20.30
C GLU B 44 7.46 6.12 -19.47
N LEU B 45 8.18 5.33 -18.66
CA LEU B 45 9.32 5.91 -17.87
C LEU B 45 10.40 6.48 -18.76
N GLU B 46 10.72 5.77 -19.83
CA GLU B 46 11.75 6.19 -20.79
C GLU B 46 11.31 7.51 -21.46
N ARG B 47 10.05 7.57 -21.87
CA ARG B 47 9.47 8.81 -22.42
C ARG B 47 9.59 10.00 -21.44
N ARG B 48 9.13 9.81 -20.20
CA ARG B 48 9.17 10.87 -19.18
C ARG B 48 10.61 11.29 -18.77
N LEU B 49 11.50 10.32 -18.68
CA LEU B 49 12.91 10.60 -18.40
C LEU B 49 13.61 11.39 -19.50
N SER B 50 13.34 11.03 -20.75
CA SER B 50 13.81 11.80 -21.94
C SER B 50 13.42 13.28 -21.89
N LEU B 51 12.18 13.56 -21.58
CA LEU B 51 11.70 14.94 -21.40
C LEU B 51 12.44 15.61 -20.25
N TYR B 52 12.65 14.87 -19.17
CA TYR B 52 13.35 15.38 -17.98
C TYR B 52 14.82 15.68 -18.26
N THR B 53 15.51 14.81 -18.98
CA THR B 53 16.92 15.03 -19.35
C THR B 53 17.11 15.79 -20.67
N GLN B 54 16.01 16.22 -21.33
CA GLN B 54 16.06 16.90 -22.62
C GLN B 54 16.89 16.12 -23.66
N THR B 55 16.63 14.82 -23.73
CA THR B 55 17.17 13.97 -24.79
C THR B 55 16.01 13.36 -25.58
N PRO B 56 16.25 12.88 -26.81
CA PRO B 56 15.15 12.28 -27.60
C PRO B 56 14.67 10.90 -27.16
N LYS B 57 15.55 10.03 -26.71
CA LYS B 57 15.16 8.69 -26.31
C LYS B 57 15.99 8.24 -25.11
N THR B 58 15.38 7.40 -24.27
CA THR B 58 16.05 6.80 -23.14
C THR B 58 15.81 5.30 -23.17
N VAL B 59 16.83 4.55 -22.78
CA VAL B 59 16.75 3.12 -22.65
C VAL B 59 16.90 2.81 -21.17
N CYS B 60 15.82 2.29 -20.58
CA CYS B 60 15.82 1.95 -19.16
C CYS B 60 16.32 0.50 -19.06
N LEU B 61 17.24 0.30 -18.15
CA LEU B 61 17.91 -1.03 -17.97
C LEU B 61 18.00 -1.36 -16.50
N ASN B 62 18.61 -2.52 -16.19
CA ASN B 62 18.64 -2.94 -14.80
C ASN B 62 19.73 -2.38 -13.89
N SER B 63 20.68 -1.64 -14.46
CA SER B 63 21.72 -0.94 -13.67
C SER B 63 22.33 0.10 -14.55
N ALA B 64 23.00 1.07 -13.92
CA ALA B 64 23.91 1.96 -14.62
C ALA B 64 25.11 1.26 -15.22
N THR B 65 25.60 0.23 -14.56
CA THR B 65 26.69 -0.52 -15.07
C THR B 65 26.32 -1.16 -16.41
N ALA B 66 25.13 -1.77 -16.50
CA ALA B 66 24.58 -2.29 -17.75
C ALA B 66 24.48 -1.23 -18.83
N ALA B 67 24.02 -0.04 -18.45
CA ALA B 67 23.92 1.09 -19.39
C ALA B 67 25.26 1.55 -19.95
N LEU B 68 26.24 1.74 -19.06
CA LEU B 68 27.57 2.14 -19.48
C LEU B 68 28.19 1.04 -20.37
N GLU B 69 28.10 -0.22 -19.96
CA GLU B 69 28.60 -1.27 -20.81
C GLU B 69 27.95 -1.28 -22.20
N LEU B 70 26.62 -1.13 -22.25
CA LEU B 70 25.91 -1.22 -23.54
C LEU B 70 26.28 -0.03 -24.43
N ILE B 71 26.48 1.12 -23.84
CA ILE B 71 27.04 2.29 -24.61
C ILE B 71 28.33 1.88 -25.30
N LEU B 72 29.24 1.30 -24.54
CA LEU B 72 30.49 0.86 -25.09
C LEU B 72 30.31 -0.20 -26.16
N ARG B 73 29.37 -1.12 -25.97
CA ARG B 73 29.12 -2.16 -26.97
C ARG B 73 28.42 -1.63 -28.21
N VAL B 74 27.56 -0.63 -28.07
CA VAL B 74 26.95 0.05 -29.23
C VAL B 74 28.06 0.77 -30.04
N LEU B 75 28.96 1.45 -29.34
CA LEU B 75 30.12 2.05 -29.99
C LEU B 75 31.16 1.07 -30.58
N GLU B 76 31.00 -0.23 -30.29
CA GLU B 76 31.93 -1.29 -30.61
C GLU B 76 33.38 -1.03 -30.15
N VAL B 77 33.50 -0.43 -28.97
CA VAL B 77 34.79 -0.29 -28.30
C VAL B 77 35.19 -1.69 -27.83
N GLY B 78 36.40 -2.10 -28.15
CA GLY B 78 36.87 -3.43 -27.78
C GLY B 78 38.38 -3.58 -27.71
N PRO B 79 38.89 -4.80 -27.94
CA PRO B 79 40.35 -5.07 -27.90
C PRO B 79 41.15 -4.12 -28.78
N GLY B 80 42.24 -3.58 -28.22
CA GLY B 80 43.06 -2.62 -28.94
C GLY B 80 42.63 -1.16 -28.78
N ASP B 81 41.40 -0.89 -28.33
CA ASP B 81 40.96 0.47 -28.05
C ASP B 81 41.31 0.88 -26.62
N GLU B 82 41.45 2.19 -26.41
CA GLU B 82 41.63 2.78 -25.09
C GLU B 82 40.39 3.58 -24.67
N VAL B 83 40.07 3.52 -23.38
CA VAL B 83 39.01 4.33 -22.78
C VAL B 83 39.57 5.03 -21.57
N ILE B 84 39.42 6.36 -21.55
CA ILE B 84 39.96 7.14 -20.50
C ILE B 84 38.95 7.28 -19.39
N VAL B 85 39.41 7.09 -18.16
CA VAL B 85 38.60 7.30 -16.97
C VAL B 85 39.40 8.03 -15.92
N PRO B 86 38.71 8.72 -15.00
CA PRO B 86 39.47 9.29 -13.88
C PRO B 86 40.03 8.21 -12.95
N ALA B 87 41.17 8.51 -12.32
CA ALA B 87 41.76 7.67 -11.29
C ALA B 87 40.92 7.66 -10.02
N MET B 88 40.12 8.73 -9.85
CA MET B 88 39.21 8.92 -8.70
C MET B 88 37.77 8.71 -9.19
N THR B 89 37.33 7.46 -9.09
CA THR B 89 35.94 7.12 -9.36
C THR B 89 35.60 5.77 -8.75
N TYR B 90 34.33 5.39 -8.85
CA TYR B 90 33.89 4.07 -8.44
C TYR B 90 34.36 3.00 -9.43
N THR B 91 34.59 1.78 -8.94
CA THR B 91 35.07 0.69 -9.83
C THR B 91 34.24 0.46 -11.09
N ALA B 92 32.92 0.65 -10.98
CA ALA B 92 32.01 0.41 -12.11
C ALA B 92 32.23 1.27 -13.34
N SER B 93 32.73 2.50 -13.16
CA SER B 93 33.10 3.33 -14.29
C SER B 93 34.19 2.72 -15.17
N CYS B 94 35.04 1.91 -14.56
CA CYS B 94 36.21 1.33 -15.20
C CYS B 94 36.06 -0.14 -15.58
N SER B 95 35.36 -0.89 -14.73
CA SER B 95 35.21 -2.34 -14.96
C SER B 95 34.58 -2.67 -16.32
N VAL B 96 33.62 -1.84 -16.76
CA VAL B 96 32.93 -2.08 -18.05
C VAL B 96 33.90 -1.99 -19.22
N ILE B 97 34.96 -1.19 -19.08
CA ILE B 97 36.01 -1.14 -20.11
C ILE B 97 36.65 -2.52 -20.29
N THR B 98 36.97 -3.16 -19.17
CA THR B 98 37.63 -4.45 -19.21
C THR B 98 36.61 -5.48 -19.71
N HIS B 99 35.34 -5.28 -19.39
CA HIS B 99 34.29 -6.23 -19.88
C HIS B 99 34.25 -6.34 -21.40
N VAL B 100 34.42 -5.22 -22.10
CA VAL B 100 34.41 -5.23 -23.58
C VAL B 100 35.79 -5.51 -24.18
N GLY B 101 36.79 -5.67 -23.32
CA GLY B 101 38.12 -6.04 -23.74
C GLY B 101 39.01 -4.88 -24.12
N ALA B 102 38.58 -3.65 -23.86
CA ALA B 102 39.38 -2.46 -24.11
C ALA B 102 40.35 -2.23 -22.97
N THR B 103 41.27 -1.27 -23.18
CA THR B 103 42.28 -0.96 -22.22
C THR B 103 41.90 0.32 -21.46
N PRO B 104 41.72 0.22 -20.13
CA PRO B 104 41.49 1.46 -19.39
C PRO B 104 42.78 2.32 -19.37
N VAL B 105 42.62 3.63 -19.50
CA VAL B 105 43.69 4.63 -19.31
C VAL B 105 43.22 5.60 -18.24
N MET B 106 43.86 5.56 -17.08
CA MET B 106 43.47 6.40 -15.95
C MET B 106 44.21 7.73 -16.04
N VAL B 107 43.51 8.78 -15.61
CA VAL B 107 44.07 10.15 -15.60
C VAL B 107 43.90 10.72 -14.21
N ASP B 108 44.93 11.43 -13.74
CA ASP B 108 44.92 12.00 -12.41
C ASP B 108 43.97 13.18 -12.36
N ILE B 109 43.59 13.54 -11.14
CA ILE B 109 42.64 14.60 -10.93
C ILE B 109 43.35 15.93 -10.56
N GLN B 110 42.55 16.98 -10.35
CA GLN B 110 43.06 18.30 -10.01
C GLN B 110 43.27 18.43 -8.49
N ALA B 111 43.89 19.54 -8.04
CA ALA B 111 44.22 19.71 -6.62
C ALA B 111 42.99 20.06 -5.75
N ASP B 112 41.98 20.68 -6.35
CA ASP B 112 40.90 21.33 -5.61
C ASP B 112 39.56 20.88 -6.12
N THR B 113 39.52 19.71 -6.77
CA THR B 113 38.30 19.13 -7.24
C THR B 113 38.58 17.71 -7.71
N PHE B 114 37.51 16.93 -7.73
CA PHE B 114 37.54 15.55 -8.19
C PHE B 114 37.81 15.42 -9.68
N GLU B 115 37.57 16.48 -10.45
CA GLU B 115 37.64 16.36 -11.89
C GLU B 115 39.01 15.99 -12.37
N MET B 116 39.07 15.35 -13.53
CA MET B 116 40.34 15.10 -14.18
C MET B 116 41.09 16.43 -14.43
N ASP B 117 42.41 16.38 -14.27
CA ASP B 117 43.30 17.39 -14.78
C ASP B 117 43.24 17.27 -16.31
N TYR B 118 42.66 18.28 -16.97
CA TYR B 118 42.36 18.20 -18.41
C TYR B 118 43.57 18.39 -19.31
N ASP B 119 44.67 18.92 -18.74
CA ASP B 119 45.94 18.95 -19.43
C ASP B 119 46.49 17.53 -19.49
N LEU B 120 46.48 16.85 -18.34
CA LEU B 120 46.93 15.47 -18.28
C LEU B 120 46.02 14.56 -19.14
N LEU B 121 44.73 14.91 -19.22
CA LEU B 121 43.80 14.20 -20.13
C LEU B 121 44.23 14.30 -21.59
N GLU B 122 44.55 15.54 -22.01
CA GLU B 122 45.11 15.76 -23.36
C GLU B 122 46.32 14.89 -23.61
N GLN B 123 47.24 14.86 -22.65
CA GLN B 123 48.45 14.03 -22.75
C GLN B 123 48.19 12.54 -22.86
N ALA B 124 47.17 12.05 -22.18
CA ALA B 124 46.82 10.63 -22.21
C ALA B 124 46.15 10.14 -23.51
N ILE B 125 45.68 11.06 -24.35
CA ILE B 125 45.04 10.72 -25.62
C ILE B 125 46.02 10.17 -26.65
N THR B 126 45.63 9.06 -27.29
CA THR B 126 46.44 8.41 -28.33
C THR B 126 45.55 8.09 -29.53
N GLU B 127 46.16 7.48 -30.54
CA GLU B 127 45.43 7.00 -31.71
C GLU B 127 44.42 5.90 -31.39
N LYS B 128 44.60 5.24 -30.25
CA LYS B 128 43.70 4.19 -29.80
C LYS B 128 42.48 4.69 -28.97
N THR B 129 42.51 5.95 -28.52
CA THR B 129 41.48 6.47 -27.63
C THR B 129 40.17 6.59 -28.40
N LYS B 130 39.15 5.90 -27.88
CA LYS B 130 37.78 5.97 -28.42
C LYS B 130 36.80 6.78 -27.57
N VAL B 131 36.98 6.75 -26.25
CA VAL B 131 35.94 7.19 -25.32
C VAL B 131 36.60 7.80 -24.10
N ILE B 132 35.97 8.84 -23.60
CA ILE B 132 36.30 9.41 -22.31
C ILE B 132 35.07 9.27 -21.46
N ILE B 133 35.27 8.79 -20.23
CA ILE B 133 34.22 8.67 -19.21
C ILE B 133 34.44 9.60 -18.02
N PRO B 134 33.96 10.86 -18.10
CA PRO B 134 33.95 11.68 -16.90
C PRO B 134 32.92 11.18 -15.91
N VAL B 135 33.19 11.40 -14.62
CA VAL B 135 32.23 11.06 -13.56
C VAL B 135 31.71 12.29 -12.89
N GLU B 136 30.40 12.34 -12.77
CA GLU B 136 29.76 13.56 -12.26
C GLU B 136 29.63 13.33 -10.73
N LEU B 137 30.75 13.36 -10.06
CA LEU B 137 30.83 12.96 -8.67
C LEU B 137 29.95 13.79 -7.77
N ALA B 138 29.17 13.07 -6.94
CA ALA B 138 28.25 13.64 -5.99
C ALA B 138 27.13 14.48 -6.60
N GLY B 139 27.02 14.48 -7.93
CA GLY B 139 26.03 15.26 -8.69
C GLY B 139 26.63 16.44 -9.41
N ILE B 140 27.91 16.72 -9.13
CA ILE B 140 28.60 17.86 -9.68
C ILE B 140 29.10 17.49 -11.07
N VAL B 141 28.62 18.20 -12.09
CA VAL B 141 28.87 17.90 -13.51
C VAL B 141 30.23 18.47 -13.88
N CYS B 142 30.99 17.75 -14.70
CA CYS B 142 32.30 18.18 -15.15
C CYS B 142 32.32 19.40 -16.12
N ASP B 143 33.51 19.91 -16.36
CA ASP B 143 33.76 21.06 -17.24
C ASP B 143 33.63 20.58 -18.70
N TYR B 144 32.39 20.45 -19.17
CA TYR B 144 32.15 19.97 -20.53
C TYR B 144 32.67 20.89 -21.64
N ASP B 145 32.63 22.20 -21.47
CA ASP B 145 33.26 23.08 -22.46
C ASP B 145 34.73 22.71 -22.67
N ARG B 146 35.46 22.45 -21.60
CA ARG B 146 36.85 22.03 -21.72
C ARG B 146 36.98 20.64 -22.32
N LEU B 147 36.19 19.69 -21.81
CA LEU B 147 36.22 18.33 -22.38
C LEU B 147 36.00 18.32 -23.91
N PHE B 148 34.97 19.02 -24.39
CA PHE B 148 34.70 19.05 -25.85
C PHE B 148 35.82 19.76 -26.64
N GLN B 149 36.46 20.75 -26.02
CA GLN B 149 37.65 21.41 -26.60
C GLN B 149 38.84 20.45 -26.76
N VAL B 150 39.06 19.60 -25.76
CA VAL B 150 40.11 18.58 -25.81
C VAL B 150 39.91 17.60 -26.97
N VAL B 151 38.72 17.00 -27.08
CA VAL B 151 38.49 15.98 -28.12
C VAL B 151 38.57 16.58 -29.53
N GLU B 152 38.07 17.81 -29.67
CA GLU B 152 38.19 18.59 -30.93
C GLU B 152 39.64 18.89 -31.28
N LYS B 153 40.41 19.32 -30.27
CA LYS B 153 41.84 19.62 -30.44
C LYS B 153 42.64 18.39 -30.92
N LYS B 154 42.32 17.22 -30.37
CA LYS B 154 43.01 15.97 -30.72
C LYS B 154 42.33 15.15 -31.81
N ARG B 155 41.35 15.73 -32.51
CA ARG B 155 40.62 15.03 -33.57
C ARG B 155 41.50 14.25 -34.56
N ASP B 156 42.66 14.80 -34.93
CA ASP B 156 43.60 14.13 -35.86
C ASP B 156 44.23 12.83 -35.36
N PHE B 157 44.22 12.60 -34.04
CA PHE B 157 44.61 11.30 -33.49
C PHE B 157 43.56 10.21 -33.75
N PHE B 158 42.32 10.59 -34.02
CA PHE B 158 41.21 9.63 -34.11
C PHE B 158 41.17 8.90 -35.44
N THR B 159 40.91 7.59 -35.37
CA THR B 159 40.68 6.77 -36.57
C THR B 159 39.50 5.90 -36.26
N ALA B 160 38.35 6.22 -36.85
CA ALA B 160 37.12 5.44 -36.65
C ALA B 160 37.31 3.97 -37.06
N SER B 161 36.73 3.04 -36.30
CA SER B 161 36.70 1.61 -36.68
C SER B 161 35.37 0.93 -36.33
N SER B 162 34.27 1.66 -36.45
CA SER B 162 32.93 1.09 -36.35
C SER B 162 31.94 2.10 -36.91
N LYS B 163 30.72 1.66 -37.16
CA LYS B 163 29.66 2.53 -37.69
C LYS B 163 29.55 3.82 -36.90
N TRP B 164 29.29 3.70 -35.60
CA TRP B 164 29.06 4.87 -34.77
C TRP B 164 30.32 5.70 -34.53
N GLN B 165 31.49 5.06 -34.44
CA GLN B 165 32.76 5.82 -34.35
C GLN B 165 33.01 6.69 -35.58
N LYS B 166 32.66 6.18 -36.76
CA LYS B 166 32.70 6.98 -37.99
C LYS B 166 31.75 8.19 -38.01
N ALA B 167 30.56 8.02 -37.44
CA ALA B 167 29.51 9.05 -37.37
C ALA B 167 29.96 10.31 -36.59
N PHE B 168 30.39 10.06 -35.35
CA PHE B 168 31.17 11.00 -34.59
C PHE B 168 32.44 10.71 -35.34
N ASN B 169 33.34 11.61 -35.55
CA ASN B 169 34.64 11.14 -36.13
C ASN B 169 35.66 11.71 -35.19
N ARG B 170 35.41 11.47 -33.90
CA ARG B 170 36.24 11.95 -32.81
C ARG B 170 36.04 11.04 -31.59
N ILE B 171 36.79 11.31 -30.53
CA ILE B 171 36.58 10.66 -29.24
C ILE B 171 35.15 10.95 -28.78
N VAL B 172 34.45 9.91 -28.34
CA VAL B 172 33.07 10.05 -27.84
C VAL B 172 33.14 10.25 -26.32
N ILE B 173 32.35 11.21 -25.82
CA ILE B 173 32.37 11.52 -24.40
C ILE B 173 31.12 10.97 -23.75
N VAL B 174 31.31 10.04 -22.81
CA VAL B 174 30.23 9.32 -22.18
C VAL B 174 30.21 9.66 -20.70
N SER B 175 29.15 10.32 -20.27
CA SER B 175 29.02 10.74 -18.89
C SER B 175 28.61 9.57 -18.00
N ASP B 176 29.42 9.28 -16.99
CA ASP B 176 28.91 8.55 -15.83
C ASP B 176 28.14 9.49 -14.89
N SER B 177 26.82 9.58 -15.11
CA SER B 177 25.89 10.31 -14.28
C SER B 177 25.12 9.46 -13.24
N ALA B 178 25.74 8.40 -12.73
CA ALA B 178 25.13 7.67 -11.66
C ALA B 178 24.63 8.60 -10.54
N HIS B 179 25.41 9.63 -10.21
CA HIS B 179 25.12 10.47 -9.10
C HIS B 179 24.35 11.73 -9.51
N ALA B 180 24.03 11.83 -10.80
CA ALA B 180 23.70 13.15 -11.38
C ALA B 180 22.38 13.26 -12.12
N LEU B 181 21.44 12.35 -11.86
CA LEU B 181 20.09 12.63 -12.42
C LEU B 181 19.55 13.94 -11.80
N GLY B 182 19.20 14.89 -12.69
CA GLY B 182 18.68 16.18 -12.30
C GLY B 182 19.70 17.27 -12.08
N SER B 183 20.98 16.97 -12.20
CA SER B 183 22.02 17.99 -12.13
C SER B 183 21.99 18.79 -13.42
N THR B 184 22.51 20.02 -13.37
CA THR B 184 22.63 20.87 -14.56
C THR B 184 24.04 21.45 -14.69
N TYR B 185 24.40 21.74 -15.93
CA TYR B 185 25.63 22.41 -16.31
C TYR B 185 25.23 23.51 -17.31
N LYS B 186 25.47 24.76 -16.93
CA LYS B 186 25.08 25.95 -17.72
C LYS B 186 23.60 25.89 -18.07
N GLY B 187 22.80 25.47 -17.09
CA GLY B 187 21.37 25.36 -17.26
C GLY B 187 20.82 24.15 -17.99
N GLN B 188 21.69 23.25 -18.48
CA GLN B 188 21.25 22.11 -19.27
C GLN B 188 21.33 20.83 -18.40
N PRO B 189 20.31 19.96 -18.48
CA PRO B 189 20.28 18.76 -17.66
C PRO B 189 21.31 17.72 -18.04
N SER B 190 21.87 17.05 -17.04
CA SER B 190 22.76 15.92 -17.30
C SER B 190 21.94 14.96 -18.11
N GLY B 191 22.58 14.34 -19.11
CA GLY B 191 21.88 13.59 -20.14
C GLY B 191 21.96 14.29 -21.47
N SER B 192 21.82 15.62 -21.47
CA SER B 192 21.88 16.45 -22.70
C SER B 192 23.28 17.01 -23.02
N ILE B 193 24.28 16.70 -22.20
CA ILE B 193 25.57 17.40 -22.29
C ILE B 193 26.62 16.56 -23.00
N ALA B 194 26.85 15.37 -22.46
CA ALA B 194 27.73 14.42 -23.06
C ALA B 194 27.11 13.82 -24.29
N ASP B 195 27.93 13.15 -25.08
CA ASP B 195 27.44 12.41 -26.26
C ASP B 195 26.48 11.26 -25.84
N PHE B 196 26.90 10.50 -24.84
CA PHE B 196 26.04 9.49 -24.20
C PHE B 196 26.16 9.66 -22.69
N THR B 197 25.09 9.29 -21.98
CA THR B 197 25.04 9.37 -20.53
C THR B 197 24.42 8.10 -19.91
N SER B 198 25.06 7.56 -18.86
CA SER B 198 24.44 6.52 -17.99
C SER B 198 24.00 7.07 -16.64
N PHE B 199 22.79 6.68 -16.25
CA PHE B 199 22.24 7.01 -14.94
C PHE B 199 22.05 5.78 -14.10
N SER B 200 22.02 5.97 -12.77
CA SER B 200 21.82 4.89 -11.82
C SER B 200 20.61 5.20 -11.01
N PHE B 201 19.78 4.17 -10.85
CA PHE B 201 18.61 4.20 -9.96
C PHE B 201 18.75 3.17 -8.84
N HIS B 202 19.98 2.84 -8.50
CA HIS B 202 20.27 1.93 -7.37
C HIS B 202 19.63 2.42 -6.05
N ALA B 203 19.34 1.47 -5.15
CA ALA B 203 18.70 1.70 -3.85
C ALA B 203 19.20 2.94 -3.08
N VAL B 204 20.49 3.26 -3.20
CA VAL B 204 21.12 4.34 -2.43
C VAL B 204 21.16 5.67 -3.21
N LYS B 205 20.65 5.70 -4.44
CA LYS B 205 20.76 6.90 -5.29
C LYS B 205 19.62 7.91 -5.03
N ASN B 206 19.73 9.13 -5.56
CA ASN B 206 18.69 10.14 -5.32
C ASN B 206 17.32 9.67 -5.79
N PHE B 207 17.31 9.01 -6.94
CA PHE B 207 16.10 8.51 -7.65
C PHE B 207 16.32 7.05 -7.69
N THR B 208 15.38 6.27 -7.17
CA THR B 208 15.64 4.82 -7.05
C THR B 208 14.53 3.93 -7.61
N THR B 209 14.95 2.83 -8.19
CA THR B 209 14.07 1.76 -8.53
C THR B 209 14.63 0.48 -7.89
N ALA B 210 15.36 0.62 -6.76
CA ALA B 210 16.07 -0.44 -6.01
C ALA B 210 17.27 -0.96 -6.78
N GLU B 211 17.03 -1.45 -8.00
CA GLU B 211 18.08 -1.66 -8.98
C GLU B 211 17.57 -1.12 -10.30
N GLY B 212 18.40 -0.34 -10.97
CA GLY B 212 18.02 0.17 -12.28
C GLY B 212 18.96 1.23 -12.78
N GLY B 213 18.78 1.57 -14.04
CA GLY B 213 19.51 2.67 -14.60
C GLY B 213 19.08 2.86 -16.02
N SER B 214 19.77 3.78 -16.68
CA SER B 214 19.40 4.11 -18.04
C SER B 214 20.59 4.60 -18.83
N ALA B 215 20.43 4.46 -20.15
CA ALA B 215 21.29 5.04 -21.14
C ALA B 215 20.50 6.04 -21.96
N THR B 216 21.11 7.17 -22.21
CA THR B 216 20.58 8.13 -23.17
C THR B 216 21.73 8.81 -23.92
N TRP B 217 21.37 9.68 -24.87
CA TRP B 217 22.32 10.37 -25.70
C TRP B 217 21.73 11.73 -26.10
N LYS B 218 22.60 12.71 -26.25
CA LYS B 218 22.10 14.03 -26.64
C LYS B 218 21.75 14.02 -28.13
N ALA B 219 20.76 14.83 -28.50
CA ALA B 219 20.38 14.98 -29.88
C ALA B 219 21.60 15.31 -30.72
N ASN B 220 21.74 14.62 -31.83
CA ASN B 220 22.84 14.82 -32.75
C ASN B 220 22.35 14.44 -34.16
N PRO B 221 22.56 15.33 -35.15
CA PRO B 221 22.12 14.99 -36.51
C PRO B 221 22.67 13.66 -37.07
N VAL B 222 23.82 13.19 -36.62
CA VAL B 222 24.35 11.93 -37.17
C VAL B 222 23.74 10.69 -36.50
N ILE B 223 22.91 10.85 -35.47
CA ILE B 223 22.23 9.73 -34.88
C ILE B 223 20.75 9.73 -35.23
N ASP B 224 20.33 8.65 -35.87
CA ASP B 224 18.92 8.30 -35.97
C ASP B 224 18.51 7.73 -34.60
N ASP B 225 17.67 8.47 -33.87
CA ASP B 225 17.29 8.09 -32.49
C ASP B 225 16.53 6.76 -32.37
N GLU B 226 15.63 6.46 -33.32
CA GLU B 226 14.91 5.21 -33.28
C GLU B 226 15.83 4.02 -33.54
N GLU B 227 16.75 4.18 -34.49
CA GLU B 227 17.75 3.15 -34.84
C GLU B 227 18.66 2.88 -33.65
N MET B 228 19.13 3.96 -33.02
CA MET B 228 19.99 3.86 -31.84
C MET B 228 19.25 3.17 -30.69
N TYR B 229 18.01 3.57 -30.49
CA TYR B 229 17.17 2.99 -29.45
C TYR B 229 17.01 1.52 -29.70
N LYS B 230 16.65 1.15 -30.92
CA LYS B 230 16.56 -0.30 -31.23
C LYS B 230 17.83 -1.13 -31.00
N GLU B 231 18.99 -0.56 -31.28
CA GLU B 231 20.26 -1.28 -31.06
C GLU B 231 20.50 -1.62 -29.57
N PHE B 232 20.16 -0.67 -28.69
CA PHE B 232 20.27 -0.91 -27.24
C PHE B 232 19.30 -2.00 -26.80
N GLN B 233 18.06 -1.92 -27.36
CA GLN B 233 17.01 -2.87 -27.02
C GLN B 233 17.45 -4.29 -27.31
N ILE B 234 17.99 -4.46 -28.52
CA ILE B 234 18.49 -5.77 -29.01
C ILE B 234 19.64 -6.32 -28.11
N LEU B 235 20.58 -5.46 -27.71
CA LEU B 235 21.67 -5.89 -26.85
C LEU B 235 21.23 -6.22 -25.45
N SER B 236 20.16 -5.58 -24.97
CA SER B 236 19.66 -5.75 -23.63
C SER B 236 18.80 -7.03 -23.49
N LEU B 237 18.37 -7.57 -24.62
CA LEU B 237 17.38 -8.69 -24.65
C LEU B 237 17.76 -9.75 -25.67
N HIS B 238 18.96 -10.31 -25.46
CA HIS B 238 19.45 -11.54 -26.08
C HIS B 238 19.76 -11.42 -27.57
N GLY B 239 19.80 -10.21 -28.10
CA GLY B 239 19.99 -10.04 -29.53
C GLY B 239 18.75 -10.38 -30.35
N GLN B 240 17.59 -10.42 -29.71
CA GLN B 240 16.38 -10.91 -30.33
C GLN B 240 15.76 -9.80 -31.17
N THR B 241 15.35 -10.13 -32.41
CA THR B 241 14.61 -9.22 -33.29
C THR B 241 13.42 -9.97 -33.92
N LYS B 242 12.38 -9.21 -34.31
CA LYS B 242 11.24 -9.69 -35.10
C LYS B 242 11.03 -8.76 -36.29
N ASP B 243 10.75 -9.33 -37.45
CA ASP B 243 10.54 -8.52 -38.65
C ASP B 243 9.08 -8.04 -38.77
N ALA B 244 8.82 -7.20 -39.76
CA ALA B 244 7.47 -6.62 -39.95
C ALA B 244 6.39 -7.68 -40.12
N LEU B 245 6.68 -8.65 -40.97
CA LEU B 245 5.76 -9.77 -41.21
C LEU B 245 5.42 -10.52 -39.92
N ALA B 246 6.44 -10.86 -39.11
CA ALA B 246 6.21 -11.59 -37.87
C ALA B 246 5.31 -10.82 -36.90
N LYS B 247 5.51 -9.50 -36.82
CA LYS B 247 4.71 -8.69 -35.88
C LYS B 247 3.25 -8.56 -36.32
N MET B 248 2.99 -8.55 -37.63
CA MET B 248 1.62 -8.32 -38.13
C MET B 248 0.74 -9.57 -38.03
N GLN B 249 1.37 -10.73 -38.03
CA GLN B 249 0.65 -11.99 -37.92
C GLN B 249 -0.02 -12.11 -36.57
N LEU B 250 -1.15 -12.80 -36.54
CA LEU B 250 -1.89 -13.00 -35.31
C LEU B 250 -1.05 -13.77 -34.31
N GLY B 251 -0.38 -14.80 -34.81
CA GLY B 251 0.59 -15.55 -34.02
C GLY B 251 1.96 -15.01 -34.36
N SER B 252 2.52 -14.15 -33.50
CA SER B 252 3.85 -13.53 -33.72
C SER B 252 4.97 -14.24 -32.98
N TRP B 253 5.10 -15.55 -33.19
CA TRP B 253 6.15 -16.34 -32.49
C TRP B 253 7.57 -16.14 -33.06
N GLU B 254 7.72 -15.94 -34.36
CA GLU B 254 9.02 -16.07 -35.01
C GLU B 254 9.95 -14.87 -34.76
N TYR B 255 11.18 -15.19 -34.36
CA TYR B 255 12.24 -14.19 -34.10
C TYR B 255 13.51 -14.74 -34.63
N ASP B 256 14.50 -13.86 -34.68
CA ASP B 256 15.88 -14.19 -34.96
C ASP B 256 16.73 -13.70 -33.80
N ILE B 257 17.93 -14.24 -33.69
CA ILE B 257 18.93 -13.75 -32.74
C ILE B 257 20.05 -13.21 -33.63
N VAL B 258 20.35 -11.93 -33.56
CA VAL B 258 21.35 -11.34 -34.51
C VAL B 258 22.75 -11.34 -33.97
N THR B 259 22.88 -11.36 -32.66
CA THR B 259 24.19 -11.50 -32.04
C THR B 259 23.90 -12.09 -30.63
N PRO B 260 24.85 -12.84 -30.05
CA PRO B 260 24.57 -13.46 -28.74
C PRO B 260 24.72 -12.44 -27.63
N ALA B 261 23.67 -11.67 -27.37
CA ALA B 261 23.79 -10.48 -26.54
C ALA B 261 23.35 -10.78 -25.08
N TYR B 262 22.79 -9.79 -24.38
CA TYR B 262 22.82 -9.73 -22.92
C TYR B 262 21.40 -9.69 -22.39
N LYS B 263 21.27 -9.51 -21.08
CA LYS B 263 19.99 -9.71 -20.42
C LYS B 263 19.98 -8.68 -19.29
N CYS B 264 19.59 -7.47 -19.65
CA CYS B 264 19.59 -6.40 -18.67
C CYS B 264 18.46 -5.39 -18.83
N ASN B 265 17.32 -5.88 -19.31
CA ASN B 265 16.07 -5.10 -19.39
C ASN B 265 15.53 -4.73 -18.01
N MET B 266 14.84 -3.58 -17.98
CA MET B 266 14.06 -3.15 -16.81
C MET B 266 12.67 -3.72 -16.79
N THR B 267 12.23 -4.17 -15.61
CA THR B 267 10.89 -4.64 -15.43
C THR B 267 9.91 -3.48 -15.12
N ASP B 268 8.63 -3.72 -15.39
CA ASP B 268 7.59 -2.74 -15.06
C ASP B 268 7.44 -2.55 -13.54
N ILE B 269 7.93 -3.54 -12.78
CA ILE B 269 7.94 -3.42 -11.32
C ILE B 269 8.84 -2.25 -10.94
N MET B 270 10.05 -2.28 -11.47
CA MET B 270 11.05 -1.22 -11.28
C MET B 270 10.61 0.09 -11.94
N ALA B 271 10.05 0.02 -13.15
CA ALA B 271 9.55 1.27 -13.82
C ALA B 271 8.48 1.95 -12.99
N SER B 272 7.64 1.15 -12.32
CA SER B 272 6.59 1.66 -11.47
C SER B 272 7.20 2.58 -10.38
N LEU B 273 8.23 2.08 -9.70
CA LEU B 273 8.95 2.87 -8.70
C LEU B 273 9.45 4.16 -9.33
N GLY B 274 10.00 4.04 -10.53
CA GLY B 274 10.54 5.16 -11.25
C GLY B 274 9.55 6.23 -11.61
N LEU B 275 8.34 5.86 -12.01
CA LEU B 275 7.35 6.84 -12.44
C LEU B 275 6.94 7.75 -11.28
N VAL B 276 6.76 7.14 -10.11
CA VAL B 276 6.40 7.86 -8.89
C VAL B 276 7.58 8.70 -8.37
N GLN B 277 8.78 8.09 -8.35
CA GLN B 277 10.00 8.81 -7.97
C GLN B 277 10.20 10.07 -8.81
N LEU B 278 9.90 9.92 -10.10
CA LEU B 278 10.05 11.03 -11.03
C LEU B 278 9.03 12.14 -10.72
N ASP B 279 7.80 11.80 -10.38
CA ASP B 279 6.80 12.84 -9.89
C ASP B 279 7.33 13.53 -8.63
N ARG B 280 7.83 12.70 -7.72
CA ARG B 280 8.38 13.16 -6.44
C ARG B 280 9.71 13.91 -6.55
N TYR B 281 10.41 13.79 -7.68
CA TYR B 281 11.79 14.21 -7.74
C TYR B 281 12.08 15.72 -7.50
N PRO B 282 11.29 16.65 -8.10
CA PRO B 282 11.48 18.07 -7.78
C PRO B 282 11.48 18.32 -6.27
N SER B 283 10.51 17.78 -5.52
CA SER B 283 10.48 17.95 -4.04
C SER B 283 11.71 17.29 -3.32
N LEU B 284 12.13 16.14 -3.81
CA LEU B 284 13.32 15.46 -3.24
C LEU B 284 14.57 16.29 -3.44
N LEU B 285 14.71 16.80 -4.64
CA LEU B 285 15.84 17.65 -4.98
C LEU B 285 15.86 18.90 -4.11
N GLN B 286 14.67 19.46 -3.82
CA GLN B 286 14.55 20.66 -2.99
C GLN B 286 15.02 20.35 -1.56
N ARG B 287 14.52 19.24 -0.99
CA ARG B 287 14.96 18.86 0.34
C ARG B 287 16.50 18.71 0.41
N ARG B 288 17.12 18.14 -0.61
CA ARG B 288 18.58 17.89 -0.60
C ARG B 288 19.33 19.23 -0.63
N LYS B 289 18.78 20.15 -1.39
CA LYS B 289 19.27 21.53 -1.39
C LYS B 289 19.30 22.13 0.01
N ASP B 290 18.17 22.06 0.69
CA ASP B 290 18.02 22.60 2.05
C ASP B 290 18.98 21.96 3.06
N ILE B 291 19.19 20.65 2.96
CA ILE B 291 20.20 19.97 3.80
C ILE B 291 21.60 20.43 3.47
N VAL B 292 21.93 20.50 2.18
CA VAL B 292 23.27 20.95 1.78
C VAL B 292 23.54 22.37 2.24
N ASP B 293 22.58 23.26 2.06
CA ASP B 293 22.76 24.67 2.51
C ASP B 293 22.96 24.74 4.04
N ARG B 294 22.26 23.89 4.79
CA ARG B 294 22.43 23.83 6.25
C ARG B 294 23.85 23.32 6.62
N TYR B 295 24.27 22.24 6.00
CA TYR B 295 25.65 21.72 6.19
C TYR B 295 26.68 22.81 5.83
N ASP B 296 26.49 23.39 4.64
CA ASP B 296 27.41 24.44 4.18
C ASP B 296 27.55 25.58 5.19
N SER B 297 26.45 26.09 5.72
CA SER B 297 26.55 27.20 6.68
C SER B 297 27.20 26.68 7.96
N GLY B 298 26.85 25.47 8.36
CA GLY B 298 27.44 24.83 9.54
C GLY B 298 28.94 24.65 9.52
N PHE B 299 29.48 24.29 8.36
CA PHE B 299 30.93 24.06 8.20
C PHE B 299 31.75 25.26 7.79
N ALA B 300 31.10 26.37 7.46
CA ALA B 300 31.80 27.62 7.08
C ALA B 300 32.85 27.99 8.11
N GLY B 301 34.05 28.32 7.65
CA GLY B 301 35.16 28.74 8.51
C GLY B 301 35.81 27.64 9.31
N SER B 302 35.34 26.39 9.20
CA SER B 302 35.94 25.28 9.93
C SER B 302 36.99 24.59 9.06
N ARG B 303 37.64 23.56 9.61
CA ARG B 303 38.55 22.74 8.82
C ARG B 303 37.81 21.75 7.85
N ILE B 304 36.52 21.54 8.09
CA ILE B 304 35.70 20.72 7.22
C ILE B 304 35.35 21.51 5.94
N HIS B 305 35.91 21.08 4.80
CA HIS B 305 35.70 21.70 3.49
C HIS B 305 34.87 20.81 2.54
N PRO B 306 33.59 21.13 2.37
CA PRO B 306 32.75 20.38 1.43
C PRO B 306 32.97 20.74 -0.03
N LEU B 307 32.74 19.80 -0.90
CA LEU B 307 32.69 20.09 -2.32
C LEU B 307 31.47 20.94 -2.55
N ALA B 308 31.61 21.92 -3.43
CA ALA B 308 30.56 22.86 -3.70
C ALA B 308 29.53 22.26 -4.64
N HIS B 309 28.28 22.29 -4.19
CA HIS B 309 27.16 21.82 -4.99
C HIS B 309 26.48 22.86 -5.86
N LYS B 310 26.84 24.12 -5.65
CA LYS B 310 26.36 25.19 -6.49
C LYS B 310 27.58 25.96 -6.92
N THR B 311 27.81 26.02 -8.23
CA THR B 311 28.90 26.82 -8.81
C THR B 311 28.35 27.74 -9.93
N GLU B 312 29.23 28.57 -10.46
CA GLU B 312 28.96 29.40 -11.61
C GLU B 312 28.34 28.64 -12.76
N THR B 313 28.82 27.41 -12.98
CA THR B 313 28.32 26.53 -14.05
C THR B 313 27.43 25.36 -13.64
N VAL B 314 27.46 24.93 -12.38
CA VAL B 314 26.75 23.70 -11.97
C VAL B 314 25.71 23.92 -10.90
N GLU B 315 24.53 23.33 -11.10
CA GLU B 315 23.60 23.10 -10.01
C GLU B 315 23.54 21.59 -9.84
N SER B 316 24.18 21.11 -8.78
CA SER B 316 24.25 19.65 -8.50
C SER B 316 22.93 19.12 -8.02
N SER B 317 22.65 17.86 -8.34
CA SER B 317 21.50 17.15 -7.78
C SER B 317 21.68 16.80 -6.31
N ARG B 318 22.89 17.04 -5.78
CA ARG B 318 23.19 16.93 -4.36
C ARG B 318 22.98 15.50 -3.88
N HIS B 319 23.70 14.60 -4.52
CA HIS B 319 23.66 13.17 -4.15
C HIS B 319 24.54 12.78 -2.96
N LEU B 320 25.79 13.27 -2.93
CA LEU B 320 26.73 12.98 -1.81
C LEU B 320 27.29 14.25 -1.23
N TYR B 321 27.35 14.30 0.10
CA TYR B 321 28.00 15.40 0.78
C TYR B 321 29.44 15.03 1.07
N ILE B 322 30.25 15.20 0.03
CA ILE B 322 31.69 14.95 0.08
C ILE B 322 32.44 16.11 0.79
N THR B 323 33.27 15.76 1.77
CA THR B 323 34.07 16.73 2.50
C THR B 323 35.45 16.26 2.51
N ARG B 324 36.36 17.23 2.64
CA ARG B 324 37.74 16.96 2.99
C ARG B 324 38.14 17.76 4.25
N VAL B 325 38.86 17.12 5.16
CA VAL B 325 39.25 17.74 6.45
C VAL B 325 40.69 18.23 6.33
N GLU B 326 40.87 19.53 6.34
CA GLU B 326 42.21 20.10 6.16
C GLU B 326 43.15 19.60 7.21
N GLY B 327 44.34 19.20 6.75
CA GLY B 327 45.42 18.84 7.65
C GLY B 327 45.40 17.41 8.19
N ALA B 328 44.42 16.61 7.80
CA ALA B 328 44.23 15.27 8.36
C ALA B 328 45.00 14.24 7.51
N SER B 329 45.78 13.41 8.18
CA SER B 329 46.38 12.24 7.52
C SER B 329 45.36 11.13 7.27
N LEU B 330 45.77 10.16 6.46
CA LEU B 330 45.07 8.90 6.31
C LEU B 330 44.59 8.31 7.62
N GLU B 331 45.51 8.18 8.57
CA GLU B 331 45.21 7.52 9.82
C GLU B 331 44.23 8.32 10.67
N GLU B 332 44.38 9.63 10.60
CA GLU B 332 43.50 10.54 11.33
C GLU B 332 42.11 10.55 10.73
N ARG B 333 42.02 10.52 9.40
CA ARG B 333 40.72 10.43 8.71
C ARG B 333 40.00 9.18 9.16
N ASN B 334 40.72 8.06 9.22
CA ASN B 334 40.09 6.79 9.58
C ASN B 334 39.57 6.85 11.02
N LEU B 335 40.35 7.46 11.91
CA LEU B 335 39.94 7.63 13.32
C LEU B 335 38.69 8.50 13.44
N ILE B 336 38.66 9.61 12.72
CA ILE B 336 37.46 10.46 12.67
C ILE B 336 36.18 9.67 12.24
N ILE B 337 36.27 8.82 11.23
CA ILE B 337 35.12 8.04 10.82
C ILE B 337 34.63 7.14 11.96
N GLN B 338 35.57 6.48 12.63
CA GLN B 338 35.20 5.58 13.75
C GLN B 338 34.61 6.36 14.94
N GLU B 339 35.12 7.57 15.18
CA GLU B 339 34.52 8.47 16.20
C GLU B 339 33.13 8.98 15.82
N LEU B 340 32.92 9.27 14.55
CA LEU B 340 31.56 9.59 14.05
C LEU B 340 30.61 8.42 14.31
N ALA B 341 31.10 7.22 14.05
CA ALA B 341 30.28 6.00 14.20
C ALA B 341 29.90 5.76 15.64
N LYS B 342 30.84 5.99 16.57
CA LYS B 342 30.52 5.90 18.01
C LYS B 342 29.46 6.91 18.45
N ALA B 343 29.40 8.04 17.76
CA ALA B 343 28.44 9.09 18.03
C ALA B 343 27.09 8.87 17.28
N GLY B 344 26.92 7.71 16.66
CA GLY B 344 25.68 7.38 15.93
C GLY B 344 25.54 7.99 14.53
N ILE B 345 26.68 8.30 13.90
CA ILE B 345 26.71 8.93 12.58
C ILE B 345 27.45 8.08 11.59
N ALA B 346 26.69 7.53 10.62
CA ALA B 346 27.27 6.75 9.55
C ALA B 346 27.95 7.72 8.58
N SER B 347 29.06 7.29 8.01
CA SER B 347 29.83 8.09 7.07
C SER B 347 30.49 7.12 6.09
N ASN B 348 31.06 7.67 5.03
CA ASN B 348 31.64 6.86 4.00
C ASN B 348 32.83 7.53 3.38
N VAL B 349 33.51 6.84 2.47
CA VAL B 349 34.62 7.42 1.72
C VAL B 349 34.39 7.22 0.24
N HIS B 350 34.35 8.33 -0.51
CA HIS B 350 34.21 8.30 -1.95
C HIS B 350 35.42 9.08 -2.50
N TYR B 351 36.47 8.41 -2.98
CA TYR B 351 36.62 6.94 -3.04
C TYR B 351 38.08 6.63 -2.88
N LYS B 352 38.38 5.39 -2.57
CA LYS B 352 39.71 4.86 -2.86
C LYS B 352 39.98 5.08 -4.33
N PRO B 353 41.13 5.67 -4.70
CA PRO B 353 41.44 5.70 -6.11
C PRO B 353 41.53 4.29 -6.65
N LEU B 354 41.17 4.12 -7.92
CA LEU B 354 41.20 2.78 -8.55
C LEU B 354 42.52 2.02 -8.33
N PRO B 355 43.69 2.69 -8.49
CA PRO B 355 44.95 2.02 -8.30
C PRO B 355 45.16 1.41 -6.93
N LEU B 356 44.35 1.77 -5.92
CA LEU B 356 44.49 1.15 -4.60
C LEU B 356 43.83 -0.23 -4.55
N LEU B 357 42.91 -0.49 -5.47
CA LEU B 357 42.13 -1.73 -5.50
C LEU B 357 42.93 -2.84 -6.18
N THR B 358 42.93 -4.00 -5.54
CA THR B 358 43.59 -5.20 -6.05
C THR B 358 43.36 -5.44 -7.56
N ALA B 359 42.12 -5.32 -8.03
CA ALA B 359 41.80 -5.62 -9.43
C ALA B 359 42.60 -4.78 -10.42
N TYR B 360 42.78 -3.50 -10.09
CA TYR B 360 43.48 -2.54 -10.98
C TYR B 360 45.00 -2.55 -10.75
N LYS B 361 45.40 -2.77 -9.50
CA LYS B 361 46.80 -3.11 -9.19
C LYS B 361 47.27 -4.28 -10.02
N ASN B 362 46.40 -5.30 -10.09
CA ASN B 362 46.67 -6.48 -10.88
C ASN B 362 46.75 -6.24 -12.38
N LEU B 363 46.15 -5.16 -12.87
CA LEU B 363 46.29 -4.73 -14.27
C LEU B 363 47.42 -3.70 -14.49
N GLY B 364 48.29 -3.52 -13.50
CA GLY B 364 49.49 -2.68 -13.68
C GLY B 364 49.32 -1.21 -13.30
N PHE B 365 48.16 -0.82 -12.79
CA PHE B 365 47.98 0.55 -12.34
C PHE B 365 48.65 0.82 -11.00
N ASP B 366 49.30 1.98 -10.88
CA ASP B 366 50.18 2.27 -9.76
C ASP B 366 49.77 3.61 -9.15
N MET B 367 49.41 3.58 -7.86
CA MET B 367 48.97 4.74 -7.10
C MET B 367 49.95 5.93 -7.17
N THR B 368 51.26 5.66 -7.24
CA THR B 368 52.27 6.73 -7.28
C THR B 368 52.18 7.59 -8.55
N ASN B 369 51.53 7.06 -9.61
CA ASN B 369 51.24 7.86 -10.81
C ASN B 369 50.07 8.85 -10.70
N TYR B 370 49.28 8.76 -9.62
CA TYR B 370 48.07 9.60 -9.48
C TYR B 370 48.03 10.21 -8.07
N PRO B 371 49.04 11.04 -7.72
CA PRO B 371 49.09 11.62 -6.38
C PRO B 371 47.91 12.51 -5.97
N LYS B 372 47.30 13.20 -6.93
CA LYS B 372 46.20 14.11 -6.63
C LYS B 372 44.96 13.32 -6.25
N ALA B 373 44.76 12.20 -6.97
CA ALA B 373 43.72 11.23 -6.61
C ALA B 373 43.92 10.75 -5.20
N TYR B 374 45.16 10.40 -4.85
CA TYR B 374 45.47 9.94 -3.48
C TYR B 374 45.17 11.00 -2.44
N ALA B 375 45.61 12.23 -2.73
CA ALA B 375 45.49 13.32 -1.75
C ALA B 375 44.01 13.68 -1.51
N PHE B 376 43.19 13.60 -2.55
CA PHE B 376 41.73 13.80 -2.42
C PHE B 376 41.11 12.78 -1.47
N PHE B 377 41.46 11.51 -1.69
CA PHE B 377 41.00 10.37 -0.90
C PHE B 377 41.43 10.46 0.55
N GLU B 378 42.70 10.81 0.77
CA GLU B 378 43.32 10.72 2.05
C GLU B 378 42.56 11.38 3.20
N ASN B 379 41.98 12.56 2.94
CA ASN B 379 41.30 13.30 3.96
C ASN B 379 39.77 13.44 3.71
N GLU B 380 39.25 12.59 2.87
CA GLU B 380 37.86 12.68 2.40
C GLU B 380 36.94 11.93 3.34
N ILE B 381 35.84 12.58 3.74
CA ILE B 381 34.76 11.92 4.47
C ILE B 381 33.40 12.35 3.89
N THR B 382 32.57 11.38 3.60
CA THR B 382 31.24 11.64 3.08
C THR B 382 30.28 11.56 4.24
N LEU B 383 29.56 12.65 4.49
CA LEU B 383 28.48 12.67 5.46
C LEU B 383 27.17 12.27 4.82
N PRO B 384 26.23 11.77 5.64
CA PRO B 384 24.90 11.38 5.11
C PRO B 384 24.17 12.54 4.40
N LEU B 385 23.58 12.23 3.23
CA LEU B 385 22.78 13.18 2.48
C LEU B 385 21.65 12.39 1.77
N HIS B 386 20.47 12.45 2.38
CA HIS B 386 19.32 11.79 1.89
C HIS B 386 18.11 12.43 2.54
N THR B 387 16.93 12.07 2.03
CA THR B 387 15.70 12.82 2.34
C THR B 387 14.98 12.35 3.58
N LYS B 388 15.54 11.36 4.28
CA LYS B 388 15.03 10.94 5.60
C LYS B 388 15.72 11.67 6.75
N LEU B 389 16.76 12.45 6.46
CA LEU B 389 17.46 13.24 7.49
C LEU B 389 16.55 14.36 8.02
N SER B 390 16.41 14.45 9.34
CA SER B 390 15.78 15.60 9.95
C SER B 390 16.78 16.74 10.08
N ASP B 391 16.28 17.96 10.19
CA ASP B 391 17.11 19.11 10.51
C ASP B 391 17.93 18.91 11.80
N GLU B 392 17.33 18.31 12.82
CA GLU B 392 17.99 18.06 14.12
C GLU B 392 19.17 17.11 13.95
N GLU B 393 19.00 16.09 13.14
CA GLU B 393 20.10 15.18 12.79
C GLU B 393 21.26 15.89 12.05
N VAL B 394 20.91 16.74 11.07
CA VAL B 394 21.91 17.53 10.33
C VAL B 394 22.70 18.40 11.31
N ASP B 395 21.98 19.09 12.19
CA ASP B 395 22.60 19.96 13.20
C ASP B 395 23.53 19.17 14.11
N TYR B 396 23.06 17.99 14.52
CA TYR B 396 23.87 17.07 15.30
C TYR B 396 25.16 16.64 14.54
N ILE B 397 25.04 16.33 13.25
CA ILE B 397 26.20 15.90 12.43
C ILE B 397 27.21 17.02 12.28
N ILE B 398 26.72 18.22 11.98
CA ILE B 398 27.57 19.40 11.94
C ILE B 398 28.40 19.56 13.23
N GLU B 399 27.72 19.63 14.37
CA GLU B 399 28.39 19.90 15.63
C GLU B 399 29.33 18.77 16.03
N THR B 400 28.89 17.53 15.88
CA THR B 400 29.68 16.35 16.20
C THR B 400 30.93 16.22 15.31
N PHE B 401 30.78 16.45 14.01
CA PHE B 401 31.91 16.31 13.08
C PHE B 401 33.00 17.35 13.42
N LYS B 402 32.59 18.58 13.73
CA LYS B 402 33.56 19.60 14.18
C LYS B 402 34.27 19.18 15.45
N THR B 403 33.52 18.81 16.48
CA THR B 403 34.08 18.41 17.78
C THR B 403 35.02 17.22 17.64
N VAL B 404 34.59 16.22 16.88
CA VAL B 404 35.36 15.00 16.67
C VAL B 404 36.66 15.27 15.93
N SER B 405 36.59 16.02 14.84
CA SER B 405 37.79 16.40 14.08
C SER B 405 38.82 17.11 14.97
N GLU B 406 38.35 18.12 15.70
CA GLU B 406 39.21 18.85 16.66
C GLU B 406 39.85 17.89 17.67
N LYS B 407 39.04 17.03 18.27
CA LYS B 407 39.52 16.04 19.24
C LYS B 407 40.64 15.17 18.66
N VAL B 408 40.45 14.64 17.46
CA VAL B 408 41.45 13.76 16.83
C VAL B 408 42.76 14.50 16.54
N LEU B 409 42.67 15.72 16.03
CA LEU B 409 43.87 16.49 15.73
C LEU B 409 44.60 17.01 16.98
N THR B 410 43.86 17.50 17.98
CA THR B 410 44.52 18.03 19.20
C THR B 410 45.52 17.06 19.88
N TYR C 10 -13.23 -17.15 -26.87
CA TYR C 10 -11.83 -17.49 -26.32
C TYR C 10 -10.71 -16.59 -26.86
N ASN C 11 -9.87 -16.15 -25.96
CA ASN C 11 -8.61 -15.51 -26.29
C ASN C 11 -7.64 -15.95 -25.26
N ILE C 12 -7.09 -17.14 -25.48
CA ILE C 12 -6.27 -17.83 -24.50
C ILE C 12 -4.82 -17.43 -24.65
N PRO C 13 -4.23 -16.82 -23.62
CA PRO C 13 -2.82 -16.41 -23.73
C PRO C 13 -1.85 -17.55 -23.50
N PHE C 14 -0.63 -17.41 -23.99
CA PHE C 14 0.37 -18.49 -23.87
C PHE C 14 0.97 -18.64 -22.48
N SER C 15 1.24 -17.54 -21.80
CA SER C 15 1.99 -17.57 -20.54
C SER C 15 1.79 -16.33 -19.69
N PRO C 16 0.53 -16.02 -19.27
CA PRO C 16 0.30 -14.89 -18.36
C PRO C 16 0.81 -15.21 -16.97
N PRO C 17 1.17 -14.18 -16.17
CA PRO C 17 1.67 -14.41 -14.86
C PRO C 17 0.56 -14.75 -13.88
N ASP C 18 0.89 -15.58 -12.89
CA ASP C 18 -0.07 -15.97 -11.86
C ASP C 18 0.38 -15.32 -10.57
N ILE C 19 -0.11 -14.10 -10.35
CA ILE C 19 0.23 -13.32 -9.18
C ILE C 19 -1.01 -13.08 -8.38
N THR C 20 -0.95 -13.28 -7.05
CA THR C 20 -2.09 -13.11 -6.16
C THR C 20 -1.80 -12.01 -5.16
N GLU C 21 -2.78 -11.69 -4.33
CA GLU C 21 -2.59 -10.68 -3.31
C GLU C 21 -1.45 -10.97 -2.30
N ALA C 22 -1.13 -12.24 -2.06
CA ALA C 22 -0.03 -12.59 -1.16
C ALA C 22 1.32 -12.08 -1.69
N GLU C 23 1.55 -12.22 -3.01
CA GLU C 23 2.75 -11.62 -3.62
C GLU C 23 2.78 -10.13 -3.42
N ILE C 24 1.64 -9.49 -3.67
CA ILE C 24 1.59 -8.05 -3.61
C ILE C 24 1.90 -7.56 -2.20
N THR C 25 1.31 -8.19 -1.19
CA THR C 25 1.53 -7.78 0.21
C THR C 25 3.00 -7.96 0.62
N GLU C 26 3.62 -9.06 0.16
CA GLU C 26 5.00 -9.35 0.51
C GLU C 26 5.94 -8.29 -0.10
N VAL C 27 5.65 -7.91 -1.34
CA VAL C 27 6.41 -6.89 -2.05
C VAL C 27 6.22 -5.53 -1.35
N VAL C 28 4.95 -5.23 -0.99
CA VAL C 28 4.64 -4.03 -0.22
C VAL C 28 5.45 -3.95 1.10
N ASP C 29 5.55 -5.08 1.80
CA ASP C 29 6.33 -5.19 3.03
C ASP C 29 7.79 -4.83 2.81
N THR C 30 8.39 -5.35 1.74
CA THR C 30 9.75 -4.98 1.39
C THR C 30 9.90 -3.48 1.11
N LEU C 31 8.95 -2.91 0.35
CA LEU C 31 8.97 -1.47 0.02
C LEU C 31 8.81 -0.52 1.21
N ARG C 32 8.29 -1.04 2.32
CA ARG C 32 8.24 -0.31 3.60
C ARG C 32 9.44 -0.56 4.50
N SER C 33 10.32 -1.48 4.12
CA SER C 33 11.45 -1.84 4.97
C SER C 33 12.68 -0.99 4.64
N GLY C 34 13.75 -1.17 5.41
CA GLY C 34 15.04 -0.59 5.05
C GLY C 34 15.74 -1.19 3.82
N TRP C 35 15.19 -2.27 3.26
CA TRP C 35 15.95 -3.09 2.32
C TRP C 35 15.16 -3.32 1.05
N ILE C 36 15.45 -2.56 0.00
CA ILE C 36 14.75 -2.74 -1.27
C ILE C 36 15.56 -3.44 -2.35
N THR C 37 16.88 -3.36 -2.27
CA THR C 37 17.74 -4.23 -3.11
C THR C 37 18.06 -5.50 -2.31
N THR C 38 19.17 -6.16 -2.61
CA THR C 38 19.57 -7.41 -1.92
C THR C 38 19.56 -7.24 -0.37
N GLY C 39 18.77 -8.07 0.30
CA GLY C 39 18.65 -8.00 1.74
C GLY C 39 18.26 -9.32 2.37
N PRO C 40 17.62 -9.26 3.56
CA PRO C 40 17.28 -10.50 4.29
C PRO C 40 16.34 -11.43 3.51
N LYS C 41 15.39 -10.89 2.75
CA LYS C 41 14.48 -11.72 1.98
C LYS C 41 15.17 -12.50 0.89
N THR C 42 16.15 -11.88 0.25
CA THR C 42 16.96 -12.62 -0.72
C THR C 42 17.72 -13.82 -0.04
N LYS C 43 18.31 -13.59 1.13
CA LYS C 43 19.02 -14.65 1.86
C LYS C 43 18.05 -15.76 2.30
N GLU C 44 16.87 -15.37 2.77
CA GLU C 44 15.83 -16.34 3.12
C GLU C 44 15.39 -17.13 1.91
N LEU C 45 15.21 -16.48 0.76
CA LEU C 45 14.81 -17.23 -0.47
C LEU C 45 15.86 -18.28 -0.87
N GLU C 46 17.14 -17.91 -0.79
CA GLU C 46 18.22 -18.79 -1.12
C GLU C 46 18.24 -20.01 -0.16
N ARG C 47 18.06 -19.75 1.14
CA ARG C 47 17.94 -20.81 2.15
C ARG C 47 16.77 -21.78 1.82
N ARG C 48 15.59 -21.25 1.59
CA ARG C 48 14.39 -22.07 1.28
C ARG C 48 14.51 -22.83 -0.07
N LEU C 49 15.04 -22.18 -1.09
CA LEU C 49 15.31 -22.82 -2.38
C LEU C 49 16.30 -24.00 -2.26
N SER C 50 17.36 -23.81 -1.50
CA SER C 50 18.37 -24.86 -1.21
C SER C 50 17.73 -26.14 -0.59
N LEU C 51 16.86 -25.96 0.39
CA LEU C 51 16.10 -27.07 0.94
C LEU C 51 15.21 -27.72 -0.12
N TYR C 52 14.57 -26.89 -0.94
CA TYR C 52 13.67 -27.38 -1.99
C TYR C 52 14.43 -28.20 -3.06
N THR C 53 15.62 -27.76 -3.43
CA THR C 53 16.42 -28.45 -4.44
C THR C 53 17.40 -29.48 -3.82
N GLN C 54 17.40 -29.63 -2.49
CA GLN C 54 18.34 -30.52 -1.76
C GLN C 54 19.82 -30.23 -2.08
N THR C 55 20.16 -28.94 -2.07
CA THR C 55 21.53 -28.48 -2.29
C THR C 55 21.91 -27.69 -1.07
N PRO C 56 23.20 -27.57 -0.77
CA PRO C 56 23.62 -26.81 0.42
C PRO C 56 23.46 -25.30 0.36
N LYS C 57 23.71 -24.69 -0.79
CA LYS C 57 23.64 -23.23 -0.92
C LYS C 57 23.06 -22.85 -2.27
N THR C 58 22.35 -21.73 -2.30
CA THR C 58 21.82 -21.17 -3.54
C THR C 58 22.20 -19.69 -3.64
N VAL C 59 22.53 -19.26 -4.85
CA VAL C 59 22.83 -17.85 -5.14
C VAL C 59 21.71 -17.30 -6.03
N CYS C 60 20.90 -16.41 -5.45
CA CYS C 60 19.80 -15.80 -6.20
C CYS C 60 20.35 -14.61 -6.95
N LEU C 61 19.98 -14.54 -8.23
CA LEU C 61 20.50 -13.48 -9.11
C LEU C 61 19.34 -12.88 -9.96
N ASN C 62 19.68 -11.96 -10.84
CA ASN C 62 18.63 -11.30 -11.65
C ASN C 62 18.10 -12.00 -12.92
N SER C 63 18.72 -13.11 -13.31
CA SER C 63 18.28 -13.91 -14.45
C SER C 63 18.99 -15.28 -14.39
N ALA C 64 18.42 -16.26 -15.11
CA ALA C 64 19.12 -17.51 -15.34
C ALA C 64 20.34 -17.35 -16.22
N THR C 65 20.26 -16.40 -17.17
CA THR C 65 21.40 -16.09 -18.01
C THR C 65 22.61 -15.67 -17.13
N ALA C 66 22.38 -14.79 -16.17
CA ALA C 66 23.40 -14.34 -15.21
C ALA C 66 23.99 -15.52 -14.41
N ALA C 67 23.11 -16.43 -13.98
CA ALA C 67 23.50 -17.58 -13.20
C ALA C 67 24.37 -18.53 -14.01
N LEU C 68 23.93 -18.87 -15.22
CA LEU C 68 24.75 -19.70 -16.08
C LEU C 68 26.10 -19.05 -16.42
N GLU C 69 26.09 -17.75 -16.78
CA GLU C 69 27.36 -17.05 -17.01
C GLU C 69 28.28 -17.11 -15.80
N LEU C 70 27.74 -16.87 -14.61
CA LEU C 70 28.59 -16.86 -13.41
C LEU C 70 29.17 -18.22 -13.07
N ILE C 71 28.39 -19.25 -13.30
CA ILE C 71 28.91 -20.63 -13.17
C ILE C 71 30.14 -20.80 -14.05
N LEU C 72 30.01 -20.39 -15.32
CA LEU C 72 31.15 -20.45 -16.21
C LEU C 72 32.32 -19.59 -15.73
N ARG C 73 32.05 -18.41 -15.19
CA ARG C 73 33.14 -17.56 -14.72
C ARG C 73 33.79 -18.13 -13.44
N VAL C 74 33.00 -18.79 -12.59
CA VAL C 74 33.52 -19.37 -11.35
C VAL C 74 34.47 -20.52 -11.74
N LEU C 75 34.04 -21.28 -12.72
CA LEU C 75 34.89 -22.33 -13.28
C LEU C 75 36.13 -21.82 -14.08
N GLU C 76 36.23 -20.51 -14.31
CA GLU C 76 37.20 -19.84 -15.18
C GLU C 76 37.30 -20.43 -16.60
N VAL C 77 36.15 -20.81 -17.17
CA VAL C 77 36.05 -21.25 -18.56
C VAL C 77 36.24 -19.97 -19.39
N GLY C 78 37.11 -20.02 -20.38
CA GLY C 78 37.39 -18.84 -21.21
C GLY C 78 37.97 -19.18 -22.57
N PRO C 79 38.72 -18.22 -23.17
CA PRO C 79 39.39 -18.43 -24.47
C PRO C 79 40.18 -19.73 -24.55
N GLY C 80 39.97 -20.49 -25.62
CA GLY C 80 40.64 -21.77 -25.81
C GLY C 80 39.90 -22.97 -25.24
N ASP C 81 38.93 -22.74 -24.34
CA ASP C 81 38.08 -23.83 -23.81
C ASP C 81 36.86 -24.04 -24.66
N GLU C 82 36.34 -25.26 -24.64
CA GLU C 82 35.11 -25.63 -25.34
C GLU C 82 34.01 -25.94 -24.33
N VAL C 83 32.80 -25.53 -24.68
CA VAL C 83 31.60 -25.87 -23.92
C VAL C 83 30.58 -26.50 -24.82
N ILE C 84 30.13 -27.70 -24.46
CA ILE C 84 29.18 -28.42 -25.26
C ILE C 84 27.73 -28.08 -24.88
N VAL C 85 26.94 -27.80 -25.90
CA VAL C 85 25.52 -27.45 -25.75
C VAL C 85 24.71 -28.18 -26.80
N PRO C 86 23.43 -28.45 -26.50
CA PRO C 86 22.62 -29.03 -27.57
C PRO C 86 22.37 -28.04 -28.69
N ALA C 87 22.19 -28.57 -29.90
CA ALA C 87 21.79 -27.76 -31.04
C ALA C 87 20.34 -27.26 -30.91
N MET C 88 19.54 -27.97 -30.10
CA MET C 88 18.15 -27.66 -29.85
C MET C 88 18.04 -27.10 -28.43
N THR C 89 18.16 -25.78 -28.32
CA THR C 89 17.95 -25.11 -27.05
C THR C 89 17.71 -23.62 -27.29
N TYR C 90 17.43 -22.91 -26.20
CA TYR C 90 17.26 -21.46 -26.23
C TYR C 90 18.63 -20.79 -26.41
N THR C 91 18.67 -19.67 -27.08
CA THR C 91 19.96 -18.93 -27.29
C THR C 91 20.80 -18.69 -26.03
N ALA C 92 20.12 -18.41 -24.92
CA ALA C 92 20.76 -18.11 -23.67
C ALA C 92 21.64 -19.22 -23.10
N SER C 93 21.35 -20.49 -23.43
CA SER C 93 22.20 -21.59 -23.03
C SER C 93 23.60 -21.51 -23.68
N CYS C 94 23.66 -20.92 -24.85
CA CYS C 94 24.86 -20.82 -25.66
C CYS C 94 25.57 -19.45 -25.63
N SER C 95 24.78 -18.37 -25.57
CA SER C 95 25.34 -17.02 -25.62
C SER C 95 26.36 -16.77 -24.49
N VAL C 96 26.10 -17.33 -23.31
CA VAL C 96 27.01 -17.16 -22.16
C VAL C 96 28.40 -17.77 -22.40
N ILE C 97 28.48 -18.80 -23.26
CA ILE C 97 29.75 -19.36 -23.67
C ILE C 97 30.58 -18.31 -24.42
N THR C 98 29.93 -17.60 -25.35
CA THR C 98 30.62 -16.58 -26.13
C THR C 98 30.97 -15.39 -25.22
N HIS C 99 30.13 -15.12 -24.22
CA HIS C 99 30.42 -14.03 -23.28
C HIS C 99 31.74 -14.18 -22.54
N VAL C 100 32.05 -15.39 -22.13
CA VAL C 100 33.31 -15.67 -21.43
C VAL C 100 34.46 -15.91 -22.39
N GLY C 101 34.17 -15.90 -23.69
CA GLY C 101 35.20 -16.10 -24.70
C GLY C 101 35.57 -17.53 -25.04
N ALA C 102 34.81 -18.51 -24.53
CA ALA C 102 34.96 -19.91 -24.89
C ALA C 102 34.31 -20.20 -26.23
N THR C 103 34.57 -21.40 -26.72
CA THR C 103 34.05 -21.85 -28.00
C THR C 103 32.86 -22.80 -27.80
N PRO C 104 31.68 -22.43 -28.31
CA PRO C 104 30.58 -23.36 -28.21
C PRO C 104 30.83 -24.54 -29.13
N VAL C 105 30.46 -25.74 -28.69
CA VAL C 105 30.44 -26.92 -29.51
C VAL C 105 29.00 -27.48 -29.42
N MET C 106 28.30 -27.47 -30.54
CA MET C 106 26.91 -27.95 -30.59
C MET C 106 26.87 -29.44 -30.91
N VAL C 107 25.88 -30.13 -30.33
CA VAL C 107 25.71 -31.58 -30.54
C VAL C 107 24.27 -31.81 -30.95
N ASP C 108 24.07 -32.67 -31.95
CA ASP C 108 22.74 -32.96 -32.46
C ASP C 108 21.95 -33.79 -31.45
N ILE C 109 20.64 -33.81 -31.62
CA ILE C 109 19.77 -34.43 -30.68
C ILE C 109 19.34 -35.80 -31.20
N GLN C 110 18.51 -36.50 -30.43
CA GLN C 110 18.03 -37.85 -30.79
C GLN C 110 16.77 -37.74 -31.68
N ALA C 111 16.30 -38.87 -32.22
CA ALA C 111 15.15 -38.88 -33.14
C ALA C 111 13.81 -38.69 -32.44
N ASP C 112 13.74 -39.08 -31.17
CA ASP C 112 12.45 -39.22 -30.46
C ASP C 112 12.48 -38.49 -29.14
N THR C 113 13.37 -37.50 -29.01
CA THR C 113 13.42 -36.67 -27.84
C THR C 113 14.37 -35.50 -28.14
N PHE C 114 14.18 -34.46 -27.36
CA PHE C 114 15.02 -33.26 -27.44
C PHE C 114 16.46 -33.49 -26.97
N GLU C 115 16.69 -34.55 -26.18
CA GLU C 115 18.00 -34.73 -25.56
C GLU C 115 19.10 -34.93 -26.60
N MET C 116 20.31 -34.55 -26.20
CA MET C 116 21.49 -34.80 -27.05
C MET C 116 21.63 -36.30 -27.32
N ASP C 117 22.03 -36.62 -28.55
CA ASP C 117 22.51 -37.95 -28.88
C ASP C 117 23.84 -38.06 -28.11
N TYR C 118 23.88 -38.94 -27.12
CA TYR C 118 25.01 -39.02 -26.20
C TYR C 118 26.23 -39.72 -26.79
N ASP C 119 26.04 -40.45 -27.89
CA ASP C 119 27.15 -41.01 -28.65
C ASP C 119 27.84 -39.87 -29.35
N LEU C 120 27.05 -39.01 -30.02
CA LEU C 120 27.60 -37.86 -30.70
C LEU C 120 28.23 -36.90 -29.67
N LEU C 121 27.65 -36.83 -28.47
CA LEU C 121 28.27 -36.07 -27.38
C LEU C 121 29.68 -36.58 -27.05
N GLU C 122 29.81 -37.89 -26.87
CA GLU C 122 31.13 -38.53 -26.68
C GLU C 122 32.13 -38.15 -27.76
N GLN C 123 31.68 -38.24 -29.01
CA GLN C 123 32.52 -37.85 -30.15
C GLN C 123 32.96 -36.38 -30.14
N ALA C 124 32.09 -35.48 -29.69
CA ALA C 124 32.38 -34.04 -29.66
C ALA C 124 33.39 -33.62 -28.56
N ILE C 125 33.63 -34.49 -27.59
CA ILE C 125 34.57 -34.21 -26.49
C ILE C 125 36.03 -34.19 -26.95
N THR C 126 36.76 -33.15 -26.52
CA THR C 126 38.19 -33.00 -26.82
C THR C 126 38.94 -32.66 -25.53
N GLU C 127 40.25 -32.47 -25.67
CA GLU C 127 41.12 -32.00 -24.59
C GLU C 127 40.73 -30.58 -24.11
N LYS C 128 40.04 -29.81 -24.94
CA LYS C 128 39.60 -28.45 -24.58
C LYS C 128 38.23 -28.40 -23.86
N THR C 129 37.47 -29.50 -23.88
CA THR C 129 36.13 -29.50 -23.31
C THR C 129 36.23 -29.33 -21.79
N LYS C 130 35.55 -28.30 -21.27
CA LYS C 130 35.45 -28.04 -19.83
C LYS C 130 34.07 -28.28 -19.23
N VAL C 131 33.00 -28.06 -20.01
CA VAL C 131 31.65 -28.00 -19.49
C VAL C 131 30.68 -28.55 -20.53
N ILE C 132 29.68 -29.28 -20.02
CA ILE C 132 28.54 -29.75 -20.82
C ILE C 132 27.33 -29.07 -20.19
N ILE C 133 26.52 -28.43 -21.04
CA ILE C 133 25.25 -27.78 -20.62
C ILE C 133 24.03 -28.52 -21.22
N PRO C 134 23.53 -29.57 -20.54
CA PRO C 134 22.23 -30.13 -20.95
C PRO C 134 21.10 -29.18 -20.62
N VAL C 135 20.04 -29.25 -21.40
CA VAL C 135 18.84 -28.44 -21.15
C VAL C 135 17.69 -29.31 -20.77
N GLU C 136 17.04 -28.94 -19.68
CA GLU C 136 15.95 -29.73 -19.14
C GLU C 136 14.66 -29.21 -19.80
N LEU C 137 14.49 -29.53 -21.07
CA LEU C 137 13.46 -28.91 -21.89
C LEU C 137 12.08 -29.23 -21.40
N ALA C 138 11.26 -28.19 -21.29
CA ALA C 138 9.88 -28.24 -20.81
C ALA C 138 9.72 -28.76 -19.36
N GLY C 139 10.83 -28.97 -18.64
CA GLY C 139 10.85 -29.53 -17.29
C GLY C 139 11.37 -30.96 -17.25
N ILE C 140 11.55 -31.55 -18.42
CA ILE C 140 11.95 -32.95 -18.54
C ILE C 140 13.46 -32.99 -18.39
N VAL C 141 13.93 -33.73 -17.37
CA VAL C 141 15.34 -33.74 -16.99
C VAL C 141 16.03 -34.74 -17.88
N CYS C 142 17.26 -34.46 -18.29
CA CYS C 142 18.06 -35.37 -19.09
C CYS C 142 18.53 -36.68 -18.43
N ASP C 143 19.09 -37.57 -19.23
CA ASP C 143 19.58 -38.89 -18.80
C ASP C 143 20.93 -38.67 -18.08
N TYR C 144 20.87 -38.29 -16.81
CA TYR C 144 22.09 -37.96 -16.08
C TYR C 144 23.00 -39.17 -15.82
N ASP C 145 22.44 -40.37 -15.63
CA ASP C 145 23.29 -41.55 -15.51
C ASP C 145 24.18 -41.68 -16.74
N ARG C 146 23.62 -41.47 -17.93
CA ARG C 146 24.42 -41.53 -19.14
C ARG C 146 25.43 -40.36 -19.22
N LEU C 147 24.94 -39.15 -18.96
CA LEU C 147 25.86 -37.98 -18.97
C LEU C 147 27.09 -38.17 -18.08
N PHE C 148 26.87 -38.58 -16.82
CA PHE C 148 28.01 -38.81 -15.91
C PHE C 148 28.93 -39.96 -16.37
N GLN C 149 28.36 -40.96 -17.02
CA GLN C 149 29.13 -42.05 -17.62
C GLN C 149 30.07 -41.52 -18.72
N VAL C 150 29.54 -40.60 -19.55
CA VAL C 150 30.32 -39.99 -20.66
C VAL C 150 31.53 -39.23 -20.15
N VAL C 151 31.30 -38.32 -19.19
CA VAL C 151 32.41 -37.51 -18.67
C VAL C 151 33.48 -38.38 -17.96
N GLU C 152 33.03 -39.40 -17.23
CA GLU C 152 33.94 -40.39 -16.59
C GLU C 152 34.73 -41.17 -17.63
N LYS C 153 34.05 -41.62 -18.68
CA LYS C 153 34.69 -42.38 -19.76
C LYS C 153 35.80 -41.59 -20.43
N LYS C 154 35.56 -40.30 -20.63
CA LYS C 154 36.53 -39.41 -21.30
C LYS C 154 37.46 -38.65 -20.34
N ARG C 155 37.50 -39.05 -19.07
CA ARG C 155 38.35 -38.37 -18.06
C ARG C 155 39.74 -38.03 -18.51
N ASP C 156 40.37 -38.98 -19.22
CA ASP C 156 41.76 -38.82 -19.67
C ASP C 156 41.98 -37.70 -20.71
N PHE C 157 40.91 -37.24 -21.38
CA PHE C 157 40.98 -36.05 -22.23
C PHE C 157 41.11 -34.75 -21.41
N PHE C 158 40.73 -34.78 -20.13
CA PHE C 158 40.62 -33.56 -19.33
C PHE C 158 41.96 -33.09 -18.77
N THR C 159 42.20 -31.79 -18.82
CA THR C 159 43.40 -31.19 -18.22
C THR C 159 42.91 -29.94 -17.53
N ALA C 160 42.85 -30.00 -16.21
CA ALA C 160 42.42 -28.87 -15.41
C ALA C 160 43.31 -27.62 -15.63
N SER C 161 42.71 -26.43 -15.67
CA SER C 161 43.48 -25.17 -15.75
C SER C 161 42.86 -24.05 -14.92
N SER C 162 42.25 -24.41 -13.80
CA SER C 162 41.78 -23.46 -12.82
C SER C 162 41.53 -24.19 -11.53
N LYS C 163 41.40 -23.43 -10.46
CA LYS C 163 41.15 -24.01 -9.15
C LYS C 163 40.02 -25.04 -9.19
N TRP C 164 38.84 -24.60 -9.61
CA TRP C 164 37.67 -25.46 -9.57
C TRP C 164 37.70 -26.58 -10.60
N GLN C 165 38.31 -26.34 -11.76
CA GLN C 165 38.52 -27.44 -12.73
C GLN C 165 39.39 -28.56 -12.18
N LYS C 166 40.41 -28.19 -11.40
CA LYS C 166 41.25 -29.19 -10.72
C LYS C 166 40.50 -30.03 -9.70
N ALA C 167 39.57 -29.39 -8.99
CA ALA C 167 38.80 -30.03 -7.92
C ALA C 167 37.94 -31.20 -8.44
N PHE C 168 37.17 -30.92 -9.47
CA PHE C 168 36.47 -31.92 -10.26
C PHE C 168 37.36 -32.95 -10.96
N ASN C 169 38.36 -32.44 -11.65
CA ASN C 169 39.26 -33.18 -12.52
C ASN C 169 38.65 -33.95 -13.68
N ARG C 170 37.51 -33.43 -14.14
CA ARG C 170 36.80 -33.96 -15.27
C ARG C 170 35.87 -32.82 -15.83
N ILE C 171 35.20 -33.10 -16.94
CA ILE C 171 34.21 -32.19 -17.52
C ILE C 171 33.15 -31.94 -16.45
N VAL C 172 32.80 -30.65 -16.26
CA VAL C 172 31.77 -30.28 -15.29
C VAL C 172 30.42 -30.21 -16.03
N ILE C 173 29.37 -30.74 -15.41
CA ILE C 173 28.06 -30.83 -16.05
C ILE C 173 27.19 -29.80 -15.38
N VAL C 174 26.75 -28.81 -16.17
CA VAL C 174 25.98 -27.72 -15.70
C VAL C 174 24.58 -27.80 -16.31
N SER C 175 23.58 -27.99 -15.47
CA SER C 175 22.21 -28.08 -15.93
C SER C 175 21.60 -26.70 -16.22
N ASP C 176 21.18 -26.49 -17.47
CA ASP C 176 20.23 -25.43 -17.74
C ASP C 176 18.79 -25.90 -17.33
N SER C 177 18.42 -25.58 -16.09
CA SER C 177 17.11 -25.85 -15.53
C SER C 177 16.16 -24.66 -15.50
N ALA C 178 16.29 -23.80 -16.49
CA ALA C 178 15.34 -22.66 -16.60
C ALA C 178 13.91 -23.17 -16.55
N HIS C 179 13.65 -24.30 -17.17
CA HIS C 179 12.29 -24.86 -17.23
C HIS C 179 11.94 -25.84 -16.13
N ALA C 180 12.86 -26.07 -15.18
CA ALA C 180 12.86 -27.35 -14.39
C ALA C 180 12.92 -27.19 -12.89
N LEU C 181 12.60 -25.98 -12.37
CA LEU C 181 12.42 -25.91 -10.93
C LEU C 181 11.28 -26.81 -10.47
N GLY C 182 11.62 -27.74 -9.58
CA GLY C 182 10.69 -28.75 -9.06
C GLY C 182 10.60 -30.04 -9.86
N SER C 183 11.33 -30.20 -10.96
CA SER C 183 11.37 -31.47 -11.68
C SER C 183 12.24 -32.46 -10.88
N THR C 184 12.02 -33.75 -11.11
CA THR C 184 12.84 -34.80 -10.50
C THR C 184 13.30 -35.86 -11.52
N TYR C 185 14.42 -36.49 -11.18
CA TYR C 185 15.08 -37.50 -11.96
C TYR C 185 15.48 -38.57 -10.96
N LYS C 186 14.85 -39.74 -11.08
CA LYS C 186 15.04 -40.85 -10.17
C LYS C 186 14.75 -40.42 -8.75
N GLY C 187 13.70 -39.62 -8.61
CA GLY C 187 13.31 -39.09 -7.30
C GLY C 187 14.11 -37.96 -6.72
N GLN C 188 15.14 -37.47 -7.42
CA GLN C 188 15.95 -36.41 -6.89
C GLN C 188 15.62 -35.08 -7.59
N PRO C 189 15.53 -33.99 -6.82
CA PRO C 189 15.19 -32.65 -7.43
C PRO C 189 16.25 -32.10 -8.35
N SER C 190 15.81 -31.48 -9.44
CA SER C 190 16.73 -30.75 -10.28
C SER C 190 17.39 -29.72 -9.35
N GLY C 191 18.69 -29.48 -9.56
CA GLY C 191 19.51 -28.74 -8.63
C GLY C 191 20.52 -29.67 -7.94
N SER C 192 20.07 -30.87 -7.57
CA SER C 192 20.87 -31.89 -6.88
C SER C 192 21.56 -32.87 -7.82
N ILE C 193 21.35 -32.79 -9.12
CA ILE C 193 21.74 -33.85 -10.04
C ILE C 193 23.02 -33.51 -10.77
N ALA C 194 23.02 -32.36 -11.42
CA ALA C 194 24.19 -31.86 -12.11
C ALA C 194 25.20 -31.32 -11.10
N ASP C 195 26.39 -31.07 -11.57
CA ASP C 195 27.43 -30.44 -10.75
C ASP C 195 27.04 -29.01 -10.35
N PHE C 196 26.58 -28.26 -11.33
CA PHE C 196 25.97 -26.95 -11.10
C PHE C 196 24.64 -26.89 -11.87
N THR C 197 23.71 -26.06 -11.36
CA THR C 197 22.44 -25.86 -12.01
C THR C 197 22.05 -24.37 -12.03
N SER C 198 21.51 -23.91 -13.15
CA SER C 198 20.82 -22.60 -13.23
C SER C 198 19.37 -22.72 -13.40
N PHE C 199 18.64 -21.90 -12.64
CA PHE C 199 17.18 -21.81 -12.69
C PHE C 199 16.75 -20.43 -13.17
N SER C 200 15.53 -20.36 -13.71
CA SER C 200 14.98 -19.08 -14.25
C SER C 200 13.68 -18.84 -13.56
N PHE C 201 13.52 -17.61 -13.12
CA PHE C 201 12.28 -17.13 -12.50
C PHE C 201 11.71 -15.98 -13.38
N HIS C 202 12.00 -15.99 -14.67
CA HIS C 202 11.44 -15.02 -15.63
C HIS C 202 9.90 -15.04 -15.59
N ALA C 203 9.29 -13.90 -15.96
CA ALA C 203 7.83 -13.73 -15.96
C ALA C 203 7.01 -14.92 -16.51
N VAL C 204 7.56 -15.66 -17.49
CA VAL C 204 6.82 -16.69 -18.20
C VAL C 204 7.12 -18.12 -17.63
N LYS C 205 7.93 -18.21 -16.57
CA LYS C 205 8.31 -19.49 -16.02
C LYS C 205 7.32 -20.04 -14.98
N ASN C 206 7.48 -21.29 -14.54
CA ASN C 206 6.53 -21.88 -13.57
C ASN C 206 6.52 -21.13 -12.26
N PHE C 207 7.71 -20.66 -11.86
CA PHE C 207 7.95 -19.95 -10.58
C PHE C 207 8.55 -18.64 -11.04
N THR C 208 7.97 -17.52 -10.62
CA THR C 208 8.37 -16.25 -11.18
C THR C 208 8.68 -15.16 -10.17
N THR C 209 9.71 -14.38 -10.47
CA THR C 209 9.95 -13.15 -9.74
C THR C 209 9.98 -12.02 -10.77
N ALA C 210 9.24 -12.17 -11.88
CA ALA C 210 9.23 -11.28 -13.07
C ALA C 210 10.58 -11.31 -13.87
N GLU C 211 11.66 -10.95 -13.21
CA GLU C 211 13.02 -11.26 -13.70
C GLU C 211 13.77 -11.83 -12.52
N GLY C 212 14.46 -12.92 -12.76
CA GLY C 212 15.26 -13.54 -11.70
C GLY C 212 15.74 -14.92 -12.09
N GLY C 213 16.64 -15.45 -11.26
CA GLY C 213 17.08 -16.80 -11.39
C GLY C 213 18.06 -17.10 -10.29
N SER C 214 18.64 -18.30 -10.39
CA SER C 214 19.58 -18.72 -9.38
C SER C 214 20.59 -19.71 -9.92
N ALA C 215 21.71 -19.77 -9.18
CA ALA C 215 22.75 -20.77 -9.35
C ALA C 215 22.85 -21.60 -8.09
N THR C 216 22.96 -22.90 -8.27
CA THR C 216 23.26 -23.81 -7.17
C THR C 216 24.14 -24.96 -7.69
N TRP C 217 24.55 -25.79 -6.76
CA TRP C 217 25.50 -26.88 -7.02
C TRP C 217 25.20 -28.02 -6.06
N LYS C 218 25.38 -29.22 -6.55
CA LYS C 218 25.12 -30.37 -5.70
C LYS C 218 26.26 -30.57 -4.70
N ALA C 219 25.91 -31.05 -3.51
CA ALA C 219 26.89 -31.32 -2.47
C ALA C 219 28.02 -32.13 -3.07
N ASN C 220 29.23 -31.74 -2.77
CA ASN C 220 30.39 -32.44 -3.23
C ASN C 220 31.53 -32.19 -2.22
N PRO C 221 32.16 -33.26 -1.74
CA PRO C 221 33.26 -33.06 -0.79
C PRO C 221 34.38 -32.11 -1.25
N VAL C 222 34.63 -31.99 -2.55
CA VAL C 222 35.69 -31.08 -2.99
C VAL C 222 35.27 -29.58 -3.03
N ILE C 223 34.01 -29.29 -2.75
CA ILE C 223 33.55 -27.89 -2.69
C ILE C 223 33.25 -27.48 -1.27
N ASP C 224 33.97 -26.48 -0.80
CA ASP C 224 33.58 -25.73 0.39
C ASP C 224 32.41 -24.80 -0.02
N ASP C 225 31.22 -25.11 0.50
CA ASP C 225 29.99 -24.41 0.09
C ASP C 225 29.98 -22.93 0.43
N GLU C 226 30.53 -22.54 1.58
CA GLU C 226 30.59 -21.11 1.94
C GLU C 226 31.54 -20.35 1.03
N GLU C 227 32.69 -20.96 0.73
CA GLU C 227 33.71 -20.36 -0.16
C GLU C 227 33.14 -20.21 -1.57
N MET C 228 32.44 -21.23 -2.06
CA MET C 228 31.81 -21.19 -3.38
C MET C 228 30.71 -20.12 -3.43
N TYR C 229 29.87 -20.08 -2.39
CA TYR C 229 28.86 -19.08 -2.26
C TYR C 229 29.47 -17.70 -2.32
N LYS C 230 30.50 -17.47 -1.53
CA LYS C 230 31.17 -16.17 -1.51
C LYS C 230 31.75 -15.74 -2.87
N GLU C 231 32.27 -16.69 -3.65
CA GLU C 231 32.81 -16.37 -4.99
C GLU C 231 31.73 -15.87 -5.95
N PHE C 232 30.54 -16.47 -5.90
CA PHE C 232 29.42 -16.00 -6.73
C PHE C 232 28.98 -14.63 -6.31
N GLN C 233 28.90 -14.43 -4.99
CA GLN C 233 28.51 -13.15 -4.44
C GLN C 233 29.38 -12.00 -4.98
N ILE C 234 30.69 -12.21 -4.89
CA ILE C 234 31.75 -11.27 -5.34
C ILE C 234 31.63 -10.97 -6.86
N LEU C 235 31.41 -12.00 -7.68
CA LEU C 235 31.21 -11.79 -9.11
C LEU C 235 29.91 -11.07 -9.46
N SER C 236 28.92 -11.19 -8.61
CA SER C 236 27.59 -10.62 -8.88
C SER C 236 27.50 -9.13 -8.47
N LEU C 237 28.48 -8.69 -7.68
CA LEU C 237 28.45 -7.38 -7.00
C LEU C 237 29.81 -6.68 -7.07
N HIS C 238 30.28 -6.52 -8.32
CA HIS C 238 31.40 -5.66 -8.69
C HIS C 238 32.77 -6.16 -8.21
N GLY C 239 32.86 -7.38 -7.74
CA GLY C 239 34.11 -7.87 -7.21
C GLY C 239 34.46 -7.37 -5.82
N GLN C 240 33.46 -6.83 -5.12
CA GLN C 240 33.65 -6.13 -3.88
C GLN C 240 33.78 -7.14 -2.77
N THR C 241 34.79 -6.94 -1.90
CA THR C 241 34.96 -7.72 -0.66
C THR C 241 35.26 -6.79 0.51
N LYS C 242 34.95 -7.25 1.72
CA LYS C 242 35.34 -6.61 3.00
C LYS C 242 35.96 -7.65 3.93
N ASP C 243 36.98 -7.26 4.69
CA ASP C 243 37.54 -8.14 5.76
C ASP C 243 36.88 -7.87 7.10
N GLY C 251 31.64 2.23 11.58
CA GLY C 251 32.21 2.66 10.32
C GLY C 251 32.97 1.52 9.68
N SER C 252 32.24 0.69 8.97
CA SER C 252 32.77 -0.42 8.19
C SER C 252 32.96 0.02 6.74
N TRP C 253 33.72 1.11 6.53
CA TRP C 253 33.77 1.75 5.22
C TRP C 253 34.66 1.03 4.19
N GLU C 254 35.80 0.46 4.64
CA GLU C 254 36.79 -0.04 3.69
C GLU C 254 36.29 -1.31 2.95
N TYR C 255 36.49 -1.32 1.65
CA TYR C 255 36.30 -2.53 0.83
C TYR C 255 37.44 -2.56 -0.17
N ASP C 256 37.57 -3.70 -0.83
CA ASP C 256 38.50 -3.89 -1.91
C ASP C 256 37.71 -4.39 -3.09
N ILE C 257 38.27 -4.27 -4.28
CA ILE C 257 37.66 -4.80 -5.49
C ILE C 257 38.70 -5.80 -5.95
N VAL C 258 38.34 -7.08 -6.00
CA VAL C 258 39.36 -8.12 -6.32
C VAL C 258 39.47 -8.44 -7.80
N THR C 259 38.36 -8.23 -8.52
CA THR C 259 38.31 -8.42 -9.94
C THR C 259 37.26 -7.45 -10.44
N PRO C 260 37.38 -6.95 -11.68
CA PRO C 260 36.38 -6.01 -12.17
C PRO C 260 35.13 -6.75 -12.66
N ALA C 261 34.25 -7.12 -11.74
CA ALA C 261 33.20 -8.09 -11.98
C ALA C 261 31.87 -7.42 -12.37
N TYR C 262 30.75 -8.03 -12.02
CA TYR C 262 29.48 -7.82 -12.73
C TYR C 262 28.44 -7.32 -11.74
N LYS C 263 27.20 -7.21 -12.22
CA LYS C 263 26.17 -6.54 -11.48
C LYS C 263 24.91 -7.28 -11.80
N CYS C 264 24.65 -8.32 -11.03
CA CYS C 264 23.48 -9.15 -11.29
C CYS C 264 22.90 -9.78 -10.05
N ASN C 265 23.02 -9.08 -8.93
CA ASN C 265 22.29 -9.42 -7.71
C ASN C 265 20.73 -9.35 -7.82
N MET C 266 20.05 -10.17 -6.99
CA MET C 266 18.61 -10.12 -6.79
C MET C 266 18.19 -9.14 -5.70
N THR C 267 17.13 -8.38 -5.99
CA THR C 267 16.58 -7.48 -4.98
C THR C 267 15.60 -8.23 -4.09
N ASP C 268 15.38 -7.67 -2.91
CA ASP C 268 14.33 -8.14 -2.01
C ASP C 268 12.91 -7.96 -2.57
N ILE C 269 12.76 -7.04 -3.52
CA ILE C 269 11.50 -6.86 -4.21
C ILE C 269 11.16 -8.21 -4.96
N MET C 270 12.14 -8.68 -5.74
CA MET C 270 12.04 -9.92 -6.47
C MET C 270 12.01 -11.12 -5.52
N ALA C 271 12.83 -11.11 -4.47
CA ALA C 271 12.84 -12.21 -3.50
C ALA C 271 11.48 -12.35 -2.80
N SER C 272 10.80 -11.22 -2.58
CA SER C 272 9.48 -11.18 -1.96
C SER C 272 8.48 -12.00 -2.81
N LEU C 273 8.48 -11.76 -4.11
CA LEU C 273 7.70 -12.58 -5.04
C LEU C 273 8.04 -14.05 -4.95
N GLY C 274 9.35 -14.33 -4.90
CA GLY C 274 9.86 -15.69 -4.82
C GLY C 274 9.45 -16.44 -3.59
N LEU C 275 9.44 -15.79 -2.43
CA LEU C 275 9.07 -16.44 -1.19
C LEU C 275 7.63 -16.98 -1.23
N VAL C 276 6.74 -16.13 -1.75
CA VAL C 276 5.33 -16.45 -1.85
C VAL C 276 5.08 -17.51 -2.92
N GLN C 277 5.71 -17.33 -4.08
CA GLN C 277 5.66 -18.32 -5.16
C GLN C 277 6.09 -19.71 -4.67
N LEU C 278 7.15 -19.72 -3.85
CA LEU C 278 7.65 -20.97 -3.29
C LEU C 278 6.62 -21.63 -2.36
N ASP C 279 5.91 -20.85 -1.56
CA ASP C 279 4.79 -21.39 -0.72
C ASP C 279 3.68 -21.98 -1.61
N ARG C 280 3.36 -21.22 -2.65
CA ARG C 280 2.36 -21.60 -3.63
C ARG C 280 2.77 -22.76 -4.54
N TYR C 281 4.05 -23.06 -4.61
CA TYR C 281 4.57 -23.91 -5.72
C TYR C 281 4.06 -25.36 -5.77
N PRO C 282 3.99 -26.07 -4.61
CA PRO C 282 3.33 -27.40 -4.64
C PRO C 282 1.95 -27.36 -5.34
N SER C 283 1.07 -26.43 -4.96
CA SER C 283 -0.29 -26.33 -5.60
C SER C 283 -0.21 -25.97 -7.12
N LEU C 284 0.74 -25.13 -7.48
CA LEU C 284 0.93 -24.75 -8.88
C LEU C 284 1.38 -25.93 -9.70
N LEU C 285 2.26 -26.69 -9.15
CA LEU C 285 2.76 -27.91 -9.80
C LEU C 285 1.65 -28.92 -9.98
N GLN C 286 0.77 -29.02 -8.99
CA GLN C 286 -0.36 -29.95 -9.06
C GLN C 286 -1.30 -29.55 -10.19
N ARG C 287 -1.67 -28.27 -10.24
CA ARG C 287 -2.53 -27.80 -11.32
C ARG C 287 -1.93 -28.10 -12.71
N ARG C 288 -0.61 -27.93 -12.87
CA ARG C 288 0.02 -28.20 -14.16
C ARG C 288 -0.06 -29.68 -14.54
N LYS C 289 0.08 -30.54 -13.55
CA LYS C 289 -0.10 -31.97 -13.70
C LYS C 289 -1.49 -32.34 -14.24
N ASP C 290 -2.52 -31.81 -13.59
CA ASP C 290 -3.89 -31.95 -14.02
C ASP C 290 -4.16 -31.49 -15.45
N ILE C 291 -3.59 -30.36 -15.84
CA ILE C 291 -3.73 -29.87 -17.23
C ILE C 291 -2.99 -30.76 -18.19
N VAL C 292 -1.76 -31.17 -17.85
CA VAL C 292 -1.03 -32.09 -18.74
C VAL C 292 -1.74 -33.41 -18.90
N ASP C 293 -2.21 -33.99 -17.80
CA ASP C 293 -2.96 -35.26 -17.92
C ASP C 293 -4.22 -35.13 -18.82
N ARG C 294 -4.89 -33.97 -18.75
CA ARG C 294 -6.07 -33.71 -19.57
C ARG C 294 -5.67 -33.60 -21.07
N TYR C 295 -4.59 -32.86 -21.34
CA TYR C 295 -4.07 -32.77 -22.70
C TYR C 295 -3.64 -34.15 -23.23
N ASP C 296 -2.84 -34.83 -22.43
CA ASP C 296 -2.39 -36.19 -22.77
C ASP C 296 -3.54 -37.10 -23.11
N SER C 297 -4.59 -37.14 -22.30
CA SER C 297 -5.72 -38.01 -22.67
C SER C 297 -6.42 -37.52 -23.94
N GLY C 298 -6.59 -36.22 -24.07
CA GLY C 298 -7.18 -35.61 -25.26
C GLY C 298 -6.48 -35.93 -26.58
N PHE C 299 -5.15 -35.91 -26.56
CA PHE C 299 -4.33 -36.14 -27.77
C PHE C 299 -4.00 -37.60 -28.02
N ALA C 300 -4.31 -38.46 -27.09
CA ALA C 300 -4.12 -39.94 -27.29
C ALA C 300 -4.73 -40.45 -28.60
N GLY C 301 -3.96 -41.23 -29.35
CA GLY C 301 -4.39 -41.79 -30.65
C GLY C 301 -4.46 -40.81 -31.79
N SER C 302 -4.18 -39.52 -31.57
CA SER C 302 -4.21 -38.51 -32.64
C SER C 302 -2.82 -38.30 -33.26
N ARG C 303 -2.75 -37.42 -34.26
CA ARG C 303 -1.47 -37.06 -34.89
C ARG C 303 -0.60 -36.14 -33.96
N ILE C 304 -1.24 -35.52 -32.99
CA ILE C 304 -0.58 -34.62 -32.05
C ILE C 304 0.14 -35.47 -30.99
N HIS C 305 1.46 -35.44 -31.06
CA HIS C 305 2.33 -36.24 -30.15
C HIS C 305 3.10 -35.34 -29.16
N PRO C 306 2.63 -35.27 -27.92
CA PRO C 306 3.30 -34.47 -26.90
C PRO C 306 4.57 -35.17 -26.34
N LEU C 307 5.51 -34.38 -25.92
CA LEU C 307 6.62 -34.89 -25.10
C LEU C 307 6.07 -35.34 -23.78
N ALA C 308 6.55 -36.49 -23.32
CA ALA C 308 6.06 -37.08 -22.09
C ALA C 308 6.63 -36.35 -20.90
N HIS C 309 5.72 -35.93 -20.02
CA HIS C 309 6.11 -35.36 -18.75
C HIS C 309 6.29 -36.28 -17.57
N LYS C 310 5.85 -37.53 -17.74
CA LYS C 310 6.05 -38.52 -16.72
C LYS C 310 6.65 -39.73 -17.40
N THR C 311 7.86 -40.13 -16.95
CA THR C 311 8.56 -41.28 -17.49
C THR C 311 9.02 -42.16 -16.31
N GLU C 312 9.59 -43.29 -16.66
CA GLU C 312 10.22 -44.17 -15.70
C GLU C 312 11.21 -43.47 -14.77
N THR C 313 11.94 -42.50 -15.33
CA THR C 313 12.94 -41.73 -14.57
C THR C 313 12.57 -40.29 -14.19
N VAL C 314 11.61 -39.67 -14.89
CA VAL C 314 11.39 -38.23 -14.72
C VAL C 314 9.96 -37.93 -14.31
N GLU C 315 9.82 -37.06 -13.33
CA GLU C 315 8.59 -36.34 -13.08
C GLU C 315 8.87 -34.88 -13.39
N SER C 316 8.37 -34.43 -14.52
CA SER C 316 8.61 -33.06 -14.99
C SER C 316 7.84 -32.09 -14.14
N SER C 317 8.38 -30.89 -14.01
CA SER C 317 7.65 -29.74 -13.45
C SER C 317 6.55 -29.20 -14.39
N ARG C 318 6.51 -29.66 -15.64
CA ARG C 318 5.41 -29.45 -16.58
C ARG C 318 5.32 -27.97 -16.92
N HIS C 319 6.45 -27.48 -17.41
CA HIS C 319 6.58 -26.04 -17.78
C HIS C 319 6.04 -25.72 -19.15
N LEU C 320 6.38 -26.55 -20.15
CA LEU C 320 5.89 -26.37 -21.50
C LEU C 320 5.19 -27.64 -22.01
N TYR C 321 4.08 -27.41 -22.72
CA TYR C 321 3.43 -28.52 -23.41
C TYR C 321 3.90 -28.49 -24.85
N ILE C 322 5.08 -29.07 -25.02
CA ILE C 322 5.65 -29.33 -26.32
C ILE C 322 4.98 -30.49 -27.06
N THR C 323 4.61 -30.25 -28.33
CA THR C 323 4.02 -31.27 -29.16
C THR C 323 4.74 -31.27 -30.50
N ARG C 324 4.70 -32.42 -31.15
CA ARG C 324 5.06 -32.51 -32.56
C ARG C 324 3.88 -33.14 -33.32
N VAL C 325 3.56 -32.57 -34.50
CA VAL C 325 2.43 -33.02 -35.29
C VAL C 325 3.01 -33.95 -36.37
N GLU C 326 2.70 -35.25 -36.26
CA GLU C 326 3.18 -36.20 -37.26
C GLU C 326 2.80 -35.79 -38.68
N GLY C 327 3.76 -35.89 -39.59
CA GLY C 327 3.51 -35.70 -41.03
C GLY C 327 3.45 -34.26 -41.52
N ALA C 328 3.63 -33.28 -40.63
CA ALA C 328 3.53 -31.86 -40.99
C ALA C 328 4.89 -31.28 -41.43
N SER C 329 4.90 -30.58 -42.56
CA SER C 329 6.05 -29.82 -43.00
C SER C 329 6.20 -28.51 -42.21
N LEU C 330 7.34 -27.88 -42.37
CA LEU C 330 7.57 -26.52 -41.89
C LEU C 330 6.43 -25.55 -42.20
N GLU C 331 6.03 -25.50 -43.48
CA GLU C 331 5.00 -24.53 -43.92
C GLU C 331 3.66 -24.88 -43.32
N GLU C 332 3.37 -26.19 -43.19
CA GLU C 332 2.13 -26.64 -42.62
C GLU C 332 2.09 -26.33 -41.13
N ARG C 333 3.19 -26.55 -40.42
CA ARG C 333 3.26 -26.19 -38.99
C ARG C 333 2.95 -24.71 -38.81
N ASN C 334 3.53 -23.88 -39.66
CA ASN C 334 3.38 -22.43 -39.50
C ASN C 334 1.92 -22.04 -39.71
N LEU C 335 1.28 -22.65 -40.73
CA LEU C 335 -0.14 -22.43 -40.99
C LEU C 335 -0.99 -22.84 -39.79
N ILE C 336 -0.71 -24.01 -39.21
CA ILE C 336 -1.44 -24.47 -38.03
C ILE C 336 -1.38 -23.44 -36.89
N ILE C 337 -0.21 -22.86 -36.64
CA ILE C 337 -0.09 -21.87 -35.58
C ILE C 337 -0.99 -20.65 -35.86
N GLN C 338 -1.01 -20.18 -37.09
CA GLN C 338 -1.86 -19.05 -37.45
C GLN C 338 -3.36 -19.39 -37.37
N GLU C 339 -3.72 -20.64 -37.69
CA GLU C 339 -5.09 -21.07 -37.53
C GLU C 339 -5.47 -21.18 -36.06
N LEU C 340 -4.55 -21.66 -35.23
CA LEU C 340 -4.80 -21.70 -33.78
C LEU C 340 -5.07 -20.29 -33.28
N ALA C 341 -4.30 -19.36 -33.79
CA ALA C 341 -4.43 -17.94 -33.41
C ALA C 341 -5.79 -17.34 -33.83
N LYS C 342 -6.26 -17.67 -35.03
CA LYS C 342 -7.62 -17.27 -35.48
C LYS C 342 -8.74 -17.86 -34.63
N ALA C 343 -8.46 -18.99 -33.99
CA ALA C 343 -9.39 -19.66 -33.07
C ALA C 343 -9.22 -19.22 -31.61
N GLY C 344 -8.44 -18.17 -31.37
CA GLY C 344 -8.26 -17.63 -30.04
C GLY C 344 -7.33 -18.44 -29.15
N ILE C 345 -6.38 -19.14 -29.77
CA ILE C 345 -5.37 -19.95 -29.04
C ILE C 345 -3.94 -19.57 -29.38
N ALA C 346 -3.22 -19.02 -28.41
CA ALA C 346 -1.84 -18.62 -28.60
C ALA C 346 -0.98 -19.91 -28.49
N SER C 347 0.10 -19.91 -29.25
CA SER C 347 1.00 -21.07 -29.31
C SER C 347 2.39 -20.54 -29.56
N ASN C 348 3.38 -21.40 -29.40
CA ASN C 348 4.73 -21.00 -29.56
C ASN C 348 5.54 -22.12 -30.14
N VAL C 349 6.81 -21.82 -30.41
CA VAL C 349 7.73 -22.85 -30.94
C VAL C 349 8.96 -22.89 -30.05
N HIS C 350 9.27 -24.08 -29.53
CA HIS C 350 10.48 -24.32 -28.77
C HIS C 350 11.21 -25.51 -29.41
N TYR C 351 12.22 -25.30 -30.25
CA TYR C 351 12.80 -23.98 -30.62
C TYR C 351 13.35 -24.10 -32.01
N LYS C 352 13.64 -22.95 -32.64
CA LYS C 352 14.56 -22.91 -33.75
C LYS C 352 15.87 -23.49 -33.26
N PRO C 353 16.45 -24.47 -33.95
CA PRO C 353 17.80 -24.86 -33.57
C PRO C 353 18.75 -23.69 -33.70
N LEU C 354 19.75 -23.65 -32.84
CA LEU C 354 20.70 -22.53 -32.81
C LEU C 354 21.30 -22.19 -34.16
N PRO C 355 21.70 -23.20 -34.95
CA PRO C 355 22.25 -22.91 -36.29
C PRO C 355 21.34 -22.18 -37.25
N LEU C 356 20.03 -22.10 -37.00
CA LEU C 356 19.13 -21.28 -37.83
C LEU C 356 19.25 -19.78 -37.55
N LEU C 357 19.78 -19.44 -36.39
CA LEU C 357 19.83 -18.03 -35.94
C LEU C 357 21.04 -17.35 -36.50
N THR C 358 20.85 -16.11 -36.99
CA THR C 358 21.94 -15.29 -37.54
C THR C 358 23.23 -15.26 -36.70
N ALA C 359 23.10 -15.06 -35.39
CA ALA C 359 24.27 -14.99 -34.51
C ALA C 359 25.19 -16.21 -34.60
N TYR C 360 24.58 -17.40 -34.66
CA TYR C 360 25.34 -18.67 -34.65
C TYR C 360 25.74 -19.09 -36.07
N LYS C 361 24.90 -18.80 -37.06
CA LYS C 361 25.33 -18.89 -38.47
C LYS C 361 26.56 -18.05 -38.69
N ASN C 362 26.58 -16.85 -38.11
CA ASN C 362 27.74 -15.95 -38.19
C ASN C 362 29.00 -16.47 -37.48
N LEU C 363 28.86 -17.39 -36.55
CA LEU C 363 29.99 -18.10 -35.94
C LEU C 363 30.35 -19.44 -36.61
N GLY C 364 29.79 -19.71 -37.79
CA GLY C 364 30.15 -20.89 -38.57
C GLY C 364 29.30 -22.13 -38.35
N PHE C 365 28.26 -22.05 -37.52
CA PHE C 365 27.40 -23.22 -37.29
C PHE C 365 26.42 -23.41 -38.45
N ASP C 366 26.24 -24.65 -38.85
CA ASP C 366 25.53 -24.97 -40.08
C ASP C 366 24.44 -25.97 -39.75
N MET C 367 23.19 -25.59 -40.06
CA MET C 367 21.99 -26.42 -39.80
C MET C 367 22.08 -27.84 -40.38
N THR C 368 22.75 -27.99 -41.52
CA THR C 368 22.88 -29.29 -42.19
C THR C 368 23.68 -30.31 -41.36
N ASN C 369 24.48 -29.85 -40.40
CA ASN C 369 25.15 -30.74 -39.42
C ASN C 369 24.29 -31.28 -38.28
N TYR C 370 23.07 -30.75 -38.12
CA TYR C 370 22.20 -31.13 -37.01
C TYR C 370 20.78 -31.44 -37.51
N PRO C 371 20.64 -32.46 -38.39
CA PRO C 371 19.35 -32.78 -38.99
C PRO C 371 18.26 -33.21 -38.02
N LYS C 372 18.64 -33.82 -36.90
CA LYS C 372 17.64 -34.25 -35.90
C LYS C 372 17.04 -33.01 -35.20
N ALA C 373 17.91 -32.05 -34.90
CA ALA C 373 17.48 -30.80 -34.31
C ALA C 373 16.47 -30.12 -35.23
N TYR C 374 16.80 -30.04 -36.52
CA TYR C 374 15.88 -29.49 -37.52
C TYR C 374 14.55 -30.23 -37.61
N ALA C 375 14.61 -31.56 -37.65
CA ALA C 375 13.36 -32.36 -37.75
C ALA C 375 12.47 -32.18 -36.50
N PHE C 376 13.07 -32.07 -35.31
CA PHE C 376 12.28 -31.79 -34.07
C PHE C 376 11.52 -30.49 -34.19
N PHE C 377 12.25 -29.46 -34.63
CA PHE C 377 11.72 -28.09 -34.77
C PHE C 377 10.62 -28.00 -35.80
N GLU C 378 10.87 -28.62 -36.94
CA GLU C 378 10.01 -28.49 -38.11
C GLU C 378 8.51 -28.67 -37.83
N ASN C 379 8.16 -29.63 -36.99
CA ASN C 379 6.74 -29.97 -36.72
C ASN C 379 6.34 -29.74 -35.26
N GLU C 380 7.12 -28.93 -34.56
CA GLU C 380 6.90 -28.67 -33.17
C GLU C 380 5.91 -27.49 -32.98
N ILE C 381 4.94 -27.68 -32.08
CA ILE C 381 4.08 -26.62 -31.60
C ILE C 381 3.90 -26.73 -30.09
N THR C 382 4.13 -25.60 -29.41
CA THR C 382 3.93 -25.55 -27.98
C THR C 382 2.55 -24.94 -27.69
N LEU C 383 1.70 -25.70 -26.97
CA LEU C 383 0.41 -25.26 -26.53
C LEU C 383 0.53 -24.64 -25.17
N PRO C 384 -0.38 -23.69 -24.85
CA PRO C 384 -0.35 -23.03 -23.55
C PRO C 384 -0.36 -24.03 -22.39
N LEU C 385 0.48 -23.76 -21.39
CA LEU C 385 0.50 -24.57 -20.14
C LEU C 385 0.89 -23.63 -19.00
N HIS C 386 -0.14 -23.20 -18.29
CA HIS C 386 0.03 -22.29 -17.19
C HIS C 386 -1.19 -22.42 -16.32
N THR C 387 -1.11 -21.79 -15.16
CA THR C 387 -2.12 -22.03 -14.09
C THR C 387 -3.33 -21.14 -14.15
N LYS C 388 -3.42 -20.27 -15.15
CA LYS C 388 -4.62 -19.48 -15.40
C LYS C 388 -5.56 -20.17 -16.41
N LEU C 389 -5.13 -21.27 -17.01
CA LEU C 389 -6.01 -22.06 -17.91
C LEU C 389 -7.15 -22.71 -17.17
N SER C 390 -8.38 -22.51 -17.63
CA SER C 390 -9.50 -23.31 -17.16
C SER C 390 -9.53 -24.67 -17.87
N ASP C 391 -10.18 -25.64 -17.23
CA ASP C 391 -10.48 -26.92 -17.89
C ASP C 391 -11.24 -26.77 -19.21
N GLU C 392 -12.19 -25.84 -19.27
CA GLU C 392 -12.96 -25.57 -20.52
C GLU C 392 -12.07 -25.06 -21.67
N GLU C 393 -11.11 -24.19 -21.34
CA GLU C 393 -10.12 -23.75 -22.32
C GLU C 393 -9.23 -24.92 -22.83
N VAL C 394 -8.74 -25.74 -21.89
CA VAL C 394 -7.92 -26.91 -22.26
C VAL C 394 -8.70 -27.82 -23.23
N ASP C 395 -9.95 -28.10 -22.91
CA ASP C 395 -10.84 -28.92 -23.75
C ASP C 395 -11.02 -28.29 -25.13
N TYR C 396 -11.22 -26.98 -25.14
CA TYR C 396 -11.28 -26.24 -26.39
C TYR C 396 -9.99 -26.34 -27.21
N ILE C 397 -8.82 -26.21 -26.56
CA ILE C 397 -7.51 -26.32 -27.25
C ILE C 397 -7.35 -27.71 -27.85
N ILE C 398 -7.62 -28.73 -27.05
CA ILE C 398 -7.56 -30.11 -27.54
C ILE C 398 -8.37 -30.27 -28.85
N GLU C 399 -9.65 -29.93 -28.78
CA GLU C 399 -10.53 -30.15 -29.91
C GLU C 399 -10.16 -29.32 -31.13
N THR C 400 -9.86 -28.04 -30.90
CA THR C 400 -9.46 -27.11 -31.96
C THR C 400 -8.14 -27.51 -32.65
N PHE C 401 -7.13 -27.89 -31.86
CA PHE C 401 -5.83 -28.28 -32.42
C PHE C 401 -5.98 -29.53 -33.32
N LYS C 402 -6.79 -30.48 -32.88
CA LYS C 402 -7.08 -31.65 -33.74
C LYS C 402 -7.76 -31.22 -35.05
N THR C 403 -8.86 -30.47 -34.94
CA THR C 403 -9.63 -30.02 -36.13
C THR C 403 -8.78 -29.18 -37.07
N VAL C 404 -7.99 -28.26 -36.51
CA VAL C 404 -7.12 -27.38 -37.30
C VAL C 404 -6.03 -28.13 -38.02
N SER C 405 -5.35 -29.03 -37.32
CA SER C 405 -4.34 -29.89 -37.94
C SER C 405 -4.91 -30.67 -39.14
N GLU C 406 -6.04 -31.32 -38.91
CA GLU C 406 -6.74 -32.11 -39.97
C GLU C 406 -7.04 -31.19 -41.16
N LYS C 407 -7.60 -30.00 -40.88
CA LYS C 407 -7.95 -29.06 -41.93
C LYS C 407 -6.76 -28.66 -42.78
N VAL C 408 -5.65 -28.33 -42.14
CA VAL C 408 -4.42 -27.93 -42.85
C VAL C 408 -3.89 -29.07 -43.73
N LEU C 409 -3.86 -30.29 -43.19
CA LEU C 409 -3.36 -31.43 -43.97
C LEU C 409 -4.31 -31.80 -45.10
N THR C 410 -5.62 -31.81 -44.83
CA THR C 410 -6.64 -32.11 -45.88
C THR C 410 -6.64 -30.99 -46.97
N LEU C 411 -6.29 -29.76 -46.57
CA LEU C 411 -6.03 -28.68 -47.52
C LEU C 411 -4.77 -28.94 -48.37
N SER C 412 -3.67 -29.36 -47.73
CA SER C 412 -2.44 -29.74 -48.46
C SER C 412 -2.67 -30.92 -49.41
N LYS C 413 -3.27 -31.99 -48.92
CA LYS C 413 -3.57 -33.16 -49.76
C LYS C 413 -4.36 -32.78 -51.03
N LYS C 414 -5.50 -32.12 -50.84
CA LYS C 414 -6.52 -31.97 -51.88
C LYS C 414 -6.92 -33.36 -52.45
N ASN D 9 1.66 -23.97 16.20
CA ASN D 9 0.29 -24.50 16.46
C ASN D 9 -0.79 -23.69 15.71
N TYR D 10 -1.98 -23.55 16.30
CA TYR D 10 -3.08 -22.78 15.74
C TYR D 10 -3.44 -21.75 16.78
N ASN D 11 -3.70 -20.54 16.32
CA ASN D 11 -4.33 -19.52 17.09
C ASN D 11 -5.27 -18.81 16.13
N ILE D 12 -6.44 -19.40 15.93
CA ILE D 12 -7.37 -19.00 14.86
C ILE D 12 -8.28 -17.91 15.39
N PRO D 13 -8.21 -16.69 14.82
CA PRO D 13 -9.06 -15.62 15.31
C PRO D 13 -10.51 -15.75 14.82
N PHE D 14 -11.43 -15.13 15.54
CA PHE D 14 -12.85 -15.21 15.20
C PHE D 14 -13.24 -14.40 13.97
N SER D 15 -12.66 -13.20 13.81
CA SER D 15 -13.15 -12.25 12.79
C SER D 15 -12.14 -11.17 12.46
N PRO D 16 -10.92 -11.55 12.04
CA PRO D 16 -9.95 -10.56 11.61
C PRO D 16 -10.41 -9.90 10.33
N PRO D 17 -9.97 -8.65 10.09
CA PRO D 17 -10.33 -7.99 8.87
C PRO D 17 -9.58 -8.55 7.65
N ASP D 18 -10.23 -8.53 6.48
CA ASP D 18 -9.62 -8.93 5.22
C ASP D 18 -9.42 -7.68 4.40
N ILE D 19 -8.27 -7.05 4.59
CA ILE D 19 -7.90 -5.82 3.87
C ILE D 19 -6.68 -6.15 3.00
N THR D 20 -6.72 -5.73 1.74
CA THR D 20 -5.60 -5.93 0.80
C THR D 20 -5.00 -4.58 0.39
N GLU D 21 -3.92 -4.61 -0.38
CA GLU D 21 -3.31 -3.38 -0.90
C GLU D 21 -4.24 -2.50 -1.75
N ALA D 22 -5.25 -3.08 -2.41
CA ALA D 22 -6.22 -2.28 -3.16
C ALA D 22 -7.01 -1.32 -2.24
N GLU D 23 -7.44 -1.79 -1.07
CA GLU D 23 -8.11 -0.89 -0.08
C GLU D 23 -7.20 0.21 0.34
N ILE D 24 -5.95 -0.15 0.62
CA ILE D 24 -4.99 0.82 1.11
C ILE D 24 -4.77 1.90 0.05
N THR D 25 -4.60 1.51 -1.22
CA THR D 25 -4.36 2.50 -2.30
C THR D 25 -5.55 3.45 -2.50
N GLU D 26 -6.76 2.92 -2.42
CA GLU D 26 -7.96 3.69 -2.60
C GLU D 26 -8.11 4.70 -1.46
N VAL D 27 -7.85 4.27 -0.25
CA VAL D 27 -7.88 5.17 0.92
C VAL D 27 -6.81 6.22 0.74
N VAL D 28 -5.58 5.80 0.36
CA VAL D 28 -4.49 6.77 0.11
C VAL D 28 -4.89 7.84 -0.91
N ASP D 29 -5.56 7.43 -1.97
CA ASP D 29 -6.09 8.31 -3.00
C ASP D 29 -7.02 9.38 -2.40
N THR D 30 -7.92 8.95 -1.53
CA THR D 30 -8.80 9.88 -0.83
C THR D 30 -8.01 10.90 0.03
N LEU D 31 -7.01 10.39 0.76
CA LEU D 31 -6.17 11.23 1.61
C LEU D 31 -5.30 12.24 0.87
N ARG D 32 -5.08 12.01 -0.43
CA ARG D 32 -4.43 13.00 -1.29
C ARG D 32 -5.39 13.99 -1.94
N SER D 33 -6.69 13.74 -1.82
CA SER D 33 -7.71 14.53 -2.53
C SER D 33 -8.15 15.72 -1.68
N GLY D 34 -8.99 16.57 -2.25
CA GLY D 34 -9.66 17.61 -1.44
C GLY D 34 -10.70 17.11 -0.43
N TRP D 35 -11.05 15.82 -0.48
CA TRP D 35 -12.26 15.33 0.17
C TRP D 35 -11.97 14.19 1.08
N ILE D 36 -11.84 14.45 2.38
CA ILE D 36 -11.56 13.37 3.32
C ILE D 36 -12.75 12.94 4.17
N THR D 37 -13.72 13.82 4.37
CA THR D 37 -15.00 13.41 4.94
C THR D 37 -15.94 13.10 3.78
N THR D 38 -17.24 13.26 3.97
CA THR D 38 -18.26 12.90 2.94
C THR D 38 -17.98 13.62 1.63
N GLY D 39 -17.80 12.85 0.56
CA GLY D 39 -17.51 13.43 -0.73
C GLY D 39 -18.01 12.59 -1.90
N PRO D 40 -17.32 12.69 -3.05
CA PRO D 40 -17.74 11.92 -4.24
C PRO D 40 -17.70 10.41 -4.07
N LYS D 41 -16.71 9.88 -3.34
CA LYS D 41 -16.61 8.44 -3.13
C LYS D 41 -17.78 7.88 -2.35
N THR D 42 -18.24 8.64 -1.35
CA THR D 42 -19.41 8.23 -0.61
C THR D 42 -20.65 8.16 -1.52
N LYS D 43 -20.81 9.15 -2.39
CA LYS D 43 -21.94 9.15 -3.32
C LYS D 43 -21.82 7.98 -4.30
N GLU D 44 -20.62 7.72 -4.78
CA GLU D 44 -20.40 6.61 -5.71
C GLU D 44 -20.69 5.28 -4.99
N LEU D 45 -20.27 5.14 -3.73
CA LEU D 45 -20.58 3.90 -2.98
C LEU D 45 -22.08 3.65 -2.80
N GLU D 46 -22.80 4.71 -2.45
CA GLU D 46 -24.28 4.63 -2.37
C GLU D 46 -24.90 4.18 -3.71
N ARG D 47 -24.45 4.78 -4.80
CA ARG D 47 -24.94 4.42 -6.16
C ARG D 47 -24.69 2.92 -6.46
N ARG D 48 -23.45 2.48 -6.28
CA ARG D 48 -23.10 1.07 -6.50
C ARG D 48 -23.83 0.08 -5.56
N LEU D 49 -23.95 0.45 -4.28
CA LEU D 49 -24.68 -0.37 -3.30
C LEU D 49 -26.18 -0.53 -3.68
N SER D 50 -26.80 0.56 -4.13
CA SER D 50 -28.20 0.55 -4.61
C SER D 50 -28.41 -0.46 -5.75
N LEU D 51 -27.50 -0.42 -6.73
CA LEU D 51 -27.55 -1.40 -7.84
C LEU D 51 -27.35 -2.83 -7.31
N TYR D 52 -26.41 -3.00 -6.37
CA TYR D 52 -26.19 -4.32 -5.74
C TYR D 52 -27.39 -4.85 -4.95
N THR D 53 -28.07 -3.99 -4.20
CA THR D 53 -29.24 -4.41 -3.42
C THR D 53 -30.55 -4.24 -4.17
N GLN D 54 -30.49 -3.79 -5.42
CA GLN D 54 -31.70 -3.56 -6.25
C GLN D 54 -32.72 -2.64 -5.58
N THR D 55 -32.20 -1.55 -5.03
CA THR D 55 -33.01 -0.50 -4.44
C THR D 55 -32.66 0.80 -5.18
N PRO D 56 -33.57 1.79 -5.18
CA PRO D 56 -33.29 3.02 -5.91
C PRO D 56 -32.21 3.94 -5.30
N LYS D 57 -32.16 4.03 -3.97
CA LYS D 57 -31.21 4.95 -3.32
C LYS D 57 -30.67 4.31 -2.07
N THR D 58 -29.42 4.64 -1.73
CA THR D 58 -28.81 4.21 -0.49
C THR D 58 -28.17 5.42 0.23
N VAL D 59 -28.30 5.42 1.56
CA VAL D 59 -27.70 6.45 2.43
C VAL D 59 -26.61 5.78 3.22
N CYS D 60 -25.37 6.12 2.91
CA CYS D 60 -24.25 5.56 3.64
C CYS D 60 -24.05 6.40 4.90
N LEU D 61 -23.87 5.73 6.03
CA LEU D 61 -23.70 6.40 7.32
C LEU D 61 -22.50 5.75 8.12
N ASN D 62 -22.28 6.25 9.33
CA ASN D 62 -21.14 5.74 10.12
C ASN D 62 -21.32 4.43 10.91
N SER D 63 -22.54 3.88 10.93
CA SER D 63 -22.83 2.58 11.54
C SER D 63 -24.23 2.13 11.09
N ALA D 64 -24.50 0.84 11.28
CA ALA D 64 -25.83 0.29 11.09
C ALA D 64 -26.77 0.77 12.17
N THR D 65 -26.25 0.98 13.38
CA THR D 65 -27.04 1.54 14.46
C THR D 65 -27.59 2.94 14.07
N ALA D 66 -26.72 3.79 13.51
CA ALA D 66 -27.13 5.12 13.01
C ALA D 66 -28.20 4.98 11.91
N ALA D 67 -28.01 4.01 11.00
CA ALA D 67 -28.99 3.78 9.95
C ALA D 67 -30.36 3.37 10.51
N LEU D 68 -30.37 2.37 11.40
CA LEU D 68 -31.61 1.89 11.97
C LEU D 68 -32.32 3.05 12.74
N GLU D 69 -31.54 3.79 13.56
CA GLU D 69 -32.13 4.92 14.28
C GLU D 69 -32.73 5.96 13.31
N LEU D 70 -32.01 6.29 12.24
CA LEU D 70 -32.52 7.29 11.30
C LEU D 70 -33.76 6.83 10.57
N ILE D 71 -33.84 5.53 10.25
CA ILE D 71 -35.09 4.97 9.70
C ILE D 71 -36.23 5.27 10.66
N LEU D 72 -36.04 4.96 11.93
CA LEU D 72 -37.09 5.17 12.91
C LEU D 72 -37.42 6.65 13.03
N ARG D 73 -36.39 7.50 12.95
CA ARG D 73 -36.67 8.95 13.05
C ARG D 73 -37.40 9.46 11.79
N VAL D 74 -37.09 8.90 10.62
CA VAL D 74 -37.72 9.31 9.37
C VAL D 74 -39.22 8.92 9.43
N LEU D 75 -39.48 7.71 9.92
CA LEU D 75 -40.82 7.24 10.21
C LEU D 75 -41.57 8.02 11.35
N GLU D 76 -40.83 8.86 12.08
CA GLU D 76 -41.29 9.55 13.30
C GLU D 76 -41.90 8.62 14.38
N VAL D 77 -41.30 7.44 14.53
CA VAL D 77 -41.63 6.51 15.62
C VAL D 77 -41.09 7.15 16.91
N GLY D 78 -41.92 7.23 17.95
CA GLY D 78 -41.53 7.88 19.19
C GLY D 78 -42.35 7.47 20.39
N PRO D 79 -42.45 8.37 21.40
CA PRO D 79 -43.20 8.09 22.61
C PRO D 79 -44.62 7.60 22.34
N GLY D 80 -45.02 6.53 23.01
CA GLY D 80 -46.36 5.96 22.80
C GLY D 80 -46.44 4.89 21.72
N ASP D 81 -45.45 4.82 20.82
CA ASP D 81 -45.42 3.79 19.76
C ASP D 81 -44.69 2.56 20.24
N GLU D 82 -45.06 1.43 19.67
CA GLU D 82 -44.41 0.15 19.94
C GLU D 82 -43.63 -0.31 18.71
N VAL D 83 -42.47 -0.89 18.97
CA VAL D 83 -41.65 -1.50 17.93
C VAL D 83 -41.35 -2.90 18.33
N ILE D 84 -41.66 -3.83 17.44
CA ILE D 84 -41.47 -5.24 17.73
C ILE D 84 -40.09 -5.69 17.26
N VAL D 85 -39.40 -6.42 18.15
CA VAL D 85 -38.10 -6.97 17.88
C VAL D 85 -38.03 -8.40 18.41
N PRO D 86 -37.20 -9.25 17.80
CA PRO D 86 -37.00 -10.55 18.41
C PRO D 86 -36.28 -10.48 19.75
N ALA D 87 -36.64 -11.43 20.62
CA ALA D 87 -35.96 -11.57 21.90
C ALA D 87 -34.51 -12.02 21.72
N MET D 88 -34.24 -12.65 20.57
CA MET D 88 -32.94 -13.19 20.20
C MET D 88 -32.36 -12.31 19.11
N THR D 89 -31.62 -11.30 19.55
CA THR D 89 -30.88 -10.46 18.63
C THR D 89 -29.79 -9.69 19.38
N TYR D 90 -28.99 -8.93 18.63
CA TYR D 90 -27.99 -8.03 19.19
C TYR D 90 -28.66 -6.80 19.83
N THR D 91 -28.07 -6.29 20.92
CA THR D 91 -28.66 -5.13 21.59
C THR D 91 -29.01 -3.95 20.66
N ALA D 92 -28.22 -3.73 19.63
CA ALA D 92 -28.38 -2.57 18.74
C ALA D 92 -29.70 -2.55 17.95
N SER D 93 -30.29 -3.73 17.72
CA SER D 93 -31.60 -3.82 17.07
C SER D 93 -32.71 -3.19 17.94
N CYS D 94 -32.51 -3.23 19.26
CA CYS D 94 -33.46 -2.77 20.23
C CYS D 94 -33.17 -1.38 20.84
N SER D 95 -31.90 -1.09 21.07
CA SER D 95 -31.51 0.14 21.73
C SER D 95 -32.00 1.41 20.98
N VAL D 96 -32.00 1.36 19.64
CA VAL D 96 -32.49 2.50 18.84
C VAL D 96 -33.96 2.80 19.08
N ILE D 97 -34.74 1.80 19.49
CA ILE D 97 -36.15 1.99 19.88
C ILE D 97 -36.23 2.90 21.10
N THR D 98 -35.38 2.65 22.09
CA THR D 98 -35.39 3.42 23.29
C THR D 98 -34.81 4.84 22.98
N HIS D 99 -33.88 4.92 22.01
CA HIS D 99 -33.33 6.21 21.64
C HIS D 99 -34.38 7.21 21.13
N VAL D 100 -35.34 6.72 20.38
CA VAL D 100 -36.42 7.58 19.86
C VAL D 100 -37.60 7.68 20.83
N GLY D 101 -37.53 6.99 21.95
CA GLY D 101 -38.53 7.09 23.00
C GLY D 101 -39.73 6.18 22.82
N ALA D 102 -39.68 5.24 21.86
CA ALA D 102 -40.69 4.23 21.66
C ALA D 102 -40.52 3.09 22.65
N THR D 103 -41.51 2.20 22.68
CA THR D 103 -41.53 1.07 23.58
C THR D 103 -41.15 -0.21 22.83
N PRO D 104 -40.03 -0.83 23.18
CA PRO D 104 -39.75 -2.13 22.57
C PRO D 104 -40.76 -3.19 23.02
N VAL D 105 -41.17 -4.06 22.08
CA VAL D 105 -41.98 -5.23 22.36
C VAL D 105 -41.23 -6.43 21.82
N MET D 106 -40.78 -7.31 22.71
CA MET D 106 -40.00 -8.47 22.33
C MET D 106 -40.92 -9.66 22.05
N VAL D 107 -40.54 -10.46 21.07
CA VAL D 107 -41.31 -11.66 20.69
C VAL D 107 -40.36 -12.86 20.73
N ASP D 108 -40.86 -13.98 21.27
CA ASP D 108 -40.07 -15.19 21.36
C ASP D 108 -39.84 -15.80 19.99
N ILE D 109 -38.83 -16.64 19.90
CA ILE D 109 -38.45 -17.25 18.65
C ILE D 109 -39.00 -18.68 18.53
N GLN D 110 -38.72 -19.34 17.42
CA GLN D 110 -39.23 -20.68 17.14
C GLN D 110 -38.28 -21.74 17.76
N ALA D 111 -38.67 -23.01 17.71
CA ALA D 111 -37.91 -24.09 18.33
C ALA D 111 -36.66 -24.48 17.53
N ASP D 112 -36.69 -24.27 16.22
CA ASP D 112 -35.69 -24.84 15.31
C ASP D 112 -35.11 -23.77 14.41
N THR D 113 -35.22 -22.51 14.81
CA THR D 113 -34.62 -21.42 14.09
C THR D 113 -34.67 -20.17 14.96
N PHE D 114 -33.78 -19.24 14.65
CA PHE D 114 -33.69 -17.94 15.31
C PHE D 114 -34.92 -17.04 15.06
N GLU D 115 -35.66 -17.30 13.98
CA GLU D 115 -36.71 -16.40 13.58
C GLU D 115 -37.79 -16.30 14.65
N MET D 116 -38.47 -15.16 14.67
CA MET D 116 -39.63 -14.98 15.54
C MET D 116 -40.67 -16.06 15.23
N ASP D 117 -41.31 -16.53 16.30
CA ASP D 117 -42.55 -17.31 16.17
C ASP D 117 -43.56 -16.27 15.67
N TYR D 118 -44.02 -16.44 14.43
CA TYR D 118 -44.88 -15.46 13.77
C TYR D 118 -46.32 -15.45 14.26
N ASP D 119 -46.75 -16.54 14.93
CA ASP D 119 -48.05 -16.57 15.61
C ASP D 119 -47.98 -15.67 16.83
N LEU D 120 -46.91 -15.81 17.61
CA LEU D 120 -46.68 -14.94 18.76
C LEU D 120 -46.46 -13.49 18.31
N LEU D 121 -45.85 -13.29 17.14
CA LEU D 121 -45.73 -11.94 16.55
C LEU D 121 -47.10 -11.31 16.31
N GLU D 122 -47.99 -12.06 15.67
CA GLU D 122 -49.39 -11.63 15.48
C GLU D 122 -50.02 -11.20 16.80
N GLN D 123 -49.86 -12.04 17.83
CA GLN D 123 -50.42 -11.76 19.16
C GLN D 123 -49.86 -10.49 19.79
N ALA D 124 -48.58 -10.22 19.58
CA ALA D 124 -47.93 -9.02 20.15
C ALA D 124 -48.34 -7.69 19.52
N ILE D 125 -48.97 -7.74 18.34
CA ILE D 125 -49.38 -6.53 17.63
C ILE D 125 -50.54 -5.83 18.33
N THR D 126 -50.42 -4.51 18.47
CA THR D 126 -51.47 -3.68 19.06
C THR D 126 -51.71 -2.45 18.18
N GLU D 127 -52.61 -1.58 18.64
CA GLU D 127 -52.88 -0.32 17.97
C GLU D 127 -51.69 0.64 17.99
N LYS D 128 -50.75 0.41 18.90
CA LYS D 128 -49.54 1.22 18.99
C LYS D 128 -48.38 0.75 18.11
N THR D 129 -48.48 -0.48 17.58
CA THR D 129 -47.35 -1.05 16.80
C THR D 129 -47.17 -0.25 15.51
N LYS D 130 -45.96 0.29 15.33
CA LYS D 130 -45.55 0.99 14.11
C LYS D 130 -44.57 0.20 13.21
N VAL D 131 -43.69 -0.60 13.81
CA VAL D 131 -42.54 -1.16 13.11
C VAL D 131 -42.29 -2.52 13.64
N ILE D 132 -41.87 -3.40 12.74
CA ILE D 132 -41.31 -4.70 13.08
C ILE D 132 -39.88 -4.69 12.56
N ILE D 133 -38.95 -5.10 13.41
CA ILE D 133 -37.53 -5.25 13.05
C ILE D 133 -37.08 -6.73 13.09
N PRO D 134 -37.26 -7.46 11.96
CA PRO D 134 -36.66 -8.82 11.92
C PRO D 134 -35.15 -8.67 11.81
N VAL D 135 -34.45 -9.67 12.30
CA VAL D 135 -33.00 -9.75 12.15
C VAL D 135 -32.62 -10.91 11.25
N GLU D 136 -31.75 -10.63 10.30
CA GLU D 136 -31.38 -11.61 9.31
C GLU D 136 -30.09 -12.27 9.88
N LEU D 137 -30.31 -13.07 10.92
CA LEU D 137 -29.18 -13.62 11.72
C LEU D 137 -28.29 -14.46 10.86
N ALA D 138 -26.99 -14.19 10.98
CA ALA D 138 -25.92 -14.90 10.30
C ALA D 138 -25.94 -14.79 8.79
N GLY D 139 -26.83 -13.94 8.26
CA GLY D 139 -27.05 -13.76 6.82
C GLY D 139 -28.31 -14.42 6.30
N ILE D 140 -28.95 -15.19 7.17
CA ILE D 140 -30.18 -15.92 6.82
C ILE D 140 -31.36 -14.99 6.93
N VAL D 141 -32.11 -14.82 5.82
CA VAL D 141 -33.14 -13.82 5.72
C VAL D 141 -34.42 -14.45 6.21
N CYS D 142 -35.24 -13.68 6.91
CA CYS D 142 -36.52 -14.17 7.47
C CYS D 142 -37.61 -14.51 6.44
N ASP D 143 -38.66 -15.16 6.92
CA ASP D 143 -39.86 -15.58 6.12
C ASP D 143 -40.64 -14.30 5.83
N TYR D 144 -40.19 -13.52 4.83
CA TYR D 144 -40.85 -12.26 4.51
C TYR D 144 -42.29 -12.43 3.96
N ASP D 145 -42.57 -13.49 3.21
CA ASP D 145 -43.95 -13.77 2.82
C ASP D 145 -44.88 -13.83 4.04
N ARG D 146 -44.46 -14.51 5.10
CA ARG D 146 -45.24 -14.58 6.33
C ARG D 146 -45.29 -13.22 7.04
N LEU D 147 -44.15 -12.55 7.18
CA LEU D 147 -44.12 -11.23 7.82
C LEU D 147 -45.07 -10.22 7.14
N PHE D 148 -45.02 -10.12 5.82
CA PHE D 148 -45.96 -9.24 5.09
C PHE D 148 -47.42 -9.66 5.24
N GLN D 149 -47.67 -10.96 5.33
CA GLN D 149 -49.04 -11.50 5.58
C GLN D 149 -49.57 -11.07 6.95
N VAL D 150 -48.71 -11.11 7.97
CA VAL D 150 -49.05 -10.67 9.32
C VAL D 150 -49.48 -9.19 9.34
N VAL D 151 -48.64 -8.31 8.79
CA VAL D 151 -48.93 -6.87 8.86
C VAL D 151 -50.22 -6.53 8.09
N GLU D 152 -50.42 -7.20 6.96
CA GLU D 152 -51.65 -7.06 6.16
C GLU D 152 -52.85 -7.55 6.93
N LYS D 153 -52.71 -8.70 7.58
CA LYS D 153 -53.80 -9.28 8.38
C LYS D 153 -54.25 -8.37 9.51
N LYS D 154 -53.29 -7.72 10.16
CA LYS D 154 -53.57 -6.81 11.28
C LYS D 154 -53.73 -5.33 10.88
N ARG D 155 -53.83 -5.05 9.58
CA ARG D 155 -53.91 -3.68 9.07
C ARG D 155 -54.93 -2.79 9.83
N ASP D 156 -56.07 -3.35 10.24
CA ASP D 156 -57.10 -2.59 10.98
C ASP D 156 -56.70 -2.14 12.41
N PHE D 157 -55.66 -2.74 12.99
CA PHE D 157 -55.07 -2.22 14.24
C PHE D 157 -54.26 -0.92 14.01
N PHE D 158 -53.85 -0.65 12.78
CA PHE D 158 -52.94 0.46 12.51
C PHE D 158 -53.65 1.80 12.44
N THR D 159 -53.03 2.82 13.03
CA THR D 159 -53.53 4.20 13.00
C THR D 159 -52.32 5.08 12.72
N ALA D 160 -52.18 5.55 11.48
CA ALA D 160 -51.03 6.40 11.10
C ALA D 160 -50.97 7.68 11.94
N SER D 161 -49.77 8.14 12.31
CA SER D 161 -49.61 9.44 13.00
C SER D 161 -48.36 10.20 12.54
N SER D 162 -48.01 10.08 11.27
CA SER D 162 -46.95 10.85 10.66
C SER D 162 -47.13 10.77 9.18
N LYS D 163 -46.42 11.65 8.45
CA LYS D 163 -46.39 11.60 7.01
C LYS D 163 -46.17 10.17 6.46
N TRP D 164 -45.02 9.58 6.79
CA TRP D 164 -44.64 8.31 6.19
C TRP D 164 -45.51 7.18 6.69
N GLN D 165 -45.96 7.23 7.94
CA GLN D 165 -46.85 6.19 8.45
C GLN D 165 -48.20 6.16 7.72
N LYS D 166 -48.69 7.35 7.37
CA LYS D 166 -49.87 7.46 6.49
C LYS D 166 -49.69 6.86 5.09
N ALA D 167 -48.49 7.05 4.53
CA ALA D 167 -48.14 6.60 3.15
C ALA D 167 -48.24 5.07 3.01
N PHE D 168 -47.51 4.39 3.89
CA PHE D 168 -47.71 3.00 4.16
C PHE D 168 -48.92 3.22 5.02
N ASN D 169 -49.90 2.38 5.09
CA ASN D 169 -50.93 2.65 6.11
C ASN D 169 -51.04 1.36 6.86
N ARG D 170 -49.87 0.86 7.28
CA ARG D 170 -49.76 -0.38 7.96
C ARG D 170 -48.43 -0.37 8.76
N ILE D 171 -48.18 -1.43 9.52
CA ILE D 171 -46.90 -1.65 10.19
C ILE D 171 -45.80 -1.67 9.13
N VAL D 172 -44.73 -0.93 9.37
CA VAL D 172 -43.59 -0.87 8.46
C VAL D 172 -42.60 -1.93 8.92
N ILE D 173 -42.05 -2.66 7.96
CA ILE D 173 -41.11 -3.72 8.28
C ILE D 173 -39.73 -3.27 7.92
N VAL D 174 -38.84 -3.25 8.92
CA VAL D 174 -37.49 -2.74 8.77
C VAL D 174 -36.52 -3.84 9.04
N SER D 175 -35.77 -4.26 8.03
CA SER D 175 -34.80 -5.33 8.18
C SER D 175 -33.55 -4.84 8.86
N ASP D 176 -33.20 -5.47 9.99
CA ASP D 176 -31.83 -5.46 10.46
C ASP D 176 -30.97 -6.49 9.66
N SER D 177 -30.37 -6.00 8.58
CA SER D 177 -29.48 -6.75 7.73
C SER D 177 -27.98 -6.46 8.01
N ALA D 178 -27.67 -6.20 9.25
CA ALA D 178 -26.24 -6.07 9.62
C ALA D 178 -25.43 -7.26 9.11
N HIS D 179 -26.00 -8.47 9.18
CA HIS D 179 -25.28 -9.68 8.85
C HIS D 179 -25.51 -10.11 7.41
N ALA D 180 -26.27 -9.31 6.63
CA ALA D 180 -26.94 -9.89 5.42
C ALA D 180 -26.68 -9.15 4.12
N LEU D 181 -25.66 -8.29 4.06
CA LEU D 181 -25.33 -7.73 2.75
C LEU D 181 -24.97 -8.84 1.77
N GLY D 182 -25.73 -8.92 0.67
CA GLY D 182 -25.55 -9.97 -0.34
C GLY D 182 -26.35 -11.23 -0.14
N SER D 183 -27.13 -11.34 0.92
CA SER D 183 -28.03 -12.48 1.10
C SER D 183 -29.23 -12.32 0.16
N THR D 184 -29.90 -13.42 -0.14
CA THR D 184 -31.12 -13.39 -0.98
C THR D 184 -32.23 -14.26 -0.40
N TYR D 185 -33.45 -13.88 -0.75
CA TYR D 185 -34.68 -14.49 -0.32
C TYR D 185 -35.53 -14.57 -1.59
N LYS D 186 -35.79 -15.80 -2.02
CA LYS D 186 -36.53 -16.08 -3.26
C LYS D 186 -35.87 -15.36 -4.43
N GLY D 187 -34.54 -15.42 -4.45
CA GLY D 187 -33.76 -14.77 -5.49
C GLY D 187 -33.59 -13.26 -5.42
N GLN D 188 -34.19 -12.59 -4.43
CA GLN D 188 -34.09 -11.13 -4.36
C GLN D 188 -33.08 -10.72 -3.27
N PRO D 189 -32.23 -9.73 -3.55
CA PRO D 189 -31.25 -9.28 -2.57
C PRO D 189 -31.81 -8.60 -1.34
N SER D 190 -31.21 -8.89 -0.19
CA SER D 190 -31.57 -8.18 1.02
C SER D 190 -31.35 -6.70 0.72
N GLY D 191 -32.26 -5.87 1.23
CA GLY D 191 -32.34 -4.47 0.82
C GLY D 191 -33.62 -4.23 0.02
N SER D 192 -33.97 -5.18 -0.84
CA SER D 192 -35.13 -5.11 -1.73
C SER D 192 -36.37 -5.79 -1.16
N ILE D 193 -36.29 -6.35 0.03
CA ILE D 193 -37.35 -7.21 0.55
C ILE D 193 -38.21 -6.50 1.59
N ALA D 194 -37.58 -6.01 2.63
CA ALA D 194 -38.26 -5.24 3.64
C ALA D 194 -38.59 -3.84 3.10
N ASP D 195 -39.42 -3.12 3.85
CA ASP D 195 -39.77 -1.75 3.50
C ASP D 195 -38.55 -0.83 3.60
N PHE D 196 -37.82 -0.97 4.71
CA PHE D 196 -36.52 -0.34 4.88
C PHE D 196 -35.55 -1.41 5.37
N THR D 197 -34.27 -1.19 5.06
CA THR D 197 -33.19 -2.09 5.50
C THR D 197 -31.96 -1.31 6.01
N SER D 198 -31.39 -1.77 7.12
CA SER D 198 -30.04 -1.31 7.58
C SER D 198 -29.01 -2.38 7.38
N PHE D 199 -27.83 -1.94 6.90
CA PHE D 199 -26.68 -2.76 6.74
C PHE D 199 -25.54 -2.25 7.60
N SER D 200 -24.63 -3.17 7.93
CA SER D 200 -23.47 -2.86 8.80
C SER D 200 -22.21 -3.22 8.05
N PHE D 201 -21.23 -2.31 8.13
CA PHE D 201 -19.94 -2.45 7.54
C PHE D 201 -18.88 -2.38 8.65
N HIS D 202 -19.27 -2.75 9.86
CA HIS D 202 -18.34 -2.81 11.00
C HIS D 202 -17.17 -3.75 10.69
N ALA D 203 -16.03 -3.47 11.34
CA ALA D 203 -14.78 -4.24 11.16
C ALA D 203 -14.96 -5.76 11.04
N VAL D 204 -15.92 -6.33 11.77
CA VAL D 204 -16.09 -7.79 11.87
C VAL D 204 -17.12 -8.34 10.87
N LYS D 205 -17.70 -7.50 10.01
CA LYS D 205 -18.74 -7.92 9.09
C LYS D 205 -18.19 -8.43 7.75
N ASN D 206 -19.04 -9.05 6.93
CA ASN D 206 -18.54 -9.60 5.64
C ASN D 206 -17.92 -8.55 4.74
N PHE D 207 -18.52 -7.35 4.76
CA PHE D 207 -18.15 -6.21 3.95
C PHE D 207 -17.83 -5.15 4.96
N THR D 208 -16.64 -4.57 4.91
CA THR D 208 -16.25 -3.68 5.99
C THR D 208 -15.68 -2.33 5.54
N THR D 209 -16.02 -1.29 6.30
CA THR D 209 -15.35 -0.04 6.17
C THR D 209 -14.81 0.33 7.53
N ALA D 210 -14.52 -0.71 8.36
CA ALA D 210 -14.05 -0.56 9.78
C ALA D 210 -15.16 -0.07 10.72
N GLU D 211 -15.72 1.12 10.43
CA GLU D 211 -17.02 1.51 10.99
C GLU D 211 -17.85 2.06 9.82
N GLY D 212 -19.09 1.61 9.71
CA GLY D 212 -19.98 2.13 8.70
C GLY D 212 -21.25 1.34 8.59
N GLY D 213 -22.15 1.85 7.79
CA GLY D 213 -23.38 1.13 7.46
C GLY D 213 -24.19 1.97 6.51
N SER D 214 -25.41 1.49 6.27
CA SER D 214 -26.28 2.15 5.35
C SER D 214 -27.75 1.84 5.59
N ALA D 215 -28.56 2.76 5.10
CA ALA D 215 -30.01 2.66 5.07
C ALA D 215 -30.44 2.66 3.63
N THR D 216 -31.33 1.74 3.32
CA THR D 216 -32.02 1.79 2.04
C THR D 216 -33.47 1.34 2.23
N TRP D 217 -34.21 1.41 1.14
CA TRP D 217 -35.63 1.07 1.12
C TRP D 217 -35.99 0.47 -0.22
N LYS D 218 -36.92 -0.46 -0.20
CA LYS D 218 -37.36 -1.04 -1.49
C LYS D 218 -38.27 -0.02 -2.27
N ALA D 219 -38.18 -0.07 -3.60
CA ALA D 219 -39.00 0.75 -4.49
C ALA D 219 -40.47 0.61 -4.10
N ASN D 220 -41.13 1.75 -3.97
CA ASN D 220 -42.53 1.78 -3.56
C ASN D 220 -43.15 3.04 -4.13
N PRO D 221 -44.27 2.89 -4.85
CA PRO D 221 -44.92 4.07 -5.41
C PRO D 221 -45.25 5.21 -4.42
N VAL D 222 -45.45 4.92 -3.13
CA VAL D 222 -45.74 5.98 -2.16
C VAL D 222 -44.47 6.72 -1.68
N ILE D 223 -43.29 6.29 -2.06
CA ILE D 223 -42.06 6.99 -1.69
C ILE D 223 -41.42 7.67 -2.89
N ASP D 224 -41.27 8.99 -2.78
CA ASP D 224 -40.38 9.73 -3.64
C ASP D 224 -38.96 9.47 -3.13
N ASP D 225 -38.16 8.78 -3.95
CA ASP D 225 -36.81 8.36 -3.54
C ASP D 225 -35.85 9.52 -3.27
N GLU D 226 -35.93 10.61 -4.07
CA GLU D 226 -35.03 11.77 -3.85
C GLU D 226 -35.39 12.51 -2.56
N GLU D 227 -36.69 12.66 -2.31
CA GLU D 227 -37.20 13.31 -1.09
C GLU D 227 -36.80 12.49 0.14
N MET D 228 -36.95 11.16 0.07
CA MET D 228 -36.58 10.28 1.17
C MET D 228 -35.08 10.35 1.44
N TYR D 229 -34.29 10.32 0.37
CA TYR D 229 -32.85 10.40 0.45
C TYR D 229 -32.46 11.70 1.12
N LYS D 230 -33.04 12.79 0.67
CA LYS D 230 -32.75 14.12 1.27
C LYS D 230 -33.06 14.22 2.79
N GLU D 231 -34.14 13.56 3.24
CA GLU D 231 -34.55 13.57 4.66
C GLU D 231 -33.51 12.85 5.54
N PHE D 232 -32.98 11.73 5.06
CA PHE D 232 -31.88 11.04 5.77
C PHE D 232 -30.63 11.92 5.84
N GLN D 233 -30.29 12.55 4.70
CA GLN D 233 -29.10 13.39 4.60
C GLN D 233 -29.10 14.51 5.64
N ILE D 234 -30.25 15.19 5.74
CA ILE D 234 -30.49 16.28 6.68
C ILE D 234 -30.35 15.78 8.14
N LEU D 235 -30.92 14.62 8.45
CA LEU D 235 -30.83 14.09 9.82
C LEU D 235 -29.42 13.67 10.20
N SER D 236 -28.63 13.29 9.20
CA SER D 236 -27.27 12.72 9.42
C SER D 236 -26.24 13.85 9.57
N LEU D 237 -26.62 15.07 9.16
CA LEU D 237 -25.68 16.25 9.11
C LEU D 237 -26.30 17.52 9.70
N HIS D 238 -26.70 17.42 10.96
CA HIS D 238 -27.08 18.54 11.85
C HIS D 238 -28.41 19.22 11.49
N GLY D 239 -29.19 18.66 10.57
CA GLY D 239 -30.39 19.33 10.09
C GLY D 239 -30.11 20.44 9.10
N GLN D 240 -28.91 20.48 8.53
CA GLN D 240 -28.45 21.60 7.73
C GLN D 240 -29.04 21.46 6.34
N THR D 241 -29.56 22.58 5.81
CA THR D 241 -30.01 22.68 4.43
C THR D 241 -29.49 24.01 3.78
N LYS D 242 -29.39 24.04 2.45
CA LYS D 242 -29.06 25.25 1.66
C LYS D 242 -30.03 25.36 0.49
N ASP D 243 -30.39 26.59 0.10
CA ASP D 243 -31.25 26.76 -1.10
C ASP D 243 -30.51 26.74 -2.46
N SER D 252 -21.60 31.61 -1.12
CA SER D 252 -22.46 30.49 -0.72
C SER D 252 -22.28 30.11 0.75
N TRP D 253 -22.23 31.13 1.58
CA TRP D 253 -22.10 30.95 3.03
C TRP D 253 -23.42 30.48 3.67
N GLU D 254 -24.56 30.92 3.16
CA GLU D 254 -25.81 30.76 3.90
C GLU D 254 -26.39 29.33 3.95
N TYR D 255 -26.80 28.91 5.16
CA TYR D 255 -27.54 27.65 5.39
C TYR D 255 -28.55 27.94 6.46
N ASP D 256 -29.48 27.00 6.61
CA ASP D 256 -30.42 26.99 7.68
C ASP D 256 -30.25 25.64 8.43
N ILE D 257 -30.77 25.57 9.65
CA ILE D 257 -30.83 24.32 10.42
C ILE D 257 -32.32 24.09 10.64
N VAL D 258 -32.87 22.98 10.11
CA VAL D 258 -34.36 22.84 10.12
C VAL D 258 -34.85 22.08 11.34
N THR D 259 -33.98 21.26 11.89
CA THR D 259 -34.28 20.48 13.07
C THR D 259 -32.92 20.25 13.73
N PRO D 260 -32.87 20.17 15.06
CA PRO D 260 -31.54 19.99 15.70
C PRO D 260 -31.09 18.52 15.67
N ALA D 261 -30.59 18.10 14.51
CA ALA D 261 -30.41 16.71 14.18
C ALA D 261 -28.96 16.22 14.53
N TYR D 262 -28.43 15.24 13.78
CA TYR D 262 -27.38 14.32 14.33
C TYR D 262 -26.14 14.44 13.51
N LYS D 263 -25.19 13.53 13.74
CA LYS D 263 -23.90 13.63 13.13
C LYS D 263 -23.40 12.22 12.88
N CYS D 264 -23.74 11.68 11.73
CA CYS D 264 -23.39 10.26 11.47
C CYS D 264 -23.12 9.95 10.05
N ASN D 265 -22.63 10.95 9.33
CA ASN D 265 -22.24 10.79 7.92
C ASN D 265 -21.04 9.85 7.77
N MET D 266 -20.93 9.25 6.58
CA MET D 266 -19.79 8.47 6.17
C MET D 266 -18.72 9.33 5.48
N THR D 267 -17.47 9.07 5.84
CA THR D 267 -16.36 9.74 5.19
C THR D 267 -15.94 9.00 3.94
N ASP D 268 -15.28 9.74 3.05
CA ASP D 268 -14.70 9.17 1.85
C ASP D 268 -13.55 8.19 2.17
N ILE D 269 -12.96 8.33 3.36
CA ILE D 269 -11.94 7.36 3.83
C ILE D 269 -12.61 5.99 3.93
N MET D 270 -13.75 5.96 4.61
CA MET D 270 -14.56 4.73 4.75
C MET D 270 -15.17 4.27 3.43
N ALA D 271 -15.70 5.21 2.64
CA ALA D 271 -16.29 4.87 1.35
C ALA D 271 -15.25 4.22 0.41
N SER D 272 -13.98 4.67 0.52
CA SER D 272 -12.87 4.11 -0.23
C SER D 272 -12.71 2.61 0.05
N LEU D 273 -12.71 2.24 1.34
CA LEU D 273 -12.70 0.84 1.73
C LEU D 273 -13.89 0.13 1.10
N GLY D 274 -15.07 0.74 1.18
CA GLY D 274 -16.28 0.15 0.65
C GLY D 274 -16.26 -0.13 -0.83
N LEU D 275 -15.71 0.78 -1.62
CA LEU D 275 -15.74 0.64 -3.06
C LEU D 275 -14.93 -0.58 -3.51
N VAL D 276 -13.77 -0.77 -2.84
CA VAL D 276 -12.89 -1.90 -3.12
C VAL D 276 -13.48 -3.21 -2.60
N GLN D 277 -14.00 -3.16 -1.36
CA GLN D 277 -14.72 -4.30 -0.80
C GLN D 277 -15.85 -4.79 -1.71
N LEU D 278 -16.58 -3.84 -2.28
CA LEU D 278 -17.69 -4.18 -3.14
C LEU D 278 -17.22 -4.84 -4.43
N ASP D 279 -16.10 -4.40 -5.01
CA ASP D 279 -15.46 -5.12 -6.15
C ASP D 279 -15.07 -6.54 -5.75
N ARG D 280 -14.48 -6.64 -4.58
CA ARG D 280 -14.06 -7.93 -4.01
C ARG D 280 -15.20 -8.84 -3.55
N TYR D 281 -16.40 -8.30 -3.37
CA TYR D 281 -17.42 -9.00 -2.60
C TYR D 281 -17.91 -10.34 -3.21
N PRO D 282 -18.17 -10.40 -4.54
CA PRO D 282 -18.51 -11.71 -5.14
C PRO D 282 -17.49 -12.80 -4.75
N SER D 283 -16.18 -12.52 -4.85
CA SER D 283 -15.15 -13.53 -4.46
C SER D 283 -15.18 -13.87 -2.97
N LEU D 284 -15.46 -12.87 -2.14
CA LEU D 284 -15.50 -13.06 -0.69
C LEU D 284 -16.66 -13.93 -0.31
N LEU D 285 -17.79 -13.67 -0.95
CA LEU D 285 -18.98 -14.47 -0.76
C LEU D 285 -18.76 -15.93 -1.18
N GLN D 286 -18.03 -16.13 -2.28
CA GLN D 286 -17.73 -17.47 -2.78
C GLN D 286 -16.84 -18.22 -1.79
N ARG D 287 -15.79 -17.59 -1.32
CA ARG D 287 -14.94 -18.23 -0.28
C ARG D 287 -15.74 -18.65 0.96
N ARG D 288 -16.67 -17.79 1.42
CA ARG D 288 -17.48 -18.12 2.60
C ARG D 288 -18.37 -19.35 2.34
N LYS D 289 -18.88 -19.43 1.13
CA LYS D 289 -19.67 -20.58 0.70
C LYS D 289 -18.86 -21.87 0.83
N ASP D 290 -17.66 -21.86 0.27
CA ASP D 290 -16.74 -23.00 0.32
C ASP D 290 -16.39 -23.43 1.75
N ILE D 291 -16.21 -22.47 2.66
CA ILE D 291 -15.95 -22.79 4.07
C ILE D 291 -17.18 -23.35 4.73
N VAL D 292 -18.34 -22.76 4.48
CA VAL D 292 -19.59 -23.31 5.05
C VAL D 292 -19.85 -24.74 4.58
N ASP D 293 -19.68 -24.99 3.28
CA ASP D 293 -19.92 -26.33 2.74
C ASP D 293 -18.97 -27.34 3.37
N ARG D 294 -17.73 -26.93 3.63
CA ARG D 294 -16.75 -27.80 4.29
C ARG D 294 -17.16 -28.08 5.76
N TYR D 295 -17.54 -27.04 6.49
CA TYR D 295 -18.08 -27.22 7.85
C TYR D 295 -19.32 -28.12 7.88
N ASP D 296 -20.27 -27.81 7.02
CA ASP D 296 -21.48 -28.59 6.91
C ASP D 296 -21.20 -30.07 6.67
N SER D 297 -20.36 -30.40 5.69
CA SER D 297 -20.06 -31.85 5.47
C SER D 297 -19.32 -32.45 6.70
N GLY D 298 -18.43 -31.66 7.30
CA GLY D 298 -17.70 -32.05 8.52
C GLY D 298 -18.57 -32.36 9.73
N PHE D 299 -19.63 -31.60 9.95
CA PHE D 299 -20.54 -31.77 11.09
C PHE D 299 -21.72 -32.68 10.83
N ALA D 300 -21.92 -33.09 9.59
CA ALA D 300 -23.00 -34.05 9.25
C ALA D 300 -22.98 -35.31 10.15
N GLY D 301 -24.16 -35.69 10.66
CA GLY D 301 -24.33 -36.85 11.53
C GLY D 301 -23.80 -36.68 12.95
N SER D 302 -23.18 -35.53 13.29
CA SER D 302 -22.65 -35.31 14.64
C SER D 302 -23.71 -34.65 15.53
N ARG D 303 -23.36 -34.43 16.79
CA ARG D 303 -24.20 -33.59 17.68
C ARG D 303 -24.17 -32.06 17.33
N ILE D 304 -23.16 -31.63 16.59
CA ILE D 304 -23.01 -30.22 16.20
C ILE D 304 -23.98 -29.93 15.05
N HIS D 305 -25.01 -29.12 15.33
CA HIS D 305 -26.07 -28.77 14.37
C HIS D 305 -26.01 -27.29 13.92
N PRO D 306 -25.53 -27.03 12.70
CA PRO D 306 -25.40 -25.67 12.23
C PRO D 306 -26.71 -25.14 11.68
N LEU D 307 -26.88 -23.83 11.74
CA LEU D 307 -27.98 -23.21 11.05
C LEU D 307 -27.69 -23.33 9.59
N ALA D 308 -28.74 -23.64 8.82
CA ALA D 308 -28.60 -23.83 7.39
C ALA D 308 -28.47 -22.49 6.67
N HIS D 309 -27.41 -22.37 5.86
CA HIS D 309 -27.18 -21.20 5.04
C HIS D 309 -27.73 -21.27 3.63
N LYS D 310 -28.20 -22.43 3.22
CA LYS D 310 -28.85 -22.58 1.96
C LYS D 310 -30.15 -23.32 2.21
N THR D 311 -31.26 -22.67 1.90
CA THR D 311 -32.60 -23.26 2.01
C THR D 311 -33.33 -23.11 0.70
N GLU D 312 -34.51 -23.71 0.65
CA GLU D 312 -35.43 -23.53 -0.45
C GLU D 312 -35.62 -22.05 -0.81
N THR D 313 -35.73 -21.19 0.20
CA THR D 313 -35.97 -19.75 0.00
C THR D 313 -34.77 -18.82 0.19
N VAL D 314 -33.74 -19.26 0.90
CA VAL D 314 -32.63 -18.35 1.23
C VAL D 314 -31.29 -18.85 0.68
N GLU D 315 -30.54 -17.92 0.08
CA GLU D 315 -29.08 -18.08 -0.05
C GLU D 315 -28.45 -17.02 0.88
N SER D 316 -27.90 -17.48 1.99
CA SER D 316 -27.28 -16.59 2.99
C SER D 316 -25.95 -16.06 2.46
N SER D 317 -25.64 -14.82 2.85
CA SER D 317 -24.29 -14.27 2.65
C SER D 317 -23.22 -14.96 3.50
N ARG D 318 -23.63 -15.80 4.45
CA ARG D 318 -22.74 -16.65 5.22
C ARG D 318 -21.80 -15.80 6.03
N HIS D 319 -22.43 -14.97 6.87
CA HIS D 319 -21.69 -14.13 7.82
C HIS D 319 -21.20 -14.84 9.11
N LEU D 320 -22.08 -15.59 9.76
CA LEU D 320 -21.72 -16.35 11.00
C LEU D 320 -22.03 -17.82 10.85
N TYR D 321 -21.10 -18.66 11.34
CA TYR D 321 -21.36 -20.08 11.43
C TYR D 321 -21.90 -20.43 12.81
N ILE D 322 -23.19 -20.20 12.93
CA ILE D 322 -23.95 -20.50 14.14
C ILE D 322 -24.24 -21.98 14.25
N THR D 323 -23.93 -22.55 15.41
CA THR D 323 -24.19 -23.94 15.69
C THR D 323 -24.87 -24.05 17.02
N ARG D 324 -25.62 -25.15 17.19
CA ARG D 324 -26.11 -25.58 18.48
C ARG D 324 -25.66 -27.01 18.71
N VAL D 325 -25.21 -27.31 19.93
CA VAL D 325 -24.73 -28.64 20.27
C VAL D 325 -25.85 -29.39 21.01
N GLU D 326 -26.38 -30.43 20.37
CA GLU D 326 -27.47 -31.19 20.98
C GLU D 326 -27.10 -31.73 22.33
N GLY D 327 -28.02 -31.56 23.29
CA GLY D 327 -27.88 -32.14 24.60
C GLY D 327 -27.02 -31.37 25.62
N ALA D 328 -26.46 -30.23 25.22
CA ALA D 328 -25.52 -29.46 26.06
C ALA D 328 -26.25 -28.43 26.92
N SER D 329 -25.97 -28.42 28.22
CA SER D 329 -26.46 -27.39 29.12
C SER D 329 -25.67 -26.09 28.93
N LEU D 330 -26.18 -25.03 29.55
CA LEU D 330 -25.45 -23.76 29.69
C LEU D 330 -24.00 -23.94 30.12
N GLU D 331 -23.80 -24.68 31.21
CA GLU D 331 -22.44 -24.86 31.80
C GLU D 331 -21.56 -25.58 30.83
N GLU D 332 -22.14 -26.60 30.19
CA GLU D 332 -21.39 -27.44 29.29
C GLU D 332 -21.01 -26.64 28.04
N ARG D 333 -21.92 -25.81 27.52
CA ARG D 333 -21.61 -24.94 26.39
C ARG D 333 -20.41 -23.99 26.75
N ASN D 334 -20.47 -23.42 27.94
CA ASN D 334 -19.41 -22.48 28.35
C ASN D 334 -18.06 -23.21 28.45
N LEU D 335 -18.07 -24.42 29.01
CA LEU D 335 -16.84 -25.25 29.08
C LEU D 335 -16.30 -25.53 27.67
N ILE D 336 -17.17 -25.92 26.74
CA ILE D 336 -16.76 -26.19 25.36
C ILE D 336 -16.07 -25.00 24.71
N ILE D 337 -16.57 -23.81 24.94
CA ILE D 337 -15.92 -22.62 24.40
C ILE D 337 -14.50 -22.45 24.98
N GLN D 338 -14.37 -22.61 26.26
CA GLN D 338 -13.03 -22.52 26.89
C GLN D 338 -12.06 -23.63 26.43
N GLU D 339 -12.57 -24.82 26.17
CA GLU D 339 -11.74 -25.90 25.61
C GLU D 339 -11.34 -25.58 24.17
N LEU D 340 -12.26 -24.98 23.39
CA LEU D 340 -11.92 -24.60 22.01
C LEU D 340 -10.79 -23.57 22.05
N ALA D 341 -10.88 -22.69 23.02
CA ALA D 341 -9.87 -21.65 23.20
C ALA D 341 -8.49 -22.24 23.58
N LYS D 342 -8.45 -23.22 24.47
CA LYS D 342 -7.18 -23.94 24.78
C LYS D 342 -6.57 -24.65 23.57
N ALA D 343 -7.42 -25.01 22.59
CA ALA D 343 -7.00 -25.66 21.37
C ALA D 343 -6.68 -24.66 20.26
N GLY D 344 -6.65 -23.37 20.58
CA GLY D 344 -6.32 -22.32 19.63
C GLY D 344 -7.45 -21.92 18.68
N ILE D 345 -8.70 -22.11 19.13
CA ILE D 345 -9.89 -21.78 18.33
C ILE D 345 -10.77 -20.79 19.06
N ALA D 346 -10.85 -19.57 18.51
CA ALA D 346 -11.72 -18.54 19.01
C ALA D 346 -13.16 -18.87 18.60
N SER D 347 -14.09 -18.54 19.46
CA SER D 347 -15.52 -18.83 19.21
C SER D 347 -16.30 -17.74 19.92
N ASN D 348 -17.60 -17.69 19.62
CA ASN D 348 -18.43 -16.64 20.14
C ASN D 348 -19.82 -17.17 20.36
N VAL D 349 -20.65 -16.31 20.92
CA VAL D 349 -22.05 -16.67 21.18
C VAL D 349 -22.93 -15.58 20.61
N HIS D 350 -23.89 -15.99 19.73
CA HIS D 350 -24.85 -15.06 19.15
C HIS D 350 -26.23 -15.69 19.38
N TYR D 351 -26.97 -15.27 20.40
CA TYR D 351 -26.61 -14.21 21.35
C TYR D 351 -27.27 -14.52 22.65
N LYS D 352 -26.85 -13.85 23.70
CA LYS D 352 -27.66 -13.73 24.91
C LYS D 352 -28.98 -13.12 24.47
N PRO D 353 -30.13 -13.76 24.82
CA PRO D 353 -31.37 -13.04 24.60
C PRO D 353 -31.37 -11.70 25.33
N LEU D 354 -32.03 -10.72 24.73
CA LEU D 354 -32.06 -9.36 25.31
C LEU D 354 -32.46 -9.32 26.77
N PRO D 355 -33.48 -10.12 27.19
CA PRO D 355 -33.89 -10.10 28.58
C PRO D 355 -32.83 -10.54 29.57
N LEU D 356 -31.75 -11.19 29.13
CA LEU D 356 -30.64 -11.50 30.05
C LEU D 356 -29.80 -10.28 30.41
N LEU D 357 -29.86 -9.26 29.57
CA LEU D 357 -28.96 -8.10 29.70
C LEU D 357 -29.56 -7.12 30.69
N THR D 358 -28.70 -6.60 31.57
CA THR D 358 -29.08 -5.62 32.58
C THR D 358 -29.97 -4.48 32.04
N ALA D 359 -29.62 -3.89 30.91
CA ALA D 359 -30.37 -2.76 30.37
C ALA D 359 -31.84 -3.07 30.14
N TYR D 360 -32.11 -4.29 29.64
CA TYR D 360 -33.49 -4.70 29.28
C TYR D 360 -34.23 -5.32 30.48
N LYS D 361 -33.49 -6.04 31.34
CA LYS D 361 -34.03 -6.44 32.66
C LYS D 361 -34.50 -5.20 33.39
N ASN D 362 -33.71 -4.14 33.33
CA ASN D 362 -34.06 -2.86 33.97
C ASN D 362 -35.29 -2.18 33.38
N LEU D 363 -35.65 -2.51 32.15
CA LEU D 363 -36.90 -2.05 31.53
C LEU D 363 -38.07 -3.03 31.67
N GLY D 364 -37.93 -4.03 32.54
CA GLY D 364 -39.03 -4.94 32.85
C GLY D 364 -39.13 -6.21 31.99
N PHE D 365 -38.20 -6.43 31.08
CA PHE D 365 -38.21 -7.67 30.30
C PHE D 365 -37.69 -8.85 31.10
N ASP D 366 -38.36 -9.98 30.95
CA ASP D 366 -38.15 -11.13 31.82
C ASP D 366 -37.90 -12.36 30.97
N MET D 367 -36.73 -12.98 31.17
CA MET D 367 -36.28 -14.14 30.40
C MET D 367 -37.25 -15.32 30.38
N THR D 368 -38.00 -15.49 31.49
CA THR D 368 -38.98 -16.56 31.60
C THR D 368 -40.14 -16.44 30.60
N ASN D 369 -40.37 -15.25 30.05
CA ASN D 369 -41.34 -15.05 28.95
C ASN D 369 -40.89 -15.48 27.56
N TYR D 370 -39.60 -15.82 27.40
CA TYR D 370 -39.05 -16.12 26.08
C TYR D 370 -38.19 -17.38 26.14
N PRO D 371 -38.78 -18.51 26.56
CA PRO D 371 -38.04 -19.76 26.73
C PRO D 371 -37.35 -20.30 25.48
N LYS D 372 -37.88 -20.04 24.30
CA LYS D 372 -37.29 -20.52 23.07
C LYS D 372 -35.98 -19.74 22.79
N ALA D 373 -36.02 -18.43 23.03
CA ALA D 373 -34.85 -17.58 22.91
C ALA D 373 -33.77 -18.10 23.84
N TYR D 374 -34.13 -18.42 25.08
CA TYR D 374 -33.19 -18.97 26.04
C TYR D 374 -32.60 -20.31 25.58
N ALA D 375 -33.46 -21.19 25.09
CA ALA D 375 -33.02 -22.55 24.70
C ALA D 375 -32.08 -22.47 23.48
N PHE D 376 -32.34 -21.54 22.56
CA PHE D 376 -31.42 -21.31 21.43
C PHE D 376 -30.01 -20.90 21.87
N PHE D 377 -29.99 -19.92 22.79
CA PHE D 377 -28.77 -19.37 23.38
C PHE D 377 -27.98 -20.38 24.18
N GLU D 378 -28.70 -21.15 24.99
CA GLU D 378 -28.11 -22.08 25.93
C GLU D 378 -27.02 -22.99 25.32
N ASN D 379 -27.25 -23.52 24.12
CA ASN D 379 -26.34 -24.51 23.50
C ASN D 379 -25.70 -24.00 22.22
N GLU D 380 -25.74 -22.68 22.02
CA GLU D 380 -25.26 -22.08 20.82
C GLU D 380 -23.77 -21.74 20.90
N ILE D 381 -23.05 -22.06 19.83
CA ILE D 381 -21.65 -21.69 19.68
C ILE D 381 -21.40 -21.28 18.24
N THR D 382 -20.79 -20.11 18.10
CA THR D 382 -20.45 -19.61 16.79
C THR D 382 -18.99 -19.90 16.53
N LEU D 383 -18.75 -20.65 15.45
CA LEU D 383 -17.38 -20.91 15.01
C LEU D 383 -16.94 -19.83 14.05
N PRO D 384 -15.62 -19.66 13.90
CA PRO D 384 -15.08 -18.61 13.00
C PRO D 384 -15.57 -18.83 11.57
N LEU D 385 -15.96 -17.74 10.91
CA LEU D 385 -16.31 -17.77 9.50
C LEU D 385 -15.87 -16.44 8.90
N HIS D 386 -14.71 -16.46 8.24
CA HIS D 386 -14.16 -15.29 7.61
C HIS D 386 -13.16 -15.75 6.57
N THR D 387 -12.70 -14.82 5.77
CA THR D 387 -11.99 -15.16 4.53
C THR D 387 -10.48 -15.28 4.69
N LYS D 388 -9.99 -15.13 5.92
CA LYS D 388 -8.58 -15.44 6.27
C LYS D 388 -8.41 -16.87 6.75
N LEU D 389 -9.51 -17.63 6.93
CA LEU D 389 -9.44 -19.05 7.29
C LEU D 389 -8.84 -19.89 6.16
N SER D 390 -7.84 -20.69 6.46
CA SER D 390 -7.38 -21.73 5.53
C SER D 390 -8.25 -22.98 5.65
N ASP D 391 -8.23 -23.81 4.60
CA ASP D 391 -8.89 -25.11 4.63
C ASP D 391 -8.37 -26.00 5.75
N GLU D 392 -7.07 -25.96 6.01
CA GLU D 392 -6.46 -26.72 7.10
C GLU D 392 -7.01 -26.30 8.48
N GLU D 393 -7.17 -25.00 8.68
CA GLU D 393 -7.78 -24.49 9.93
C GLU D 393 -9.23 -24.94 10.10
N VAL D 394 -9.98 -24.90 9.00
CA VAL D 394 -11.40 -25.34 9.02
C VAL D 394 -11.46 -26.82 9.42
N ASP D 395 -10.62 -27.63 8.79
CA ASP D 395 -10.53 -29.05 9.11
C ASP D 395 -10.17 -29.30 10.55
N TYR D 396 -9.23 -28.49 11.03
CA TYR D 396 -8.83 -28.54 12.44
C TYR D 396 -9.99 -28.17 13.37
N ILE D 397 -10.75 -27.13 13.03
CA ILE D 397 -11.91 -26.72 13.85
C ILE D 397 -12.97 -27.82 13.87
N ILE D 398 -13.29 -28.37 12.71
CA ILE D 398 -14.24 -29.49 12.61
C ILE D 398 -13.88 -30.63 13.56
N GLU D 399 -12.66 -31.14 13.43
CA GLU D 399 -12.23 -32.30 14.21
C GLU D 399 -12.15 -31.98 15.70
N THR D 400 -11.58 -30.81 16.05
CA THR D 400 -11.45 -30.36 17.44
C THR D 400 -12.82 -30.16 18.13
N PHE D 401 -13.74 -29.48 17.44
CA PHE D 401 -15.04 -29.16 18.03
C PHE D 401 -15.79 -30.46 18.34
N LYS D 402 -15.71 -31.42 17.43
CA LYS D 402 -16.28 -32.76 17.72
C LYS D 402 -15.63 -33.41 18.95
N THR D 403 -14.29 -33.50 18.97
CA THR D 403 -13.56 -34.19 20.06
C THR D 403 -13.83 -33.48 21.40
N VAL D 404 -13.82 -32.13 21.37
CA VAL D 404 -14.06 -31.34 22.57
C VAL D 404 -15.46 -31.49 23.13
N SER D 405 -16.48 -31.36 22.26
CA SER D 405 -17.87 -31.60 22.66
C SER D 405 -18.07 -33.01 23.29
N GLU D 406 -17.57 -34.03 22.63
CA GLU D 406 -17.61 -35.41 23.17
C GLU D 406 -16.95 -35.47 24.56
N LYS D 407 -15.76 -34.87 24.66
CA LYS D 407 -15.04 -34.90 25.93
C LYS D 407 -15.84 -34.28 27.06
N VAL D 408 -16.41 -33.10 26.82
CA VAL D 408 -17.18 -32.39 27.83
C VAL D 408 -18.42 -33.18 28.26
N LEU D 409 -19.13 -33.77 27.30
CA LEU D 409 -20.32 -34.56 27.64
C LEU D 409 -19.97 -35.89 28.33
N THR D 410 -18.92 -36.57 27.85
CA THR D 410 -18.46 -37.83 28.51
C THR D 410 -17.95 -37.52 29.93
N LEU D 411 -17.40 -36.32 30.13
CA LEU D 411 -17.03 -35.83 31.47
C LEU D 411 -18.27 -35.60 32.33
N SER D 412 -19.30 -34.95 31.78
CA SER D 412 -20.56 -34.73 32.50
C SER D 412 -21.26 -36.05 32.85
N LYS D 413 -21.42 -36.94 31.87
CA LYS D 413 -22.04 -38.25 32.16
C LYS D 413 -21.31 -38.92 33.36
N LYS D 414 -19.97 -38.95 33.35
CA LYS D 414 -19.11 -39.51 34.43
C LYS D 414 -19.24 -38.86 35.83
#